data_2Z99
# 
_entry.id   2Z99 
# 
_audit_conform.dict_name       mmcif_pdbx.dic 
_audit_conform.dict_version    5.388 
_audit_conform.dict_location   http://mmcif.pdb.org/dictionaries/ascii/mmcif_pdbx.dic 
# 
loop_
_database_2.database_id 
_database_2.database_code 
_database_2.pdbx_database_accession 
_database_2.pdbx_DOI 
PDB   2Z99         pdb_00002z99 10.2210/pdb2z99/pdb 
RCSB  RCSB027681   ?            ?                   
WWPDB D_1000027681 ?            ?                   
# 
loop_
_pdbx_audit_revision_history.ordinal 
_pdbx_audit_revision_history.data_content_type 
_pdbx_audit_revision_history.major_revision 
_pdbx_audit_revision_history.minor_revision 
_pdbx_audit_revision_history.revision_date 
1 'Structure model' 1 0 2007-10-09 
2 'Structure model' 1 1 2011-07-13 
3 'Structure model' 1 2 2024-03-13 
# 
_pdbx_audit_revision_details.ordinal             1 
_pdbx_audit_revision_details.revision_ordinal    1 
_pdbx_audit_revision_details.data_content_type   'Structure model' 
_pdbx_audit_revision_details.provider            repository 
_pdbx_audit_revision_details.type                'Initial release' 
_pdbx_audit_revision_details.description         ? 
_pdbx_audit_revision_details.details             ? 
# 
loop_
_pdbx_audit_revision_group.ordinal 
_pdbx_audit_revision_group.revision_ordinal 
_pdbx_audit_revision_group.data_content_type 
_pdbx_audit_revision_group.group 
1 2 'Structure model' 'Version format compliance' 
2 3 'Structure model' 'Data collection'           
3 3 'Structure model' 'Database references'       
# 
loop_
_pdbx_audit_revision_category.ordinal 
_pdbx_audit_revision_category.revision_ordinal 
_pdbx_audit_revision_category.data_content_type 
_pdbx_audit_revision_category.category 
1 3 'Structure model' chem_comp_atom     
2 3 'Structure model' chem_comp_bond     
3 3 'Structure model' database_2         
4 3 'Structure model' struct_ref_seq_dif 
# 
loop_
_pdbx_audit_revision_item.ordinal 
_pdbx_audit_revision_item.revision_ordinal 
_pdbx_audit_revision_item.data_content_type 
_pdbx_audit_revision_item.item 
1 3 'Structure model' '_database_2.pdbx_DOI'                
2 3 'Structure model' '_database_2.pdbx_database_accession' 
3 3 'Structure model' '_struct_ref_seq_dif.details'         
# 
_pdbx_database_status.status_code                     REL 
_pdbx_database_status.entry_id                        2Z99 
_pdbx_database_status.recvd_initial_deposition_date   2007-09-18 
_pdbx_database_status.deposit_site                    PDBJ 
_pdbx_database_status.process_site                    PDBJ 
_pdbx_database_status.status_code_sf                  REL 
_pdbx_database_status.status_code_mr                  ? 
_pdbx_database_status.SG_entry                        ? 
_pdbx_database_status.pdb_format_compatible           Y 
_pdbx_database_status.status_code_cs                  ? 
_pdbx_database_status.status_code_nmr_data            ? 
_pdbx_database_status.methods_development_category    ? 
# 
loop_
_audit_author.name 
_audit_author.pdbx_ordinal 
'Kim, J.-S.' 1 
'Lee, S.'    2 
'Kang, B.S.' 3 
'Kim, M.H.'  4 
'Lee, H.-S.' 5 
'Kim, K.J.'  6 
# 
_citation.id                        primary 
_citation.title                     'Crystal structure and domain characterization of ScpB from Mycobacterium tuberculosis' 
_citation.journal_abbrev            Proteins 
_citation.journal_volume            71 
_citation.page_first                1553 
_citation.page_last                 1556 
_citation.year                      2008 
_citation.journal_id_ASTM           PSFGEY 
_citation.country                   US 
_citation.journal_id_ISSN           0887-3585 
_citation.journal_id_CSD            0867 
_citation.book_publisher            ? 
_citation.pdbx_database_id_PubMed   18300244 
_citation.pdbx_database_id_DOI      10.1002/prot.21981 
# 
loop_
_citation_author.citation_id 
_citation_author.name 
_citation_author.ordinal 
_citation_author.identifier_ORCID 
primary 'Kim, J.-S.' 1 ? 
primary 'Lee, S.'    2 ? 
primary 'Kang, B.S.' 3 ? 
primary 'Kim, M.H.'  4 ? 
primary 'Lee, H.-S.' 5 ? 
primary 'Kim, K.-J.' 6 ? 
# 
loop_
_entity.id 
_entity.type 
_entity.src_method 
_entity.pdbx_description 
_entity.formula_weight 
_entity.pdbx_number_of_molecules 
_entity.pdbx_ec 
_entity.pdbx_mutation 
_entity.pdbx_fragment 
_entity.details 
1 polymer man 'Putative uncharacterized protein' 23904.094 1  ? ? 'UNP residues 16-231' ? 
2 water   nat water                              18.015    86 ? ? ?                     ? 
# 
_entity_name_com.entity_id   1 
_entity_name_com.name        'ScpB, Segregation and condensation protein B' 
# 
_entity_poly.entity_id                      1 
_entity_poly.type                           'polypeptide(L)' 
_entity_poly.nstd_linkage                   no 
_entity_poly.nstd_monomer                   no 
_entity_poly.pdbx_seq_one_letter_code       
;GHMDIAEPAELDADELKRVLEALLLVIDTPVTADALAAATEQPVYRVAAKLQLMADELTGRDSGIDLRHTSEGWRMYTRA
RFAPYVEKLLLDGARTKLTRAALETLAVVAYRQPVTRARVSAVRGVNVDAVMRTLLARGLITEVGTDADTGAVTFATTEL
FLERLGLTSLSELPDIAPLLPDVDTIDDLSESLDSEPRFIKLTGELASEQTLSFDVDRD
;
_entity_poly.pdbx_seq_one_letter_code_can   
;GHMDIAEPAELDADELKRVLEALLLVIDTPVTADALAAATEQPVYRVAAKLQLMADELTGRDSGIDLRHTSEGWRMYTRA
RFAPYVEKLLLDGARTKLTRAALETLAVVAYRQPVTRARVSAVRGVNVDAVMRTLLARGLITEVGTDADTGAVTFATTEL
FLERLGLTSLSELPDIAPLLPDVDTIDDLSESLDSEPRFIKLTGELASEQTLSFDVDRD
;
_entity_poly.pdbx_strand_id                 A 
_entity_poly.pdbx_target_identifier         ? 
# 
_pdbx_entity_nonpoly.entity_id   2 
_pdbx_entity_nonpoly.name        water 
_pdbx_entity_nonpoly.comp_id     HOH 
# 
loop_
_entity_poly_seq.entity_id 
_entity_poly_seq.num 
_entity_poly_seq.mon_id 
_entity_poly_seq.hetero 
1 1   GLY n 
1 2   HIS n 
1 3   MET n 
1 4   ASP n 
1 5   ILE n 
1 6   ALA n 
1 7   GLU n 
1 8   PRO n 
1 9   ALA n 
1 10  GLU n 
1 11  LEU n 
1 12  ASP n 
1 13  ALA n 
1 14  ASP n 
1 15  GLU n 
1 16  LEU n 
1 17  LYS n 
1 18  ARG n 
1 19  VAL n 
1 20  LEU n 
1 21  GLU n 
1 22  ALA n 
1 23  LEU n 
1 24  LEU n 
1 25  LEU n 
1 26  VAL n 
1 27  ILE n 
1 28  ASP n 
1 29  THR n 
1 30  PRO n 
1 31  VAL n 
1 32  THR n 
1 33  ALA n 
1 34  ASP n 
1 35  ALA n 
1 36  LEU n 
1 37  ALA n 
1 38  ALA n 
1 39  ALA n 
1 40  THR n 
1 41  GLU n 
1 42  GLN n 
1 43  PRO n 
1 44  VAL n 
1 45  TYR n 
1 46  ARG n 
1 47  VAL n 
1 48  ALA n 
1 49  ALA n 
1 50  LYS n 
1 51  LEU n 
1 52  GLN n 
1 53  LEU n 
1 54  MET n 
1 55  ALA n 
1 56  ASP n 
1 57  GLU n 
1 58  LEU n 
1 59  THR n 
1 60  GLY n 
1 61  ARG n 
1 62  ASP n 
1 63  SER n 
1 64  GLY n 
1 65  ILE n 
1 66  ASP n 
1 67  LEU n 
1 68  ARG n 
1 69  HIS n 
1 70  THR n 
1 71  SER n 
1 72  GLU n 
1 73  GLY n 
1 74  TRP n 
1 75  ARG n 
1 76  MET n 
1 77  TYR n 
1 78  THR n 
1 79  ARG n 
1 80  ALA n 
1 81  ARG n 
1 82  PHE n 
1 83  ALA n 
1 84  PRO n 
1 85  TYR n 
1 86  VAL n 
1 87  GLU n 
1 88  LYS n 
1 89  LEU n 
1 90  LEU n 
1 91  LEU n 
1 92  ASP n 
1 93  GLY n 
1 94  ALA n 
1 95  ARG n 
1 96  THR n 
1 97  LYS n 
1 98  LEU n 
1 99  THR n 
1 100 ARG n 
1 101 ALA n 
1 102 ALA n 
1 103 LEU n 
1 104 GLU n 
1 105 THR n 
1 106 LEU n 
1 107 ALA n 
1 108 VAL n 
1 109 VAL n 
1 110 ALA n 
1 111 TYR n 
1 112 ARG n 
1 113 GLN n 
1 114 PRO n 
1 115 VAL n 
1 116 THR n 
1 117 ARG n 
1 118 ALA n 
1 119 ARG n 
1 120 VAL n 
1 121 SER n 
1 122 ALA n 
1 123 VAL n 
1 124 ARG n 
1 125 GLY n 
1 126 VAL n 
1 127 ASN n 
1 128 VAL n 
1 129 ASP n 
1 130 ALA n 
1 131 VAL n 
1 132 MET n 
1 133 ARG n 
1 134 THR n 
1 135 LEU n 
1 136 LEU n 
1 137 ALA n 
1 138 ARG n 
1 139 GLY n 
1 140 LEU n 
1 141 ILE n 
1 142 THR n 
1 143 GLU n 
1 144 VAL n 
1 145 GLY n 
1 146 THR n 
1 147 ASP n 
1 148 ALA n 
1 149 ASP n 
1 150 THR n 
1 151 GLY n 
1 152 ALA n 
1 153 VAL n 
1 154 THR n 
1 155 PHE n 
1 156 ALA n 
1 157 THR n 
1 158 THR n 
1 159 GLU n 
1 160 LEU n 
1 161 PHE n 
1 162 LEU n 
1 163 GLU n 
1 164 ARG n 
1 165 LEU n 
1 166 GLY n 
1 167 LEU n 
1 168 THR n 
1 169 SER n 
1 170 LEU n 
1 171 SER n 
1 172 GLU n 
1 173 LEU n 
1 174 PRO n 
1 175 ASP n 
1 176 ILE n 
1 177 ALA n 
1 178 PRO n 
1 179 LEU n 
1 180 LEU n 
1 181 PRO n 
1 182 ASP n 
1 183 VAL n 
1 184 ASP n 
1 185 THR n 
1 186 ILE n 
1 187 ASP n 
1 188 ASP n 
1 189 LEU n 
1 190 SER n 
1 191 GLU n 
1 192 SER n 
1 193 LEU n 
1 194 ASP n 
1 195 SER n 
1 196 GLU n 
1 197 PRO n 
1 198 ARG n 
1 199 PHE n 
1 200 ILE n 
1 201 LYS n 
1 202 LEU n 
1 203 THR n 
1 204 GLY n 
1 205 GLU n 
1 206 LEU n 
1 207 ALA n 
1 208 SER n 
1 209 GLU n 
1 210 GLN n 
1 211 THR n 
1 212 LEU n 
1 213 SER n 
1 214 PHE n 
1 215 ASP n 
1 216 VAL n 
1 217 ASP n 
1 218 ARG n 
1 219 ASP n 
# 
_entity_src_gen.entity_id                          1 
_entity_src_gen.pdbx_src_id                        1 
_entity_src_gen.pdbx_alt_source_flag               sample 
_entity_src_gen.pdbx_seq_type                      ? 
_entity_src_gen.pdbx_beg_seq_num                   ? 
_entity_src_gen.pdbx_end_seq_num                   ? 
_entity_src_gen.gene_src_common_name               ? 
_entity_src_gen.gene_src_genus                     Mycobacterium 
_entity_src_gen.pdbx_gene_src_gene                 'scpB, RV1710' 
_entity_src_gen.gene_src_species                   ? 
_entity_src_gen.gene_src_strain                    ? 
_entity_src_gen.gene_src_tissue                    ? 
_entity_src_gen.gene_src_tissue_fraction           ? 
_entity_src_gen.gene_src_details                   ? 
_entity_src_gen.pdbx_gene_src_fragment             ? 
_entity_src_gen.pdbx_gene_src_scientific_name      'Mycobacterium tuberculosis' 
_entity_src_gen.pdbx_gene_src_ncbi_taxonomy_id     1773 
_entity_src_gen.pdbx_gene_src_variant              ? 
_entity_src_gen.pdbx_gene_src_cell_line            ? 
_entity_src_gen.pdbx_gene_src_atcc                 ? 
_entity_src_gen.pdbx_gene_src_organ                ? 
_entity_src_gen.pdbx_gene_src_organelle            ? 
_entity_src_gen.pdbx_gene_src_cell                 ? 
_entity_src_gen.pdbx_gene_src_cellular_location    ? 
_entity_src_gen.host_org_common_name               ? 
_entity_src_gen.pdbx_host_org_scientific_name      'Escherichia coli' 
_entity_src_gen.pdbx_host_org_ncbi_taxonomy_id     562 
_entity_src_gen.host_org_genus                     Escherichia 
_entity_src_gen.pdbx_host_org_gene                 ? 
_entity_src_gen.pdbx_host_org_organ                ? 
_entity_src_gen.host_org_species                   ? 
_entity_src_gen.pdbx_host_org_tissue               ? 
_entity_src_gen.pdbx_host_org_tissue_fraction      ? 
_entity_src_gen.pdbx_host_org_strain               ? 
_entity_src_gen.pdbx_host_org_variant              ? 
_entity_src_gen.pdbx_host_org_cell_line            ? 
_entity_src_gen.pdbx_host_org_atcc                 ? 
_entity_src_gen.pdbx_host_org_culture_collection   ? 
_entity_src_gen.pdbx_host_org_cell                 ? 
_entity_src_gen.pdbx_host_org_organelle            ? 
_entity_src_gen.pdbx_host_org_cellular_location    ? 
_entity_src_gen.pdbx_host_org_vector_type          Plasmid 
_entity_src_gen.pdbx_host_org_vector               ? 
_entity_src_gen.host_org_details                   ? 
_entity_src_gen.expression_system_id               ? 
_entity_src_gen.plasmid_name                       pPosKJ 
_entity_src_gen.plasmid_details                    ? 
_entity_src_gen.pdbx_description                   ? 
# 
loop_
_chem_comp.id 
_chem_comp.type 
_chem_comp.mon_nstd_flag 
_chem_comp.name 
_chem_comp.pdbx_synonyms 
_chem_comp.formula 
_chem_comp.formula_weight 
ALA 'L-peptide linking' y ALANINE         ? 'C3 H7 N O2'     89.093  
ARG 'L-peptide linking' y ARGININE        ? 'C6 H15 N4 O2 1' 175.209 
ASN 'L-peptide linking' y ASPARAGINE      ? 'C4 H8 N2 O3'    132.118 
ASP 'L-peptide linking' y 'ASPARTIC ACID' ? 'C4 H7 N O4'     133.103 
GLN 'L-peptide linking' y GLUTAMINE       ? 'C5 H10 N2 O3'   146.144 
GLU 'L-peptide linking' y 'GLUTAMIC ACID' ? 'C5 H9 N O4'     147.129 
GLY 'peptide linking'   y GLYCINE         ? 'C2 H5 N O2'     75.067  
HIS 'L-peptide linking' y HISTIDINE       ? 'C6 H10 N3 O2 1' 156.162 
HOH non-polymer         . WATER           ? 'H2 O'           18.015  
ILE 'L-peptide linking' y ISOLEUCINE      ? 'C6 H13 N O2'    131.173 
LEU 'L-peptide linking' y LEUCINE         ? 'C6 H13 N O2'    131.173 
LYS 'L-peptide linking' y LYSINE          ? 'C6 H15 N2 O2 1' 147.195 
MET 'L-peptide linking' y METHIONINE      ? 'C5 H11 N O2 S'  149.211 
PHE 'L-peptide linking' y PHENYLALANINE   ? 'C9 H11 N O2'    165.189 
PRO 'L-peptide linking' y PROLINE         ? 'C5 H9 N O2'     115.130 
SER 'L-peptide linking' y SERINE          ? 'C3 H7 N O3'     105.093 
THR 'L-peptide linking' y THREONINE       ? 'C4 H9 N O3'     119.119 
TRP 'L-peptide linking' y TRYPTOPHAN      ? 'C11 H12 N2 O2'  204.225 
TYR 'L-peptide linking' y TYROSINE        ? 'C9 H11 N O3'    181.189 
VAL 'L-peptide linking' y VALINE          ? 'C5 H11 N O2'    117.146 
# 
loop_
_pdbx_poly_seq_scheme.asym_id 
_pdbx_poly_seq_scheme.entity_id 
_pdbx_poly_seq_scheme.seq_id 
_pdbx_poly_seq_scheme.mon_id 
_pdbx_poly_seq_scheme.ndb_seq_num 
_pdbx_poly_seq_scheme.pdb_seq_num 
_pdbx_poly_seq_scheme.auth_seq_num 
_pdbx_poly_seq_scheme.pdb_mon_id 
_pdbx_poly_seq_scheme.auth_mon_id 
_pdbx_poly_seq_scheme.pdb_strand_id 
_pdbx_poly_seq_scheme.pdb_ins_code 
_pdbx_poly_seq_scheme.hetero 
A 1 1   GLY 1   13  ?   ?   ?   A . n 
A 1 2   HIS 2   14  ?   ?   ?   A . n 
A 1 3   MET 3   15  ?   ?   ?   A . n 
A 1 4   ASP 4   16  ?   ?   ?   A . n 
A 1 5   ILE 5   17  ?   ?   ?   A . n 
A 1 6   ALA 6   18  ?   ?   ?   A . n 
A 1 7   GLU 7   19  ?   ?   ?   A . n 
A 1 8   PRO 8   20  ?   ?   ?   A . n 
A 1 9   ALA 9   21  21  ALA ALA A . n 
A 1 10  GLU 10  22  22  GLU GLU A . n 
A 1 11  LEU 11  23  23  LEU LEU A . n 
A 1 12  ASP 12  24  24  ASP ASP A . n 
A 1 13  ALA 13  25  25  ALA ALA A . n 
A 1 14  ASP 14  26  26  ASP ASP A . n 
A 1 15  GLU 15  27  27  GLU GLU A . n 
A 1 16  LEU 16  28  28  LEU LEU A . n 
A 1 17  LYS 17  29  29  LYS LYS A . n 
A 1 18  ARG 18  30  30  ARG ARG A . n 
A 1 19  VAL 19  31  31  VAL VAL A . n 
A 1 20  LEU 20  32  32  LEU LEU A . n 
A 1 21  GLU 21  33  33  GLU GLU A . n 
A 1 22  ALA 22  34  34  ALA ALA A . n 
A 1 23  LEU 23  35  35  LEU LEU A . n 
A 1 24  LEU 24  36  36  LEU LEU A . n 
A 1 25  LEU 25  37  37  LEU LEU A . n 
A 1 26  VAL 26  38  38  VAL VAL A . n 
A 1 27  ILE 27  39  39  ILE ILE A . n 
A 1 28  ASP 28  40  40  ASP ASP A . n 
A 1 29  THR 29  41  41  THR THR A . n 
A 1 30  PRO 30  42  42  PRO PRO A . n 
A 1 31  VAL 31  43  43  VAL VAL A . n 
A 1 32  THR 32  44  44  THR THR A . n 
A 1 33  ALA 33  45  45  ALA ALA A . n 
A 1 34  ASP 34  46  46  ASP ASP A . n 
A 1 35  ALA 35  47  47  ALA ALA A . n 
A 1 36  LEU 36  48  48  LEU LEU A . n 
A 1 37  ALA 37  49  49  ALA ALA A . n 
A 1 38  ALA 38  50  50  ALA ALA A . n 
A 1 39  ALA 39  51  51  ALA ALA A . n 
A 1 40  THR 40  52  52  THR THR A . n 
A 1 41  GLU 41  53  53  GLU GLU A . n 
A 1 42  GLN 42  54  54  GLN GLN A . n 
A 1 43  PRO 43  55  55  PRO PRO A . n 
A 1 44  VAL 44  56  56  VAL VAL A . n 
A 1 45  TYR 45  57  57  TYR TYR A . n 
A 1 46  ARG 46  58  58  ARG ARG A . n 
A 1 47  VAL 47  59  59  VAL VAL A . n 
A 1 48  ALA 48  60  60  ALA ALA A . n 
A 1 49  ALA 49  61  61  ALA ALA A . n 
A 1 50  LYS 50  62  62  LYS LYS A . n 
A 1 51  LEU 51  63  63  LEU LEU A . n 
A 1 52  GLN 52  64  64  GLN GLN A . n 
A 1 53  LEU 53  65  65  LEU LEU A . n 
A 1 54  MET 54  66  66  MET MET A . n 
A 1 55  ALA 55  67  67  ALA ALA A . n 
A 1 56  ASP 56  68  68  ASP ASP A . n 
A 1 57  GLU 57  69  69  GLU GLU A . n 
A 1 58  LEU 58  70  70  LEU LEU A . n 
A 1 59  THR 59  71  71  THR THR A . n 
A 1 60  GLY 60  72  72  GLY GLY A . n 
A 1 61  ARG 61  73  73  ARG ARG A . n 
A 1 62  ASP 62  74  74  ASP ASP A . n 
A 1 63  SER 63  75  75  SER SER A . n 
A 1 64  GLY 64  76  76  GLY GLY A . n 
A 1 65  ILE 65  77  77  ILE ILE A . n 
A 1 66  ASP 66  78  78  ASP ASP A . n 
A 1 67  LEU 67  79  79  LEU LEU A . n 
A 1 68  ARG 68  80  80  ARG ARG A . n 
A 1 69  HIS 69  81  81  HIS HIS A . n 
A 1 70  THR 70  82  82  THR THR A . n 
A 1 71  SER 71  83  83  SER SER A . n 
A 1 72  GLU 72  84  84  GLU GLU A . n 
A 1 73  GLY 73  85  85  GLY GLY A . n 
A 1 74  TRP 74  86  86  TRP TRP A . n 
A 1 75  ARG 75  87  87  ARG ARG A . n 
A 1 76  MET 76  88  88  MET MET A . n 
A 1 77  TYR 77  89  89  TYR TYR A . n 
A 1 78  THR 78  90  90  THR THR A . n 
A 1 79  ARG 79  91  91  ARG ARG A . n 
A 1 80  ALA 80  92  92  ALA ALA A . n 
A 1 81  ARG 81  93  93  ARG ARG A . n 
A 1 82  PHE 82  94  94  PHE PHE A . n 
A 1 83  ALA 83  95  95  ALA ALA A . n 
A 1 84  PRO 84  96  96  PRO PRO A . n 
A 1 85  TYR 85  97  97  TYR TYR A . n 
A 1 86  VAL 86  98  98  VAL VAL A . n 
A 1 87  GLU 87  99  99  GLU GLU A . n 
A 1 88  LYS 88  100 100 LYS LYS A . n 
A 1 89  LEU 89  101 101 LEU LEU A . n 
A 1 90  LEU 90  102 102 LEU LEU A . n 
A 1 91  LEU 91  103 103 LEU LEU A . n 
A 1 92  ASP 92  104 104 ASP ASP A . n 
A 1 93  GLY 93  105 105 GLY GLY A . n 
A 1 94  ALA 94  106 106 ALA ALA A . n 
A 1 95  ARG 95  107 107 ARG ARG A . n 
A 1 96  THR 96  108 108 THR THR A . n 
A 1 97  LYS 97  109 109 LYS LYS A . n 
A 1 98  LEU 98  110 110 LEU LEU A . n 
A 1 99  THR 99  111 111 THR THR A . n 
A 1 100 ARG 100 112 112 ARG ARG A . n 
A 1 101 ALA 101 113 113 ALA ALA A . n 
A 1 102 ALA 102 114 114 ALA ALA A . n 
A 1 103 LEU 103 115 115 LEU LEU A . n 
A 1 104 GLU 104 116 116 GLU GLU A . n 
A 1 105 THR 105 117 117 THR THR A . n 
A 1 106 LEU 106 118 118 LEU LEU A . n 
A 1 107 ALA 107 119 119 ALA ALA A . n 
A 1 108 VAL 108 120 120 VAL VAL A . n 
A 1 109 VAL 109 121 121 VAL VAL A . n 
A 1 110 ALA 110 122 122 ALA ALA A . n 
A 1 111 TYR 111 123 123 TYR TYR A . n 
A 1 112 ARG 112 124 124 ARG ARG A . n 
A 1 113 GLN 113 125 125 GLN GLN A . n 
A 1 114 PRO 114 126 126 PRO PRO A . n 
A 1 115 VAL 115 127 127 VAL VAL A . n 
A 1 116 THR 116 128 128 THR THR A . n 
A 1 117 ARG 117 129 129 ARG ARG A . n 
A 1 118 ALA 118 130 130 ALA ALA A . n 
A 1 119 ARG 119 131 131 ARG ARG A . n 
A 1 120 VAL 120 132 132 VAL VAL A . n 
A 1 121 SER 121 133 133 SER SER A . n 
A 1 122 ALA 122 134 134 ALA ALA A . n 
A 1 123 VAL 123 135 135 VAL VAL A . n 
A 1 124 ARG 124 136 136 ARG ARG A . n 
A 1 125 GLY 125 137 137 GLY GLY A . n 
A 1 126 VAL 126 138 138 VAL VAL A . n 
A 1 127 ASN 127 139 139 ASN ASN A . n 
A 1 128 VAL 128 140 140 VAL VAL A . n 
A 1 129 ASP 129 141 141 ASP ASP A . n 
A 1 130 ALA 130 142 142 ALA ALA A . n 
A 1 131 VAL 131 143 143 VAL VAL A . n 
A 1 132 MET 132 144 144 MET MET A . n 
A 1 133 ARG 133 145 145 ARG ARG A . n 
A 1 134 THR 134 146 146 THR THR A . n 
A 1 135 LEU 135 147 147 LEU LEU A . n 
A 1 136 LEU 136 148 148 LEU LEU A . n 
A 1 137 ALA 137 149 149 ALA ALA A . n 
A 1 138 ARG 138 150 150 ARG ARG A . n 
A 1 139 GLY 139 151 151 GLY GLY A . n 
A 1 140 LEU 140 152 152 LEU LEU A . n 
A 1 141 ILE 141 153 153 ILE ILE A . n 
A 1 142 THR 142 154 154 THR THR A . n 
A 1 143 GLU 143 155 155 GLU GLU A . n 
A 1 144 VAL 144 156 156 VAL VAL A . n 
A 1 145 GLY 145 157 157 GLY GLY A . n 
A 1 146 THR 146 158 158 THR THR A . n 
A 1 147 ASP 147 159 159 ASP ASP A . n 
A 1 148 ALA 148 160 160 ALA ALA A . n 
A 1 149 ASP 149 161 161 ASP ASP A . n 
A 1 150 THR 150 162 162 THR THR A . n 
A 1 151 GLY 151 163 163 GLY GLY A . n 
A 1 152 ALA 152 164 164 ALA ALA A . n 
A 1 153 VAL 153 165 165 VAL VAL A . n 
A 1 154 THR 154 166 166 THR THR A . n 
A 1 155 PHE 155 167 167 PHE PHE A . n 
A 1 156 ALA 156 168 168 ALA ALA A . n 
A 1 157 THR 157 169 169 THR THR A . n 
A 1 158 THR 158 170 170 THR THR A . n 
A 1 159 GLU 159 171 171 GLU GLU A . n 
A 1 160 LEU 160 172 172 LEU LEU A . n 
A 1 161 PHE 161 173 173 PHE PHE A . n 
A 1 162 LEU 162 174 174 LEU LEU A . n 
A 1 163 GLU 163 175 175 GLU GLU A . n 
A 1 164 ARG 164 176 176 ARG ARG A . n 
A 1 165 LEU 165 177 177 LEU LEU A . n 
A 1 166 GLY 166 178 178 GLY GLY A . n 
A 1 167 LEU 167 179 179 LEU LEU A . n 
A 1 168 THR 168 180 180 THR THR A . n 
A 1 169 SER 169 181 ?   ?   ?   A . n 
A 1 170 LEU 170 182 ?   ?   ?   A . n 
A 1 171 SER 171 183 ?   ?   ?   A . n 
A 1 172 GLU 172 184 ?   ?   ?   A . n 
A 1 173 LEU 173 185 ?   ?   ?   A . n 
A 1 174 PRO 174 186 ?   ?   ?   A . n 
A 1 175 ASP 175 187 ?   ?   ?   A . n 
A 1 176 ILE 176 188 ?   ?   ?   A . n 
A 1 177 ALA 177 189 ?   ?   ?   A . n 
A 1 178 PRO 178 190 ?   ?   ?   A . n 
A 1 179 LEU 179 191 ?   ?   ?   A . n 
A 1 180 LEU 180 192 ?   ?   ?   A . n 
A 1 181 PRO 181 193 ?   ?   ?   A . n 
A 1 182 ASP 182 194 ?   ?   ?   A . n 
A 1 183 VAL 183 195 ?   ?   ?   A . n 
A 1 184 ASP 184 196 ?   ?   ?   A . n 
A 1 185 THR 185 197 ?   ?   ?   A . n 
A 1 186 ILE 186 198 ?   ?   ?   A . n 
A 1 187 ASP 187 199 ?   ?   ?   A . n 
A 1 188 ASP 188 200 ?   ?   ?   A . n 
A 1 189 LEU 189 201 ?   ?   ?   A . n 
A 1 190 SER 190 202 ?   ?   ?   A . n 
A 1 191 GLU 191 203 ?   ?   ?   A . n 
A 1 192 SER 192 204 ?   ?   ?   A . n 
A 1 193 LEU 193 205 ?   ?   ?   A . n 
A 1 194 ASP 194 206 ?   ?   ?   A . n 
A 1 195 SER 195 207 ?   ?   ?   A . n 
A 1 196 GLU 196 208 ?   ?   ?   A . n 
A 1 197 PRO 197 209 ?   ?   ?   A . n 
A 1 198 ARG 198 210 ?   ?   ?   A . n 
A 1 199 PHE 199 211 ?   ?   ?   A . n 
A 1 200 ILE 200 212 ?   ?   ?   A . n 
A 1 201 LYS 201 213 ?   ?   ?   A . n 
A 1 202 LEU 202 214 ?   ?   ?   A . n 
A 1 203 THR 203 215 ?   ?   ?   A . n 
A 1 204 GLY 204 216 ?   ?   ?   A . n 
A 1 205 GLU 205 217 ?   ?   ?   A . n 
A 1 206 LEU 206 218 ?   ?   ?   A . n 
A 1 207 ALA 207 219 ?   ?   ?   A . n 
A 1 208 SER 208 220 ?   ?   ?   A . n 
A 1 209 GLU 209 221 ?   ?   ?   A . n 
A 1 210 GLN 210 222 ?   ?   ?   A . n 
A 1 211 THR 211 223 ?   ?   ?   A . n 
A 1 212 LEU 212 224 ?   ?   ?   A . n 
A 1 213 SER 213 225 ?   ?   ?   A . n 
A 1 214 PHE 214 226 ?   ?   ?   A . n 
A 1 215 ASP 215 227 ?   ?   ?   A . n 
A 1 216 VAL 216 228 ?   ?   ?   A . n 
A 1 217 ASP 217 229 ?   ?   ?   A . n 
A 1 218 ARG 218 230 ?   ?   ?   A . n 
A 1 219 ASP 219 231 ?   ?   ?   A . n 
# 
loop_
_pdbx_nonpoly_scheme.asym_id 
_pdbx_nonpoly_scheme.entity_id 
_pdbx_nonpoly_scheme.mon_id 
_pdbx_nonpoly_scheme.ndb_seq_num 
_pdbx_nonpoly_scheme.pdb_seq_num 
_pdbx_nonpoly_scheme.auth_seq_num 
_pdbx_nonpoly_scheme.pdb_mon_id 
_pdbx_nonpoly_scheme.auth_mon_id 
_pdbx_nonpoly_scheme.pdb_strand_id 
_pdbx_nonpoly_scheme.pdb_ins_code 
B 2 HOH 1  232 232 HOH HOH A . 
B 2 HOH 2  233 233 HOH HOH A . 
B 2 HOH 3  234 234 HOH HOH A . 
B 2 HOH 4  235 235 HOH HOH A . 
B 2 HOH 5  236 236 HOH HOH A . 
B 2 HOH 6  237 237 HOH HOH A . 
B 2 HOH 7  238 238 HOH HOH A . 
B 2 HOH 8  239 239 HOH HOH A . 
B 2 HOH 9  240 240 HOH HOH A . 
B 2 HOH 10 241 241 HOH HOH A . 
B 2 HOH 11 242 242 HOH HOH A . 
B 2 HOH 12 243 243 HOH HOH A . 
B 2 HOH 13 244 244 HOH HOH A . 
B 2 HOH 14 245 245 HOH HOH A . 
B 2 HOH 15 246 246 HOH HOH A . 
B 2 HOH 16 247 247 HOH HOH A . 
B 2 HOH 17 248 248 HOH HOH A . 
B 2 HOH 18 249 249 HOH HOH A . 
B 2 HOH 19 250 250 HOH HOH A . 
B 2 HOH 20 251 251 HOH HOH A . 
B 2 HOH 21 252 252 HOH HOH A . 
B 2 HOH 22 253 253 HOH HOH A . 
B 2 HOH 23 254 254 HOH HOH A . 
B 2 HOH 24 255 255 HOH HOH A . 
B 2 HOH 25 256 256 HOH HOH A . 
B 2 HOH 26 257 257 HOH HOH A . 
B 2 HOH 27 258 258 HOH HOH A . 
B 2 HOH 28 259 259 HOH HOH A . 
B 2 HOH 29 260 260 HOH HOH A . 
B 2 HOH 30 261 261 HOH HOH A . 
B 2 HOH 31 262 262 HOH HOH A . 
B 2 HOH 32 263 263 HOH HOH A . 
B 2 HOH 33 264 264 HOH HOH A . 
B 2 HOH 34 265 266 HOH HOH A . 
B 2 HOH 35 266 267 HOH HOH A . 
B 2 HOH 36 267 268 HOH HOH A . 
B 2 HOH 37 268 269 HOH HOH A . 
B 2 HOH 38 269 270 HOH HOH A . 
B 2 HOH 39 270 271 HOH HOH A . 
B 2 HOH 40 271 274 HOH HOH A . 
B 2 HOH 41 272 278 HOH HOH A . 
B 2 HOH 42 273 279 HOH HOH A . 
B 2 HOH 43 274 280 HOH HOH A . 
B 2 HOH 44 275 281 HOH HOH A . 
B 2 HOH 45 276 283 HOH HOH A . 
B 2 HOH 46 277 285 HOH HOH A . 
B 2 HOH 47 278 286 HOH HOH A . 
B 2 HOH 48 279 287 HOH HOH A . 
B 2 HOH 49 280 294 HOH HOH A . 
B 2 HOH 50 281 296 HOH HOH A . 
B 2 HOH 51 282 297 HOH HOH A . 
B 2 HOH 52 283 298 HOH HOH A . 
B 2 HOH 53 284 299 HOH HOH A . 
B 2 HOH 54 285 300 HOH HOH A . 
B 2 HOH 55 286 301 HOH HOH A . 
B 2 HOH 56 287 302 HOH HOH A . 
B 2 HOH 57 288 303 HOH HOH A . 
B 2 HOH 58 289 304 HOH HOH A . 
B 2 HOH 59 290 305 HOH HOH A . 
B 2 HOH 60 291 306 HOH HOH A . 
B 2 HOH 61 292 307 HOH HOH A . 
B 2 HOH 62 293 308 HOH HOH A . 
B 2 HOH 63 294 309 HOH HOH A . 
B 2 HOH 64 295 310 HOH HOH A . 
B 2 HOH 65 296 312 HOH HOH A . 
B 2 HOH 66 297 313 HOH HOH A . 
B 2 HOH 67 298 314 HOH HOH A . 
B 2 HOH 68 299 315 HOH HOH A . 
B 2 HOH 69 300 317 HOH HOH A . 
B 2 HOH 70 301 320 HOH HOH A . 
B 2 HOH 71 302 321 HOH HOH A . 
B 2 HOH 72 303 322 HOH HOH A . 
B 2 HOH 73 304 323 HOH HOH A . 
B 2 HOH 74 305 324 HOH HOH A . 
B 2 HOH 75 306 325 HOH HOH A . 
B 2 HOH 76 307 329 HOH HOH A . 
B 2 HOH 77 308 331 HOH HOH A . 
B 2 HOH 78 309 333 HOH HOH A . 
B 2 HOH 79 310 334 HOH HOH A . 
B 2 HOH 80 311 335 HOH HOH A . 
B 2 HOH 81 312 337 HOH HOH A . 
B 2 HOH 82 313 343 HOH HOH A . 
B 2 HOH 83 314 344 HOH HOH A . 
B 2 HOH 84 315 345 HOH HOH A . 
B 2 HOH 85 316 346 HOH HOH A . 
B 2 HOH 86 317 347 HOH HOH A . 
# 
loop_
_pdbx_unobs_or_zero_occ_atoms.id 
_pdbx_unobs_or_zero_occ_atoms.PDB_model_num 
_pdbx_unobs_or_zero_occ_atoms.polymer_flag 
_pdbx_unobs_or_zero_occ_atoms.occupancy_flag 
_pdbx_unobs_or_zero_occ_atoms.auth_asym_id 
_pdbx_unobs_or_zero_occ_atoms.auth_comp_id 
_pdbx_unobs_or_zero_occ_atoms.auth_seq_id 
_pdbx_unobs_or_zero_occ_atoms.PDB_ins_code 
_pdbx_unobs_or_zero_occ_atoms.auth_atom_id 
_pdbx_unobs_or_zero_occ_atoms.label_alt_id 
_pdbx_unobs_or_zero_occ_atoms.label_asym_id 
_pdbx_unobs_or_zero_occ_atoms.label_comp_id 
_pdbx_unobs_or_zero_occ_atoms.label_seq_id 
_pdbx_unobs_or_zero_occ_atoms.label_atom_id 
1 1 Y 1 A LEU 179 ? CG  ? A LEU 167 CG  
2 1 Y 1 A LEU 179 ? CD1 ? A LEU 167 CD1 
3 1 Y 1 A LEU 179 ? CD2 ? A LEU 167 CD2 
4 1 Y 1 A THR 180 ? OG1 ? A THR 168 OG1 
5 1 Y 1 A THR 180 ? CG2 ? A THR 168 CG2 
# 
loop_
_software.name 
_software.classification 
_software.version 
_software.citation_id 
_software.pdbx_ordinal 
ADSC     'data collection' Quantum ? 1 
SOLVE    phasing           .       ? 2 
CNS      refinement        .       ? 3 
HKL-2000 'data reduction'  .       ? 4 
HKL-2000 'data scaling'    .       ? 5 
# 
_cell.entry_id           2Z99 
_cell.length_a           136.690 
_cell.length_b           136.690 
_cell.length_c           78.550 
_cell.angle_alpha        90.00 
_cell.angle_beta         90.00 
_cell.angle_gamma        120.00 
_cell.Z_PDB              18 
_cell.pdbx_unique_axis   ? 
_cell.length_a_esd       ? 
_cell.length_b_esd       ? 
_cell.length_c_esd       ? 
_cell.angle_alpha_esd    ? 
_cell.angle_beta_esd     ? 
_cell.angle_gamma_esd    ? 
# 
_symmetry.entry_id                         2Z99 
_symmetry.space_group_name_H-M             'H 3 2' 
_symmetry.pdbx_full_space_group_name_H-M   ? 
_symmetry.cell_setting                     ? 
_symmetry.Int_Tables_number                155 
_symmetry.space_group_name_Hall            ? 
# 
_exptl.entry_id          2Z99 
_exptl.method            'X-RAY DIFFRACTION' 
_exptl.crystals_number   2 
# 
_exptl_crystal.id                    1 
_exptl_crystal.density_meas          ? 
_exptl_crystal.density_Matthews      2.95 
_exptl_crystal.density_percent_sol   58.36 
_exptl_crystal.description           ? 
_exptl_crystal.F_000                 ? 
_exptl_crystal.preparation           ? 
# 
_exptl_crystal_grow.crystal_id      1 
_exptl_crystal_grow.method          'VAPOR DIFFUSION, SITTING DROP' 
_exptl_crystal_grow.temp            298 
_exptl_crystal_grow.temp_details    ? 
_exptl_crystal_grow.pH              7.5 
_exptl_crystal_grow.pdbx_details    '2M NaCl, 10% PEG 6000, pH 7.5, VAPOR DIFFUSION, SITTING DROP, temperature 298K' 
_exptl_crystal_grow.pdbx_pH_range   . 
# 
loop_
_diffrn.id 
_diffrn.ambient_temp 
_diffrn.ambient_temp_details 
_diffrn.crystal_id 
1 100 ? 1 
2 100 ? 1 
# 
loop_
_diffrn_detector.diffrn_id 
_diffrn_detector.detector 
_diffrn_detector.type 
_diffrn_detector.pdbx_collection_date 
_diffrn_detector.details 
1 CCD 'ADSC QUANTUM 210' 2006-06-22 ? 
2 CCD 'ADSC QUANTUM 210' 2006-06-22 ? 
# 
loop_
_diffrn_radiation.diffrn_id 
_diffrn_radiation.wavelength_id 
_diffrn_radiation.pdbx_monochromatic_or_laue_m_l 
_diffrn_radiation.monochromator 
_diffrn_radiation.pdbx_diffrn_protocol 
_diffrn_radiation.pdbx_scattering_type 
1 1 M ? 'SINGLE WAVELENGTH' x-ray 
2 1 M ? 'SINGLE WAVELENGTH' x-ray 
# 
loop_
_diffrn_radiation_wavelength.id 
_diffrn_radiation_wavelength.wavelength 
_diffrn_radiation_wavelength.wt 
1 1.0     1.0 
2 0.97950 1.0 
# 
loop_
_diffrn_source.diffrn_id 
_diffrn_source.source 
_diffrn_source.type 
_diffrn_source.pdbx_synchrotron_site 
_diffrn_source.pdbx_synchrotron_beamline 
_diffrn_source.pdbx_wavelength 
_diffrn_source.pdbx_wavelength_list 
1 SYNCHROTRON 'PAL/PLS BEAMLINE 4A'  PAL/PLS 4A  ? 1.0     
2 SYNCHROTRON 'PAL/PLS BEAMLINE 6C1' PAL/PLS 6C1 ? 0.97950 
# 
_reflns.entry_id                     2Z99 
_reflns.observed_criterion_sigma_F   ? 
_reflns.observed_criterion_sigma_I   ? 
_reflns.d_resolution_high            2.3 
_reflns.d_resolution_low             50.0 
_reflns.number_all                   ? 
_reflns.number_obs                   12625 
_reflns.percent_possible_obs         98.4 
_reflns.pdbx_Rmerge_I_obs            ? 
_reflns.pdbx_Rsym_value              0.055 
_reflns.pdbx_netI_over_sigmaI        33.9 
_reflns.B_iso_Wilson_estimate        ? 
_reflns.pdbx_redundancy              ? 
_reflns.R_free_details               ? 
_reflns.limit_h_max                  ? 
_reflns.limit_h_min                  ? 
_reflns.limit_k_max                  ? 
_reflns.limit_k_min                  ? 
_reflns.limit_l_max                  ? 
_reflns.limit_l_min                  ? 
_reflns.observed_criterion_F_max     ? 
_reflns.observed_criterion_F_min     ? 
_reflns.pdbx_chi_squared             ? 
_reflns.pdbx_scaling_rejects         ? 
_reflns.pdbx_diffrn_id               1,2 
_reflns.pdbx_ordinal                 1 
# 
_reflns_shell.d_res_high             2.3 
_reflns_shell.d_res_low              2.38 
_reflns_shell.percent_possible_all   97.0 
_reflns_shell.Rmerge_I_obs           ? 
_reflns_shell.pdbx_Rsym_value        0.214 
_reflns_shell.meanI_over_sigI_obs    4.7 
_reflns_shell.pdbx_redundancy        ? 
_reflns_shell.percent_possible_obs   ? 
_reflns_shell.number_unique_all      ? 
_reflns_shell.number_measured_all    ? 
_reflns_shell.number_measured_obs    ? 
_reflns_shell.number_unique_obs      ? 
_reflns_shell.pdbx_chi_squared       ? 
_reflns_shell.pdbx_diffrn_id         ? 
_reflns_shell.pdbx_ordinal           1 
# 
_refine.entry_id                                 2Z99 
_refine.ls_d_res_high                            2.3 
_refine.ls_d_res_low                             47.27 
_refine.pdbx_ls_sigma_F                          ? 
_refine.pdbx_ls_sigma_I                          ? 
_refine.ls_number_reflns_all                     ? 
_refine.ls_number_reflns_obs                     12405 
_refine.ls_number_reflns_R_free                  ? 
_refine.ls_percent_reflns_obs                    ? 
_refine.ls_R_factor_all                          ? 
_refine.ls_R_factor_obs                          ? 
_refine.ls_R_factor_R_work                       0.244 
_refine.ls_R_factor_R_free                       0.285 
_refine.ls_redundancy_reflns_obs                 ? 
_refine.pdbx_data_cutoff_high_absF               ? 
_refine.pdbx_data_cutoff_low_absF                ? 
_refine.ls_number_parameters                     ? 
_refine.ls_number_restraints                     ? 
_refine.ls_percent_reflns_R_free                 ? 
_refine.ls_R_factor_R_free_error                 ? 
_refine.ls_R_factor_R_free_error_details         ? 
_refine.pdbx_method_to_determine_struct          SAD 
_refine.pdbx_starting_model                      ? 
_refine.pdbx_ls_cross_valid_method               THROUGHOUT 
_refine.pdbx_R_Free_selection_details            RANDOM 
_refine.pdbx_stereochem_target_val_spec_case     ? 
_refine.pdbx_stereochemistry_target_values       ? 
_refine.solvent_model_details                    ? 
_refine.solvent_model_param_bsol                 ? 
_refine.solvent_model_param_ksol                 ? 
_refine.occupancy_max                            ? 
_refine.occupancy_min                            ? 
_refine.pdbx_isotropic_thermal_model             ? 
_refine.B_iso_mean                               ? 
_refine.aniso_B[1][1]                            ? 
_refine.aniso_B[1][2]                            ? 
_refine.aniso_B[1][3]                            ? 
_refine.aniso_B[2][2]                            ? 
_refine.aniso_B[2][3]                            ? 
_refine.aniso_B[3][3]                            ? 
_refine.details                                  ? 
_refine.B_iso_min                                ? 
_refine.B_iso_max                                ? 
_refine.correlation_coeff_Fo_to_Fc               ? 
_refine.correlation_coeff_Fo_to_Fc_free          ? 
_refine.pdbx_solvent_vdw_probe_radii             ? 
_refine.pdbx_solvent_ion_probe_radii             ? 
_refine.pdbx_solvent_shrinkage_radii             ? 
_refine.overall_SU_R_Cruickshank_DPI             ? 
_refine.overall_SU_R_free                        ? 
_refine.overall_SU_ML                            ? 
_refine.overall_SU_B                             ? 
_refine.pdbx_overall_ESU_R_Free                  ? 
_refine.pdbx_data_cutoff_high_rms_absF           ? 
_refine.pdbx_overall_ESU_R                       ? 
_refine.ls_wR_factor_R_free                      ? 
_refine.ls_wR_factor_R_work                      ? 
_refine.overall_FOM_free_R_set                   ? 
_refine.overall_FOM_work_R_set                   ? 
_refine.pdbx_overall_phase_error                 ? 
_refine.pdbx_refine_id                           'X-RAY DIFFRACTION' 
_refine.pdbx_diffrn_id                           1 
_refine.pdbx_TLS_residual_ADP_flag               ? 
_refine.pdbx_overall_SU_R_free_Cruickshank_DPI   ? 
_refine.pdbx_overall_SU_R_Blow_DPI               ? 
_refine.pdbx_overall_SU_R_free_Blow_DPI          ? 
# 
_refine_hist.pdbx_refine_id                   'X-RAY DIFFRACTION' 
_refine_hist.cycle_id                         LAST 
_refine_hist.pdbx_number_atoms_protein        1219 
_refine_hist.pdbx_number_atoms_nucleic_acid   0 
_refine_hist.pdbx_number_atoms_ligand         0 
_refine_hist.number_atoms_solvent             86 
_refine_hist.number_atoms_total               1305 
_refine_hist.d_res_high                       2.3 
_refine_hist.d_res_low                        47.27 
# 
loop_
_refine_ls_restr.type 
_refine_ls_restr.dev_ideal 
_refine_ls_restr.dev_ideal_target 
_refine_ls_restr.weight 
_refine_ls_restr.number 
_refine_ls_restr.pdbx_refine_id 
_refine_ls_restr.pdbx_restraint_function 
c_bond_d                0.007 ? ? ? 'X-RAY DIFFRACTION' ? 
c_bond_d_na             ?     ? ? ? 'X-RAY DIFFRACTION' ? 
c_bond_d_prot           ?     ? ? ? 'X-RAY DIFFRACTION' ? 
c_angle_d               ?     ? ? ? 'X-RAY DIFFRACTION' ? 
c_angle_d_na            ?     ? ? ? 'X-RAY DIFFRACTION' ? 
c_angle_d_prot          ?     ? ? ? 'X-RAY DIFFRACTION' ? 
c_angle_deg             1.25  ? ? ? 'X-RAY DIFFRACTION' ? 
c_angle_deg_na          ?     ? ? ? 'X-RAY DIFFRACTION' ? 
c_angle_deg_prot        ?     ? ? ? 'X-RAY DIFFRACTION' ? 
c_dihedral_angle_d      ?     ? ? ? 'X-RAY DIFFRACTION' ? 
c_dihedral_angle_d_na   ?     ? ? ? 'X-RAY DIFFRACTION' ? 
c_dihedral_angle_d_prot ?     ? ? ? 'X-RAY DIFFRACTION' ? 
c_improper_angle_d      ?     ? ? ? 'X-RAY DIFFRACTION' ? 
c_improper_angle_d_na   ?     ? ? ? 'X-RAY DIFFRACTION' ? 
c_improper_angle_d_prot ?     ? ? ? 'X-RAY DIFFRACTION' ? 
c_mcbond_it             ?     ? ? ? 'X-RAY DIFFRACTION' ? 
c_mcangle_it            ?     ? ? ? 'X-RAY DIFFRACTION' ? 
c_scbond_it             ?     ? ? ? 'X-RAY DIFFRACTION' ? 
c_scangle_it            ?     ? ? ? 'X-RAY DIFFRACTION' ? 
# 
_struct.entry_id                  2Z99 
_struct.title                     'Crystal Structure of ScpB from Mycobacterium tuberculosis' 
_struct.pdbx_model_details        ? 
_struct.pdbx_CASP_flag            ? 
_struct.pdbx_model_type_details   ? 
# 
_struct_keywords.entry_id        2Z99 
_struct_keywords.pdbx_keywords   'CELL CYCLE' 
_struct_keywords.text            'winged helix domain, Cell cycle, Cell division, Chromosome partition, Cytoplasm' 
# 
loop_
_struct_asym.id 
_struct_asym.pdbx_blank_PDB_chainid_flag 
_struct_asym.pdbx_modified 
_struct_asym.entity_id 
_struct_asym.details 
A N N 1 ? 
B N N 2 ? 
# 
_struct_ref.id                         1 
_struct_ref.db_name                    UNP 
_struct_ref.db_code                    O33209_MYCTU 
_struct_ref.pdbx_db_accession          O33209 
_struct_ref.entity_id                  1 
_struct_ref.pdbx_seq_one_letter_code   
;DIAEPAELDADELKRVLEALLLVIDTPVTADALAAATEQPVYRVAAKLQLMADELTGRDSGIDLRHTSEGWRMYTRARFA
PYVEKLLLDGARTKLTRAALETLAVVAYRQPVTRARVSAVRGVNVDAVMRTLLARGLITEVGTDADTGAVTFATTELFLE
RLGLTSLSELPDIAPLLPDVDTIDDLSESLDSEPRFIKLTGELASEQTLSFDVDRD
;
_struct_ref.pdbx_align_begin           16 
_struct_ref.pdbx_db_isoform            ? 
# 
_struct_ref_seq.align_id                      1 
_struct_ref_seq.ref_id                        1 
_struct_ref_seq.pdbx_PDB_id_code              2Z99 
_struct_ref_seq.pdbx_strand_id                A 
_struct_ref_seq.seq_align_beg                 4 
_struct_ref_seq.pdbx_seq_align_beg_ins_code   ? 
_struct_ref_seq.seq_align_end                 219 
_struct_ref_seq.pdbx_seq_align_end_ins_code   ? 
_struct_ref_seq.pdbx_db_accession             O33209 
_struct_ref_seq.db_align_beg                  16 
_struct_ref_seq.pdbx_db_align_beg_ins_code    ? 
_struct_ref_seq.db_align_end                  231 
_struct_ref_seq.pdbx_db_align_end_ins_code    ? 
_struct_ref_seq.pdbx_auth_seq_align_beg       16 
_struct_ref_seq.pdbx_auth_seq_align_end       231 
# 
loop_
_struct_ref_seq_dif.align_id 
_struct_ref_seq_dif.pdbx_pdb_id_code 
_struct_ref_seq_dif.mon_id 
_struct_ref_seq_dif.pdbx_pdb_strand_id 
_struct_ref_seq_dif.seq_num 
_struct_ref_seq_dif.pdbx_pdb_ins_code 
_struct_ref_seq_dif.pdbx_seq_db_name 
_struct_ref_seq_dif.pdbx_seq_db_accession_code 
_struct_ref_seq_dif.db_mon_id 
_struct_ref_seq_dif.pdbx_seq_db_seq_num 
_struct_ref_seq_dif.details 
_struct_ref_seq_dif.pdbx_auth_seq_num 
_struct_ref_seq_dif.pdbx_ordinal 
1 2Z99 GLY A 1 ? UNP O33209 ? ? 'expression tag' 13 1 
1 2Z99 HIS A 2 ? UNP O33209 ? ? 'expression tag' 14 2 
1 2Z99 MET A 3 ? UNP O33209 ? ? 'expression tag' 15 3 
# 
_pdbx_struct_assembly.id                   1 
_pdbx_struct_assembly.details              author_and_software_defined_assembly 
_pdbx_struct_assembly.method_details       PISA 
_pdbx_struct_assembly.oligomeric_details   dimeric 
_pdbx_struct_assembly.oligomeric_count     2 
# 
loop_
_pdbx_struct_assembly_prop.biol_id 
_pdbx_struct_assembly_prop.type 
_pdbx_struct_assembly_prop.value 
_pdbx_struct_assembly_prop.details 
1 'ABSA (A^2)' 2740  ? 
1 MORE         -19.1 ? 
1 'SSA (A^2)'  18210 ? 
# 
_pdbx_struct_assembly_gen.assembly_id       1 
_pdbx_struct_assembly_gen.oper_expression   1,2 
_pdbx_struct_assembly_gen.asym_id_list      A,B 
# 
loop_
_pdbx_struct_oper_list.id 
_pdbx_struct_oper_list.type 
_pdbx_struct_oper_list.name 
_pdbx_struct_oper_list.symmetry_operation 
_pdbx_struct_oper_list.matrix[1][1] 
_pdbx_struct_oper_list.matrix[1][2] 
_pdbx_struct_oper_list.matrix[1][3] 
_pdbx_struct_oper_list.vector[1] 
_pdbx_struct_oper_list.matrix[2][1] 
_pdbx_struct_oper_list.matrix[2][2] 
_pdbx_struct_oper_list.matrix[2][3] 
_pdbx_struct_oper_list.vector[2] 
_pdbx_struct_oper_list.matrix[3][1] 
_pdbx_struct_oper_list.matrix[3][2] 
_pdbx_struct_oper_list.matrix[3][3] 
_pdbx_struct_oper_list.vector[3] 
1 'identity operation'         1_555 x,y,z  1.0000000000  0.0000000000  0.0000000000  0.0000000000   0.0000000000  1.0000000000  0.0000000000 0.0000000000   0.0000000000  0.0000000000 1.0000000000  0.0000000000  
2 'crystal symmetry operation' 4_555 y,x,-z -0.7790844603 -0.4643559108 -0.4211899712 -10.9659060183 -0.4643559108 -0.0239418549 0.8853250114 -21.0070090242 -0.4211899712 0.8853250114 -0.1969736847 17.4082724273 
# 
_struct_biol.id        1 
_struct_biol.details   ? 
# 
loop_
_struct_conf.conf_type_id 
_struct_conf.id 
_struct_conf.pdbx_PDB_helix_id 
_struct_conf.beg_label_comp_id 
_struct_conf.beg_label_asym_id 
_struct_conf.beg_label_seq_id 
_struct_conf.pdbx_beg_PDB_ins_code 
_struct_conf.end_label_comp_id 
_struct_conf.end_label_asym_id 
_struct_conf.end_label_seq_id 
_struct_conf.pdbx_end_PDB_ins_code 
_struct_conf.beg_auth_comp_id 
_struct_conf.beg_auth_asym_id 
_struct_conf.beg_auth_seq_id 
_struct_conf.end_auth_comp_id 
_struct_conf.end_auth_asym_id 
_struct_conf.end_auth_seq_id 
_struct_conf.pdbx_PDB_helix_class 
_struct_conf.details 
_struct_conf.pdbx_PDB_helix_length 
HELX_P HELX_P1 1 ASP A 12  ? ILE A 27  ? ASP A 24  ILE A 39  1 ? 16 
HELX_P HELX_P2 2 THR A 32  ? GLU A 41  ? THR A 44  GLU A 53  1 ? 10 
HELX_P HELX_P3 3 PRO A 43  ? ARG A 61  ? PRO A 55  ARG A 73  1 ? 19 
HELX_P HELX_P4 4 PHE A 82  ? ASP A 92  ? PHE A 94  ASP A 104 1 ? 11 
HELX_P HELX_P5 5 THR A 99  ? GLN A 113 ? THR A 111 GLN A 125 1 ? 15 
HELX_P HELX_P6 6 ARG A 117 ? GLY A 125 ? ARG A 129 GLY A 137 1 ? 9  
HELX_P HELX_P7 7 VAL A 128 ? ARG A 138 ? VAL A 140 ARG A 150 1 ? 11 
HELX_P HELX_P8 8 THR A 158 ? GLY A 166 ? THR A 170 GLY A 178 1 ? 9  
# 
_struct_conf_type.id          HELX_P 
_struct_conf_type.criteria    ? 
_struct_conf_type.reference   ? 
# 
loop_
_struct_sheet.id 
_struct_sheet.type 
_struct_sheet.number_strands 
_struct_sheet.details 
A ? 2 ? 
B ? 3 ? 
# 
loop_
_struct_sheet_order.sheet_id 
_struct_sheet_order.range_id_1 
_struct_sheet_order.range_id_2 
_struct_sheet_order.offset 
_struct_sheet_order.sense 
A 1 2 ? anti-parallel 
B 1 2 ? anti-parallel 
B 2 3 ? anti-parallel 
# 
loop_
_struct_sheet_range.sheet_id 
_struct_sheet_range.id 
_struct_sheet_range.beg_label_comp_id 
_struct_sheet_range.beg_label_asym_id 
_struct_sheet_range.beg_label_seq_id 
_struct_sheet_range.pdbx_beg_PDB_ins_code 
_struct_sheet_range.end_label_comp_id 
_struct_sheet_range.end_label_asym_id 
_struct_sheet_range.end_label_seq_id 
_struct_sheet_range.pdbx_end_PDB_ins_code 
_struct_sheet_range.beg_auth_comp_id 
_struct_sheet_range.beg_auth_asym_id 
_struct_sheet_range.beg_auth_seq_id 
_struct_sheet_range.end_auth_comp_id 
_struct_sheet_range.end_auth_asym_id 
_struct_sheet_range.end_auth_seq_id 
A 1 ILE A 65  ? THR A 70  ? ILE A 77  THR A 82  
A 2 GLY A 73  ? THR A 78  ? GLY A 85  THR A 90  
B 1 VAL A 115 ? THR A 116 ? VAL A 127 THR A 128 
B 2 VAL A 153 ? THR A 157 ? VAL A 165 THR A 169 
B 3 ILE A 141 ? THR A 146 ? ILE A 153 THR A 158 
# 
loop_
_pdbx_struct_sheet_hbond.sheet_id 
_pdbx_struct_sheet_hbond.range_id_1 
_pdbx_struct_sheet_hbond.range_id_2 
_pdbx_struct_sheet_hbond.range_1_label_atom_id 
_pdbx_struct_sheet_hbond.range_1_label_comp_id 
_pdbx_struct_sheet_hbond.range_1_label_asym_id 
_pdbx_struct_sheet_hbond.range_1_label_seq_id 
_pdbx_struct_sheet_hbond.range_1_PDB_ins_code 
_pdbx_struct_sheet_hbond.range_1_auth_atom_id 
_pdbx_struct_sheet_hbond.range_1_auth_comp_id 
_pdbx_struct_sheet_hbond.range_1_auth_asym_id 
_pdbx_struct_sheet_hbond.range_1_auth_seq_id 
_pdbx_struct_sheet_hbond.range_2_label_atom_id 
_pdbx_struct_sheet_hbond.range_2_label_comp_id 
_pdbx_struct_sheet_hbond.range_2_label_asym_id 
_pdbx_struct_sheet_hbond.range_2_label_seq_id 
_pdbx_struct_sheet_hbond.range_2_PDB_ins_code 
_pdbx_struct_sheet_hbond.range_2_auth_atom_id 
_pdbx_struct_sheet_hbond.range_2_auth_comp_id 
_pdbx_struct_sheet_hbond.range_2_auth_asym_id 
_pdbx_struct_sheet_hbond.range_2_auth_seq_id 
A 1 2 N THR A 70  ? N THR A 82  O GLY A 73  ? O GLY A 85  
B 1 2 N VAL A 115 ? N VAL A 127 O PHE A 155 ? O PHE A 167 
B 2 3 O ALA A 156 ? O ALA A 168 N THR A 142 ? N THR A 154 
# 
loop_
_pdbx_validate_torsion.id 
_pdbx_validate_torsion.PDB_model_num 
_pdbx_validate_torsion.auth_comp_id 
_pdbx_validate_torsion.auth_asym_id 
_pdbx_validate_torsion.auth_seq_id 
_pdbx_validate_torsion.PDB_ins_code 
_pdbx_validate_torsion.label_alt_id 
_pdbx_validate_torsion.phi 
_pdbx_validate_torsion.psi 
1 1 ARG A 93  ? ? -47.50 -18.46  
2 1 ASP A 104 ? ? -72.95 39.48   
3 1 GLN A 125 ? ? 21.80  -103.28 
4 1 PRO A 126 ? ? -57.04 107.50  
5 1 THR A 170 ? ? -77.26 -168.07 
6 1 GLU A 175 ? ? -74.81 -71.50  
7 1 LEU A 177 ? ? -83.07 -70.34  
8 1 LEU A 179 ? ? 65.95  -146.46 
# 
loop_
_pdbx_unobs_or_zero_occ_residues.id 
_pdbx_unobs_or_zero_occ_residues.PDB_model_num 
_pdbx_unobs_or_zero_occ_residues.polymer_flag 
_pdbx_unobs_or_zero_occ_residues.occupancy_flag 
_pdbx_unobs_or_zero_occ_residues.auth_asym_id 
_pdbx_unobs_or_zero_occ_residues.auth_comp_id 
_pdbx_unobs_or_zero_occ_residues.auth_seq_id 
_pdbx_unobs_or_zero_occ_residues.PDB_ins_code 
_pdbx_unobs_or_zero_occ_residues.label_asym_id 
_pdbx_unobs_or_zero_occ_residues.label_comp_id 
_pdbx_unobs_or_zero_occ_residues.label_seq_id 
1  1 Y 1 A GLY 13  ? A GLY 1   
2  1 Y 1 A HIS 14  ? A HIS 2   
3  1 Y 1 A MET 15  ? A MET 3   
4  1 Y 1 A ASP 16  ? A ASP 4   
5  1 Y 1 A ILE 17  ? A ILE 5   
6  1 Y 1 A ALA 18  ? A ALA 6   
7  1 Y 1 A GLU 19  ? A GLU 7   
8  1 Y 1 A PRO 20  ? A PRO 8   
9  1 Y 1 A SER 181 ? A SER 169 
10 1 Y 1 A LEU 182 ? A LEU 170 
11 1 Y 1 A SER 183 ? A SER 171 
12 1 Y 1 A GLU 184 ? A GLU 172 
13 1 Y 1 A LEU 185 ? A LEU 173 
14 1 Y 1 A PRO 186 ? A PRO 174 
15 1 Y 1 A ASP 187 ? A ASP 175 
16 1 Y 1 A ILE 188 ? A ILE 176 
17 1 Y 1 A ALA 189 ? A ALA 177 
18 1 Y 1 A PRO 190 ? A PRO 178 
19 1 Y 1 A LEU 191 ? A LEU 179 
20 1 Y 1 A LEU 192 ? A LEU 180 
21 1 Y 1 A PRO 193 ? A PRO 181 
22 1 Y 1 A ASP 194 ? A ASP 182 
23 1 Y 1 A VAL 195 ? A VAL 183 
24 1 Y 1 A ASP 196 ? A ASP 184 
25 1 Y 1 A THR 197 ? A THR 185 
26 1 Y 1 A ILE 198 ? A ILE 186 
27 1 Y 1 A ASP 199 ? A ASP 187 
28 1 Y 1 A ASP 200 ? A ASP 188 
29 1 Y 1 A LEU 201 ? A LEU 189 
30 1 Y 1 A SER 202 ? A SER 190 
31 1 Y 1 A GLU 203 ? A GLU 191 
32 1 Y 1 A SER 204 ? A SER 192 
33 1 Y 1 A LEU 205 ? A LEU 193 
34 1 Y 1 A ASP 206 ? A ASP 194 
35 1 Y 1 A SER 207 ? A SER 195 
36 1 Y 1 A GLU 208 ? A GLU 196 
37 1 Y 1 A PRO 209 ? A PRO 197 
38 1 Y 1 A ARG 210 ? A ARG 198 
39 1 Y 1 A PHE 211 ? A PHE 199 
40 1 Y 1 A ILE 212 ? A ILE 200 
41 1 Y 1 A LYS 213 ? A LYS 201 
42 1 Y 1 A LEU 214 ? A LEU 202 
43 1 Y 1 A THR 215 ? A THR 203 
44 1 Y 1 A GLY 216 ? A GLY 204 
45 1 Y 1 A GLU 217 ? A GLU 205 
46 1 Y 1 A LEU 218 ? A LEU 206 
47 1 Y 1 A ALA 219 ? A ALA 207 
48 1 Y 1 A SER 220 ? A SER 208 
49 1 Y 1 A GLU 221 ? A GLU 209 
50 1 Y 1 A GLN 222 ? A GLN 210 
51 1 Y 1 A THR 223 ? A THR 211 
52 1 Y 1 A LEU 224 ? A LEU 212 
53 1 Y 1 A SER 225 ? A SER 213 
54 1 Y 1 A PHE 226 ? A PHE 214 
55 1 Y 1 A ASP 227 ? A ASP 215 
56 1 Y 1 A VAL 228 ? A VAL 216 
57 1 Y 1 A ASP 229 ? A ASP 217 
58 1 Y 1 A ARG 230 ? A ARG 218 
59 1 Y 1 A ASP 231 ? A ASP 219 
# 
loop_
_chem_comp_atom.comp_id 
_chem_comp_atom.atom_id 
_chem_comp_atom.type_symbol 
_chem_comp_atom.pdbx_aromatic_flag 
_chem_comp_atom.pdbx_stereo_config 
_chem_comp_atom.pdbx_ordinal 
ALA N    N N N 1   
ALA CA   C N S 2   
ALA C    C N N 3   
ALA O    O N N 4   
ALA CB   C N N 5   
ALA OXT  O N N 6   
ALA H    H N N 7   
ALA H2   H N N 8   
ALA HA   H N N 9   
ALA HB1  H N N 10  
ALA HB2  H N N 11  
ALA HB3  H N N 12  
ALA HXT  H N N 13  
ARG N    N N N 14  
ARG CA   C N S 15  
ARG C    C N N 16  
ARG O    O N N 17  
ARG CB   C N N 18  
ARG CG   C N N 19  
ARG CD   C N N 20  
ARG NE   N N N 21  
ARG CZ   C N N 22  
ARG NH1  N N N 23  
ARG NH2  N N N 24  
ARG OXT  O N N 25  
ARG H    H N N 26  
ARG H2   H N N 27  
ARG HA   H N N 28  
ARG HB2  H N N 29  
ARG HB3  H N N 30  
ARG HG2  H N N 31  
ARG HG3  H N N 32  
ARG HD2  H N N 33  
ARG HD3  H N N 34  
ARG HE   H N N 35  
ARG HH11 H N N 36  
ARG HH12 H N N 37  
ARG HH21 H N N 38  
ARG HH22 H N N 39  
ARG HXT  H N N 40  
ASN N    N N N 41  
ASN CA   C N S 42  
ASN C    C N N 43  
ASN O    O N N 44  
ASN CB   C N N 45  
ASN CG   C N N 46  
ASN OD1  O N N 47  
ASN ND2  N N N 48  
ASN OXT  O N N 49  
ASN H    H N N 50  
ASN H2   H N N 51  
ASN HA   H N N 52  
ASN HB2  H N N 53  
ASN HB3  H N N 54  
ASN HD21 H N N 55  
ASN HD22 H N N 56  
ASN HXT  H N N 57  
ASP N    N N N 58  
ASP CA   C N S 59  
ASP C    C N N 60  
ASP O    O N N 61  
ASP CB   C N N 62  
ASP CG   C N N 63  
ASP OD1  O N N 64  
ASP OD2  O N N 65  
ASP OXT  O N N 66  
ASP H    H N N 67  
ASP H2   H N N 68  
ASP HA   H N N 69  
ASP HB2  H N N 70  
ASP HB3  H N N 71  
ASP HD2  H N N 72  
ASP HXT  H N N 73  
GLN N    N N N 74  
GLN CA   C N S 75  
GLN C    C N N 76  
GLN O    O N N 77  
GLN CB   C N N 78  
GLN CG   C N N 79  
GLN CD   C N N 80  
GLN OE1  O N N 81  
GLN NE2  N N N 82  
GLN OXT  O N N 83  
GLN H    H N N 84  
GLN H2   H N N 85  
GLN HA   H N N 86  
GLN HB2  H N N 87  
GLN HB3  H N N 88  
GLN HG2  H N N 89  
GLN HG3  H N N 90  
GLN HE21 H N N 91  
GLN HE22 H N N 92  
GLN HXT  H N N 93  
GLU N    N N N 94  
GLU CA   C N S 95  
GLU C    C N N 96  
GLU O    O N N 97  
GLU CB   C N N 98  
GLU CG   C N N 99  
GLU CD   C N N 100 
GLU OE1  O N N 101 
GLU OE2  O N N 102 
GLU OXT  O N N 103 
GLU H    H N N 104 
GLU H2   H N N 105 
GLU HA   H N N 106 
GLU HB2  H N N 107 
GLU HB3  H N N 108 
GLU HG2  H N N 109 
GLU HG3  H N N 110 
GLU HE2  H N N 111 
GLU HXT  H N N 112 
GLY N    N N N 113 
GLY CA   C N N 114 
GLY C    C N N 115 
GLY O    O N N 116 
GLY OXT  O N N 117 
GLY H    H N N 118 
GLY H2   H N N 119 
GLY HA2  H N N 120 
GLY HA3  H N N 121 
GLY HXT  H N N 122 
HIS N    N N N 123 
HIS CA   C N S 124 
HIS C    C N N 125 
HIS O    O N N 126 
HIS CB   C N N 127 
HIS CG   C Y N 128 
HIS ND1  N Y N 129 
HIS CD2  C Y N 130 
HIS CE1  C Y N 131 
HIS NE2  N Y N 132 
HIS OXT  O N N 133 
HIS H    H N N 134 
HIS H2   H N N 135 
HIS HA   H N N 136 
HIS HB2  H N N 137 
HIS HB3  H N N 138 
HIS HD1  H N N 139 
HIS HD2  H N N 140 
HIS HE1  H N N 141 
HIS HE2  H N N 142 
HIS HXT  H N N 143 
HOH O    O N N 144 
HOH H1   H N N 145 
HOH H2   H N N 146 
ILE N    N N N 147 
ILE CA   C N S 148 
ILE C    C N N 149 
ILE O    O N N 150 
ILE CB   C N S 151 
ILE CG1  C N N 152 
ILE CG2  C N N 153 
ILE CD1  C N N 154 
ILE OXT  O N N 155 
ILE H    H N N 156 
ILE H2   H N N 157 
ILE HA   H N N 158 
ILE HB   H N N 159 
ILE HG12 H N N 160 
ILE HG13 H N N 161 
ILE HG21 H N N 162 
ILE HG22 H N N 163 
ILE HG23 H N N 164 
ILE HD11 H N N 165 
ILE HD12 H N N 166 
ILE HD13 H N N 167 
ILE HXT  H N N 168 
LEU N    N N N 169 
LEU CA   C N S 170 
LEU C    C N N 171 
LEU O    O N N 172 
LEU CB   C N N 173 
LEU CG   C N N 174 
LEU CD1  C N N 175 
LEU CD2  C N N 176 
LEU OXT  O N N 177 
LEU H    H N N 178 
LEU H2   H N N 179 
LEU HA   H N N 180 
LEU HB2  H N N 181 
LEU HB3  H N N 182 
LEU HG   H N N 183 
LEU HD11 H N N 184 
LEU HD12 H N N 185 
LEU HD13 H N N 186 
LEU HD21 H N N 187 
LEU HD22 H N N 188 
LEU HD23 H N N 189 
LEU HXT  H N N 190 
LYS N    N N N 191 
LYS CA   C N S 192 
LYS C    C N N 193 
LYS O    O N N 194 
LYS CB   C N N 195 
LYS CG   C N N 196 
LYS CD   C N N 197 
LYS CE   C N N 198 
LYS NZ   N N N 199 
LYS OXT  O N N 200 
LYS H    H N N 201 
LYS H2   H N N 202 
LYS HA   H N N 203 
LYS HB2  H N N 204 
LYS HB3  H N N 205 
LYS HG2  H N N 206 
LYS HG3  H N N 207 
LYS HD2  H N N 208 
LYS HD3  H N N 209 
LYS HE2  H N N 210 
LYS HE3  H N N 211 
LYS HZ1  H N N 212 
LYS HZ2  H N N 213 
LYS HZ3  H N N 214 
LYS HXT  H N N 215 
MET N    N N N 216 
MET CA   C N S 217 
MET C    C N N 218 
MET O    O N N 219 
MET CB   C N N 220 
MET CG   C N N 221 
MET SD   S N N 222 
MET CE   C N N 223 
MET OXT  O N N 224 
MET H    H N N 225 
MET H2   H N N 226 
MET HA   H N N 227 
MET HB2  H N N 228 
MET HB3  H N N 229 
MET HG2  H N N 230 
MET HG3  H N N 231 
MET HE1  H N N 232 
MET HE2  H N N 233 
MET HE3  H N N 234 
MET HXT  H N N 235 
PHE N    N N N 236 
PHE CA   C N S 237 
PHE C    C N N 238 
PHE O    O N N 239 
PHE CB   C N N 240 
PHE CG   C Y N 241 
PHE CD1  C Y N 242 
PHE CD2  C Y N 243 
PHE CE1  C Y N 244 
PHE CE2  C Y N 245 
PHE CZ   C Y N 246 
PHE OXT  O N N 247 
PHE H    H N N 248 
PHE H2   H N N 249 
PHE HA   H N N 250 
PHE HB2  H N N 251 
PHE HB3  H N N 252 
PHE HD1  H N N 253 
PHE HD2  H N N 254 
PHE HE1  H N N 255 
PHE HE2  H N N 256 
PHE HZ   H N N 257 
PHE HXT  H N N 258 
PRO N    N N N 259 
PRO CA   C N S 260 
PRO C    C N N 261 
PRO O    O N N 262 
PRO CB   C N N 263 
PRO CG   C N N 264 
PRO CD   C N N 265 
PRO OXT  O N N 266 
PRO H    H N N 267 
PRO HA   H N N 268 
PRO HB2  H N N 269 
PRO HB3  H N N 270 
PRO HG2  H N N 271 
PRO HG3  H N N 272 
PRO HD2  H N N 273 
PRO HD3  H N N 274 
PRO HXT  H N N 275 
SER N    N N N 276 
SER CA   C N S 277 
SER C    C N N 278 
SER O    O N N 279 
SER CB   C N N 280 
SER OG   O N N 281 
SER OXT  O N N 282 
SER H    H N N 283 
SER H2   H N N 284 
SER HA   H N N 285 
SER HB2  H N N 286 
SER HB3  H N N 287 
SER HG   H N N 288 
SER HXT  H N N 289 
THR N    N N N 290 
THR CA   C N S 291 
THR C    C N N 292 
THR O    O N N 293 
THR CB   C N R 294 
THR OG1  O N N 295 
THR CG2  C N N 296 
THR OXT  O N N 297 
THR H    H N N 298 
THR H2   H N N 299 
THR HA   H N N 300 
THR HB   H N N 301 
THR HG1  H N N 302 
THR HG21 H N N 303 
THR HG22 H N N 304 
THR HG23 H N N 305 
THR HXT  H N N 306 
TRP N    N N N 307 
TRP CA   C N S 308 
TRP C    C N N 309 
TRP O    O N N 310 
TRP CB   C N N 311 
TRP CG   C Y N 312 
TRP CD1  C Y N 313 
TRP CD2  C Y N 314 
TRP NE1  N Y N 315 
TRP CE2  C Y N 316 
TRP CE3  C Y N 317 
TRP CZ2  C Y N 318 
TRP CZ3  C Y N 319 
TRP CH2  C Y N 320 
TRP OXT  O N N 321 
TRP H    H N N 322 
TRP H2   H N N 323 
TRP HA   H N N 324 
TRP HB2  H N N 325 
TRP HB3  H N N 326 
TRP HD1  H N N 327 
TRP HE1  H N N 328 
TRP HE3  H N N 329 
TRP HZ2  H N N 330 
TRP HZ3  H N N 331 
TRP HH2  H N N 332 
TRP HXT  H N N 333 
TYR N    N N N 334 
TYR CA   C N S 335 
TYR C    C N N 336 
TYR O    O N N 337 
TYR CB   C N N 338 
TYR CG   C Y N 339 
TYR CD1  C Y N 340 
TYR CD2  C Y N 341 
TYR CE1  C Y N 342 
TYR CE2  C Y N 343 
TYR CZ   C Y N 344 
TYR OH   O N N 345 
TYR OXT  O N N 346 
TYR H    H N N 347 
TYR H2   H N N 348 
TYR HA   H N N 349 
TYR HB2  H N N 350 
TYR HB3  H N N 351 
TYR HD1  H N N 352 
TYR HD2  H N N 353 
TYR HE1  H N N 354 
TYR HE2  H N N 355 
TYR HH   H N N 356 
TYR HXT  H N N 357 
VAL N    N N N 358 
VAL CA   C N S 359 
VAL C    C N N 360 
VAL O    O N N 361 
VAL CB   C N N 362 
VAL CG1  C N N 363 
VAL CG2  C N N 364 
VAL OXT  O N N 365 
VAL H    H N N 366 
VAL H2   H N N 367 
VAL HA   H N N 368 
VAL HB   H N N 369 
VAL HG11 H N N 370 
VAL HG12 H N N 371 
VAL HG13 H N N 372 
VAL HG21 H N N 373 
VAL HG22 H N N 374 
VAL HG23 H N N 375 
VAL HXT  H N N 376 
# 
loop_
_chem_comp_bond.comp_id 
_chem_comp_bond.atom_id_1 
_chem_comp_bond.atom_id_2 
_chem_comp_bond.value_order 
_chem_comp_bond.pdbx_aromatic_flag 
_chem_comp_bond.pdbx_stereo_config 
_chem_comp_bond.pdbx_ordinal 
ALA N   CA   sing N N 1   
ALA N   H    sing N N 2   
ALA N   H2   sing N N 3   
ALA CA  C    sing N N 4   
ALA CA  CB   sing N N 5   
ALA CA  HA   sing N N 6   
ALA C   O    doub N N 7   
ALA C   OXT  sing N N 8   
ALA CB  HB1  sing N N 9   
ALA CB  HB2  sing N N 10  
ALA CB  HB3  sing N N 11  
ALA OXT HXT  sing N N 12  
ARG N   CA   sing N N 13  
ARG N   H    sing N N 14  
ARG N   H2   sing N N 15  
ARG CA  C    sing N N 16  
ARG CA  CB   sing N N 17  
ARG CA  HA   sing N N 18  
ARG C   O    doub N N 19  
ARG C   OXT  sing N N 20  
ARG CB  CG   sing N N 21  
ARG CB  HB2  sing N N 22  
ARG CB  HB3  sing N N 23  
ARG CG  CD   sing N N 24  
ARG CG  HG2  sing N N 25  
ARG CG  HG3  sing N N 26  
ARG CD  NE   sing N N 27  
ARG CD  HD2  sing N N 28  
ARG CD  HD3  sing N N 29  
ARG NE  CZ   sing N N 30  
ARG NE  HE   sing N N 31  
ARG CZ  NH1  sing N N 32  
ARG CZ  NH2  doub N N 33  
ARG NH1 HH11 sing N N 34  
ARG NH1 HH12 sing N N 35  
ARG NH2 HH21 sing N N 36  
ARG NH2 HH22 sing N N 37  
ARG OXT HXT  sing N N 38  
ASN N   CA   sing N N 39  
ASN N   H    sing N N 40  
ASN N   H2   sing N N 41  
ASN CA  C    sing N N 42  
ASN CA  CB   sing N N 43  
ASN CA  HA   sing N N 44  
ASN C   O    doub N N 45  
ASN C   OXT  sing N N 46  
ASN CB  CG   sing N N 47  
ASN CB  HB2  sing N N 48  
ASN CB  HB3  sing N N 49  
ASN CG  OD1  doub N N 50  
ASN CG  ND2  sing N N 51  
ASN ND2 HD21 sing N N 52  
ASN ND2 HD22 sing N N 53  
ASN OXT HXT  sing N N 54  
ASP N   CA   sing N N 55  
ASP N   H    sing N N 56  
ASP N   H2   sing N N 57  
ASP CA  C    sing N N 58  
ASP CA  CB   sing N N 59  
ASP CA  HA   sing N N 60  
ASP C   O    doub N N 61  
ASP C   OXT  sing N N 62  
ASP CB  CG   sing N N 63  
ASP CB  HB2  sing N N 64  
ASP CB  HB3  sing N N 65  
ASP CG  OD1  doub N N 66  
ASP CG  OD2  sing N N 67  
ASP OD2 HD2  sing N N 68  
ASP OXT HXT  sing N N 69  
GLN N   CA   sing N N 70  
GLN N   H    sing N N 71  
GLN N   H2   sing N N 72  
GLN CA  C    sing N N 73  
GLN CA  CB   sing N N 74  
GLN CA  HA   sing N N 75  
GLN C   O    doub N N 76  
GLN C   OXT  sing N N 77  
GLN CB  CG   sing N N 78  
GLN CB  HB2  sing N N 79  
GLN CB  HB3  sing N N 80  
GLN CG  CD   sing N N 81  
GLN CG  HG2  sing N N 82  
GLN CG  HG3  sing N N 83  
GLN CD  OE1  doub N N 84  
GLN CD  NE2  sing N N 85  
GLN NE2 HE21 sing N N 86  
GLN NE2 HE22 sing N N 87  
GLN OXT HXT  sing N N 88  
GLU N   CA   sing N N 89  
GLU N   H    sing N N 90  
GLU N   H2   sing N N 91  
GLU CA  C    sing N N 92  
GLU CA  CB   sing N N 93  
GLU CA  HA   sing N N 94  
GLU C   O    doub N N 95  
GLU C   OXT  sing N N 96  
GLU CB  CG   sing N N 97  
GLU CB  HB2  sing N N 98  
GLU CB  HB3  sing N N 99  
GLU CG  CD   sing N N 100 
GLU CG  HG2  sing N N 101 
GLU CG  HG3  sing N N 102 
GLU CD  OE1  doub N N 103 
GLU CD  OE2  sing N N 104 
GLU OE2 HE2  sing N N 105 
GLU OXT HXT  sing N N 106 
GLY N   CA   sing N N 107 
GLY N   H    sing N N 108 
GLY N   H2   sing N N 109 
GLY CA  C    sing N N 110 
GLY CA  HA2  sing N N 111 
GLY CA  HA3  sing N N 112 
GLY C   O    doub N N 113 
GLY C   OXT  sing N N 114 
GLY OXT HXT  sing N N 115 
HIS N   CA   sing N N 116 
HIS N   H    sing N N 117 
HIS N   H2   sing N N 118 
HIS CA  C    sing N N 119 
HIS CA  CB   sing N N 120 
HIS CA  HA   sing N N 121 
HIS C   O    doub N N 122 
HIS C   OXT  sing N N 123 
HIS CB  CG   sing N N 124 
HIS CB  HB2  sing N N 125 
HIS CB  HB3  sing N N 126 
HIS CG  ND1  sing Y N 127 
HIS CG  CD2  doub Y N 128 
HIS ND1 CE1  doub Y N 129 
HIS ND1 HD1  sing N N 130 
HIS CD2 NE2  sing Y N 131 
HIS CD2 HD2  sing N N 132 
HIS CE1 NE2  sing Y N 133 
HIS CE1 HE1  sing N N 134 
HIS NE2 HE2  sing N N 135 
HIS OXT HXT  sing N N 136 
HOH O   H1   sing N N 137 
HOH O   H2   sing N N 138 
ILE N   CA   sing N N 139 
ILE N   H    sing N N 140 
ILE N   H2   sing N N 141 
ILE CA  C    sing N N 142 
ILE CA  CB   sing N N 143 
ILE CA  HA   sing N N 144 
ILE C   O    doub N N 145 
ILE C   OXT  sing N N 146 
ILE CB  CG1  sing N N 147 
ILE CB  CG2  sing N N 148 
ILE CB  HB   sing N N 149 
ILE CG1 CD1  sing N N 150 
ILE CG1 HG12 sing N N 151 
ILE CG1 HG13 sing N N 152 
ILE CG2 HG21 sing N N 153 
ILE CG2 HG22 sing N N 154 
ILE CG2 HG23 sing N N 155 
ILE CD1 HD11 sing N N 156 
ILE CD1 HD12 sing N N 157 
ILE CD1 HD13 sing N N 158 
ILE OXT HXT  sing N N 159 
LEU N   CA   sing N N 160 
LEU N   H    sing N N 161 
LEU N   H2   sing N N 162 
LEU CA  C    sing N N 163 
LEU CA  CB   sing N N 164 
LEU CA  HA   sing N N 165 
LEU C   O    doub N N 166 
LEU C   OXT  sing N N 167 
LEU CB  CG   sing N N 168 
LEU CB  HB2  sing N N 169 
LEU CB  HB3  sing N N 170 
LEU CG  CD1  sing N N 171 
LEU CG  CD2  sing N N 172 
LEU CG  HG   sing N N 173 
LEU CD1 HD11 sing N N 174 
LEU CD1 HD12 sing N N 175 
LEU CD1 HD13 sing N N 176 
LEU CD2 HD21 sing N N 177 
LEU CD2 HD22 sing N N 178 
LEU CD2 HD23 sing N N 179 
LEU OXT HXT  sing N N 180 
LYS N   CA   sing N N 181 
LYS N   H    sing N N 182 
LYS N   H2   sing N N 183 
LYS CA  C    sing N N 184 
LYS CA  CB   sing N N 185 
LYS CA  HA   sing N N 186 
LYS C   O    doub N N 187 
LYS C   OXT  sing N N 188 
LYS CB  CG   sing N N 189 
LYS CB  HB2  sing N N 190 
LYS CB  HB3  sing N N 191 
LYS CG  CD   sing N N 192 
LYS CG  HG2  sing N N 193 
LYS CG  HG3  sing N N 194 
LYS CD  CE   sing N N 195 
LYS CD  HD2  sing N N 196 
LYS CD  HD3  sing N N 197 
LYS CE  NZ   sing N N 198 
LYS CE  HE2  sing N N 199 
LYS CE  HE3  sing N N 200 
LYS NZ  HZ1  sing N N 201 
LYS NZ  HZ2  sing N N 202 
LYS NZ  HZ3  sing N N 203 
LYS OXT HXT  sing N N 204 
MET N   CA   sing N N 205 
MET N   H    sing N N 206 
MET N   H2   sing N N 207 
MET CA  C    sing N N 208 
MET CA  CB   sing N N 209 
MET CA  HA   sing N N 210 
MET C   O    doub N N 211 
MET C   OXT  sing N N 212 
MET CB  CG   sing N N 213 
MET CB  HB2  sing N N 214 
MET CB  HB3  sing N N 215 
MET CG  SD   sing N N 216 
MET CG  HG2  sing N N 217 
MET CG  HG3  sing N N 218 
MET SD  CE   sing N N 219 
MET CE  HE1  sing N N 220 
MET CE  HE2  sing N N 221 
MET CE  HE3  sing N N 222 
MET OXT HXT  sing N N 223 
PHE N   CA   sing N N 224 
PHE N   H    sing N N 225 
PHE N   H2   sing N N 226 
PHE CA  C    sing N N 227 
PHE CA  CB   sing N N 228 
PHE CA  HA   sing N N 229 
PHE C   O    doub N N 230 
PHE C   OXT  sing N N 231 
PHE CB  CG   sing N N 232 
PHE CB  HB2  sing N N 233 
PHE CB  HB3  sing N N 234 
PHE CG  CD1  doub Y N 235 
PHE CG  CD2  sing Y N 236 
PHE CD1 CE1  sing Y N 237 
PHE CD1 HD1  sing N N 238 
PHE CD2 CE2  doub Y N 239 
PHE CD2 HD2  sing N N 240 
PHE CE1 CZ   doub Y N 241 
PHE CE1 HE1  sing N N 242 
PHE CE2 CZ   sing Y N 243 
PHE CE2 HE2  sing N N 244 
PHE CZ  HZ   sing N N 245 
PHE OXT HXT  sing N N 246 
PRO N   CA   sing N N 247 
PRO N   CD   sing N N 248 
PRO N   H    sing N N 249 
PRO CA  C    sing N N 250 
PRO CA  CB   sing N N 251 
PRO CA  HA   sing N N 252 
PRO C   O    doub N N 253 
PRO C   OXT  sing N N 254 
PRO CB  CG   sing N N 255 
PRO CB  HB2  sing N N 256 
PRO CB  HB3  sing N N 257 
PRO CG  CD   sing N N 258 
PRO CG  HG2  sing N N 259 
PRO CG  HG3  sing N N 260 
PRO CD  HD2  sing N N 261 
PRO CD  HD3  sing N N 262 
PRO OXT HXT  sing N N 263 
SER N   CA   sing N N 264 
SER N   H    sing N N 265 
SER N   H2   sing N N 266 
SER CA  C    sing N N 267 
SER CA  CB   sing N N 268 
SER CA  HA   sing N N 269 
SER C   O    doub N N 270 
SER C   OXT  sing N N 271 
SER CB  OG   sing N N 272 
SER CB  HB2  sing N N 273 
SER CB  HB3  sing N N 274 
SER OG  HG   sing N N 275 
SER OXT HXT  sing N N 276 
THR N   CA   sing N N 277 
THR N   H    sing N N 278 
THR N   H2   sing N N 279 
THR CA  C    sing N N 280 
THR CA  CB   sing N N 281 
THR CA  HA   sing N N 282 
THR C   O    doub N N 283 
THR C   OXT  sing N N 284 
THR CB  OG1  sing N N 285 
THR CB  CG2  sing N N 286 
THR CB  HB   sing N N 287 
THR OG1 HG1  sing N N 288 
THR CG2 HG21 sing N N 289 
THR CG2 HG22 sing N N 290 
THR CG2 HG23 sing N N 291 
THR OXT HXT  sing N N 292 
TRP N   CA   sing N N 293 
TRP N   H    sing N N 294 
TRP N   H2   sing N N 295 
TRP CA  C    sing N N 296 
TRP CA  CB   sing N N 297 
TRP CA  HA   sing N N 298 
TRP C   O    doub N N 299 
TRP C   OXT  sing N N 300 
TRP CB  CG   sing N N 301 
TRP CB  HB2  sing N N 302 
TRP CB  HB3  sing N N 303 
TRP CG  CD1  doub Y N 304 
TRP CG  CD2  sing Y N 305 
TRP CD1 NE1  sing Y N 306 
TRP CD1 HD1  sing N N 307 
TRP CD2 CE2  doub Y N 308 
TRP CD2 CE3  sing Y N 309 
TRP NE1 CE2  sing Y N 310 
TRP NE1 HE1  sing N N 311 
TRP CE2 CZ2  sing Y N 312 
TRP CE3 CZ3  doub Y N 313 
TRP CE3 HE3  sing N N 314 
TRP CZ2 CH2  doub Y N 315 
TRP CZ2 HZ2  sing N N 316 
TRP CZ3 CH2  sing Y N 317 
TRP CZ3 HZ3  sing N N 318 
TRP CH2 HH2  sing N N 319 
TRP OXT HXT  sing N N 320 
TYR N   CA   sing N N 321 
TYR N   H    sing N N 322 
TYR N   H2   sing N N 323 
TYR CA  C    sing N N 324 
TYR CA  CB   sing N N 325 
TYR CA  HA   sing N N 326 
TYR C   O    doub N N 327 
TYR C   OXT  sing N N 328 
TYR CB  CG   sing N N 329 
TYR CB  HB2  sing N N 330 
TYR CB  HB3  sing N N 331 
TYR CG  CD1  doub Y N 332 
TYR CG  CD2  sing Y N 333 
TYR CD1 CE1  sing Y N 334 
TYR CD1 HD1  sing N N 335 
TYR CD2 CE2  doub Y N 336 
TYR CD2 HD2  sing N N 337 
TYR CE1 CZ   doub Y N 338 
TYR CE1 HE1  sing N N 339 
TYR CE2 CZ   sing Y N 340 
TYR CE2 HE2  sing N N 341 
TYR CZ  OH   sing N N 342 
TYR OH  HH   sing N N 343 
TYR OXT HXT  sing N N 344 
VAL N   CA   sing N N 345 
VAL N   H    sing N N 346 
VAL N   H2   sing N N 347 
VAL CA  C    sing N N 348 
VAL CA  CB   sing N N 349 
VAL CA  HA   sing N N 350 
VAL C   O    doub N N 351 
VAL C   OXT  sing N N 352 
VAL CB  CG1  sing N N 353 
VAL CB  CG2  sing N N 354 
VAL CB  HB   sing N N 355 
VAL CG1 HG11 sing N N 356 
VAL CG1 HG12 sing N N 357 
VAL CG1 HG13 sing N N 358 
VAL CG2 HG21 sing N N 359 
VAL CG2 HG22 sing N N 360 
VAL CG2 HG23 sing N N 361 
VAL OXT HXT  sing N N 362 
# 
_atom_sites.entry_id                    2Z99 
_atom_sites.fract_transf_matrix[1][1]   -0.00094231 
_atom_sites.fract_transf_matrix[1][2]   -0.00448257 
_atom_sites.fract_transf_matrix[1][3]   -0.00709821 
_atom_sites.fract_transf_matrix[2][1]   0.00580550 
_atom_sites.fract_transf_matrix[2][2]   -0.00573942 
_atom_sites.fract_transf_matrix[2][3]   -0.00217344 
_atom_sites.fract_transf_matrix[3][1]   -0.00638492 
_atom_sites.fract_transf_matrix[3][2]   -0.00891023 
_atom_sites.fract_transf_matrix[3][3]   0.00647449 
_atom_sites.fract_transf_vector[1]      0.473152 
_atom_sites.fract_transf_vector[2]      0.454088 
_atom_sites.fract_transf_vector[3]      -0.184952 
# 
loop_
_atom_type.symbol 
C 
N 
O 
S 
# 
loop_
_atom_site.group_PDB 
_atom_site.id 
_atom_site.type_symbol 
_atom_site.label_atom_id 
_atom_site.label_alt_id 
_atom_site.label_comp_id 
_atom_site.label_asym_id 
_atom_site.label_entity_id 
_atom_site.label_seq_id 
_atom_site.pdbx_PDB_ins_code 
_atom_site.Cartn_x 
_atom_site.Cartn_y 
_atom_site.Cartn_z 
_atom_site.occupancy 
_atom_site.B_iso_or_equiv 
_atom_site.pdbx_formal_charge 
_atom_site.auth_seq_id 
_atom_site.auth_comp_id 
_atom_site.auth_asym_id 
_atom_site.auth_atom_id 
_atom_site.pdbx_PDB_model_num 
ATOM   1    N N   . ALA A 1 9   ? -13.770 -39.810 11.872  1.00 78.41  ? 21  ALA A N   1 
ATOM   2    C CA  . ALA A 1 9   ? -13.272 -38.736 10.967  1.00 78.21  ? 21  ALA A CA  1 
ATOM   3    C C   . ALA A 1 9   ? -11.748 -38.797 10.865  1.00 77.32  ? 21  ALA A C   1 
ATOM   4    O O   . ALA A 1 9   ? -11.051 -38.769 11.885  1.00 77.69  ? 21  ALA A O   1 
ATOM   5    C CB  . ALA A 1 9   ? -13.711 -37.370 11.500  1.00 78.79  ? 21  ALA A CB  1 
ATOM   6    N N   . GLU A 1 10  ? -11.234 -38.888 9.639   1.00 75.08  ? 22  GLU A N   1 
ATOM   7    C CA  . GLU A 1 10  ? -9.789  -38.944 9.427   1.00 71.47  ? 22  GLU A CA  1 
ATOM   8    C C   . GLU A 1 10  ? -9.369  -38.254 8.136   1.00 67.99  ? 22  GLU A C   1 
ATOM   9    O O   . GLU A 1 10  ? -10.007 -38.412 7.090   1.00 68.53  ? 22  GLU A O   1 
ATOM   10   C CB  . GLU A 1 10  ? -9.296  -40.391 9.408   1.00 73.74  ? 22  GLU A CB  1 
ATOM   11   C CG  . GLU A 1 10  ? -8.142  -40.658 10.374  1.00 76.49  ? 22  GLU A CG  1 
ATOM   12   C CD  . GLU A 1 10  ? -7.144  -39.508 10.448  1.00 76.38  ? 22  GLU A CD  1 
ATOM   13   O OE1 . GLU A 1 10  ? -7.472  -38.475 11.064  1.00 77.08  ? 22  GLU A OE1 1 
ATOM   14   O OE2 . GLU A 1 10  ? -6.034  -39.634 9.890   1.00 77.74  ? 22  GLU A OE2 1 
ATOM   15   N N   . LEU A 1 11  ? -8.274  -37.505 8.218   1.00 62.67  ? 23  LEU A N   1 
ATOM   16   C CA  . LEU A 1 11  ? -7.757  -36.750 7.086   1.00 57.29  ? 23  LEU A CA  1 
ATOM   17   C C   . LEU A 1 11  ? -6.409  -37.284 6.610   1.00 54.94  ? 23  LEU A C   1 
ATOM   18   O O   . LEU A 1 11  ? -5.473  -37.395 7.399   1.00 53.97  ? 23  LEU A O   1 
ATOM   19   C CB  . LEU A 1 11  ? -7.566  -35.284 7.487   1.00 54.14  ? 23  LEU A CB  1 
ATOM   20   C CG  . LEU A 1 11  ? -8.513  -34.658 8.507   1.00 52.81  ? 23  LEU A CG  1 
ATOM   21   C CD1 . LEU A 1 11  ? -7.917  -33.360 9.022   1.00 51.21  ? 23  LEU A CD1 1 
ATOM   22   C CD2 . LEU A 1 11  ? -9.866  -34.423 7.887   1.00 50.34  ? 23  LEU A CD2 1 
ATOM   23   N N   . ASP A 1 12  ? -6.304  -37.599 5.323   1.00 52.46  ? 24  ASP A N   1 
ATOM   24   C CA  . ASP A 1 12  ? -5.039  -38.075 4.799   1.00 51.50  ? 24  ASP A CA  1 
ATOM   25   C C   . ASP A 1 12  ? -4.100  -36.879 4.702   1.00 51.26  ? 24  ASP A C   1 
ATOM   26   O O   . ASP A 1 12  ? -4.497  -35.745 4.971   1.00 50.96  ? 24  ASP A O   1 
ATOM   27   C CB  . ASP A 1 12  ? -5.213  -38.738 3.424   1.00 53.78  ? 24  ASP A CB  1 
ATOM   28   C CG  . ASP A 1 12  ? -5.703  -37.780 2.356   1.00 55.56  ? 24  ASP A CG  1 
ATOM   29   O OD1 . ASP A 1 12  ? -5.111  -36.692 2.203   1.00 57.53  ? 24  ASP A OD1 1 
ATOM   30   O OD2 . ASP A 1 12  ? -6.674  -38.125 1.648   1.00 57.81  ? 24  ASP A OD2 1 
ATOM   31   N N   . ALA A 1 13  ? -2.856  -37.136 4.318   1.00 49.73  ? 25  ALA A N   1 
ATOM   32   C CA  . ALA A 1 13  ? -1.849  -36.095 4.208   1.00 49.11  ? 25  ALA A CA  1 
ATOM   33   C C   . ALA A 1 13  ? -2.359  -34.864 3.485   1.00 49.81  ? 25  ALA A C   1 
ATOM   34   O O   . ALA A 1 13  ? -2.261  -33.745 3.990   1.00 48.87  ? 25  ALA A O   1 
ATOM   35   C CB  . ALA A 1 13  ? -0.629  -36.638 3.498   1.00 46.85  ? 25  ALA A CB  1 
ATOM   36   N N   . ASP A 1 14  ? -2.900  -35.082 2.293   1.00 50.22  ? 26  ASP A N   1 
ATOM   37   C CA  . ASP A 1 14  ? -3.421  -33.998 1.475   1.00 50.36  ? 26  ASP A CA  1 
ATOM   38   C C   . ASP A 1 14  ? -4.591  -33.239 2.097   1.00 47.57  ? 26  ASP A C   1 
ATOM   39   O O   . ASP A 1 14  ? -4.740  -32.048 1.864   1.00 48.40  ? 26  ASP A O   1 
ATOM   40   C CB  . ASP A 1 14  ? -3.807  -34.532 0.089   1.00 52.57  ? 26  ASP A CB  1 
ATOM   41   C CG  . ASP A 1 14  ? -2.614  -34.639 -0.843  1.00 53.02  ? 26  ASP A CG  1 
ATOM   42   O OD1 . ASP A 1 14  ? -1.469  -34.479 -0.364  1.00 54.94  ? 26  ASP A OD1 1 
ATOM   43   O OD2 . ASP A 1 14  ? -2.822  -34.878 -2.051  1.00 53.04  ? 26  ASP A OD2 1 
ATOM   44   N N   . GLU A 1 15  ? -5.423  -33.910 2.879   1.00 45.78  ? 27  GLU A N   1 
ATOM   45   C CA  . GLU A 1 15  ? -6.537  -33.210 3.512   1.00 46.81  ? 27  GLU A CA  1 
ATOM   46   C C   . GLU A 1 15  ? -6.049  -32.352 4.668   1.00 44.94  ? 27  GLU A C   1 
ATOM   47   O O   . GLU A 1 15  ? -6.429  -31.202 4.795   1.00 46.50  ? 27  GLU A O   1 
ATOM   48   C CB  . GLU A 1 15  ? -7.590  -34.193 4.016   1.00 47.21  ? 27  GLU A CB  1 
ATOM   49   C CG  . GLU A 1 15  ? -8.715  -34.388 3.045   1.00 50.95  ? 27  GLU A CG  1 
ATOM   50   C CD  . GLU A 1 15  ? -9.411  -33.087 2.704   1.00 53.67  ? 27  GLU A CD  1 
ATOM   51   O OE1 . GLU A 1 15  ? -10.032 -32.493 3.610   1.00 52.50  ? 27  GLU A OE1 1 
ATOM   52   O OE2 . GLU A 1 15  ? -9.328  -32.653 1.530   1.00 55.91  ? 27  GLU A OE2 1 
ATOM   53   N N   . LEU A 1 16  ? -5.188  -32.918 5.501   1.00 44.22  ? 28  LEU A N   1 
ATOM   54   C CA  . LEU A 1 16  ? -4.645  -32.202 6.651   1.00 44.23  ? 28  LEU A CA  1 
ATOM   55   C C   . LEU A 1 16  ? -3.974  -30.918 6.178   1.00 44.76  ? 28  LEU A C   1 
ATOM   56   O O   . LEU A 1 16  ? -4.091  -29.872 6.821   1.00 44.01  ? 28  LEU A O   1 
ATOM   57   C CB  . LEU A 1 16  ? -3.615  -33.069 7.378   1.00 42.51  ? 28  LEU A CB  1 
ATOM   58   C CG  . LEU A 1 16  ? -3.491  -32.969 8.904   1.00 43.19  ? 28  LEU A CG  1 
ATOM   59   C CD1 . LEU A 1 16  ? -2.019  -32.837 9.276   1.00 38.44  ? 28  LEU A CD1 1 
ATOM   60   C CD2 . LEU A 1 16  ? -4.290  -31.803 9.435   1.00 40.23  ? 28  LEU A CD2 1 
ATOM   61   N N   . LYS A 1 17  ? -3.269  -31.004 5.054   1.00 43.93  ? 29  LYS A N   1 
ATOM   62   C CA  . LYS A 1 17  ? -2.584  -29.846 4.505   1.00 44.25  ? 29  LYS A CA  1 
ATOM   63   C C   . LYS A 1 17  ? -3.601  -28.766 4.146   1.00 43.80  ? 29  LYS A C   1 
ATOM   64   O O   . LYS A 1 17  ? -3.373  -27.583 4.382   1.00 41.76  ? 29  LYS A O   1 
ATOM   65   C CB  . LYS A 1 17  ? -1.766  -30.248 3.275   1.00 43.80  ? 29  LYS A CB  1 
ATOM   66   C CG  . LYS A 1 17  ? -1.005  -29.103 2.617   1.00 47.83  ? 29  LYS A CG  1 
ATOM   67   C CD  . LYS A 1 17  ? 0.286   -29.617 1.979   1.00 51.78  ? 29  LYS A CD  1 
ATOM   68   C CE  . LYS A 1 17  ? 0.997   -28.555 1.150   1.00 50.60  ? 29  LYS A CE  1 
ATOM   69   N NZ  . LYS A 1 17  ? 0.349   -28.352 -0.177  1.00 53.19  ? 29  LYS A NZ  1 
ATOM   70   N N   . ARG A 1 18  ? -4.733  -29.184 3.591   1.00 42.40  ? 30  ARG A N   1 
ATOM   71   C CA  . ARG A 1 18  ? -5.774  -28.242 3.207   1.00 41.03  ? 30  ARG A CA  1 
ATOM   72   C C   . ARG A 1 18  ? -6.338  -27.539 4.427   1.00 40.80  ? 30  ARG A C   1 
ATOM   73   O O   . ARG A 1 18  ? -6.318  -26.311 4.506   1.00 45.33  ? 30  ARG A O   1 
ATOM   74   C CB  . ARG A 1 18  ? -6.892  -28.968 2.473   1.00 40.57  ? 30  ARG A CB  1 
ATOM   75   C CG  . ARG A 1 18  ? -6.418  -29.664 1.220   1.00 39.53  ? 30  ARG A CG  1 
ATOM   76   C CD  . ARG A 1 18  ? -7.570  -30.307 0.495   1.00 38.04  ? 30  ARG A CD  1 
ATOM   77   N NE  . ARG A 1 18  ? -7.136  -30.793 -0.804  1.00 39.66  ? 30  ARG A NE  1 
ATOM   78   C CZ  . ARG A 1 18  ? -7.009  -32.078 -1.119  1.00 40.25  ? 30  ARG A CZ  1 
ATOM   79   N NH1 . ARG A 1 18  ? -7.291  -33.024 -0.231  1.00 37.50  ? 30  ARG A NH1 1 
ATOM   80   N NH2 . ARG A 1 18  ? -6.589  -32.407 -2.329  1.00 40.47  ? 30  ARG A NH2 1 
ATOM   81   N N   . VAL A 1 19  ? -6.850  -28.313 5.376   1.00 40.47  ? 31  VAL A N   1 
ATOM   82   C CA  . VAL A 1 19  ? -7.404  -27.746 6.588   1.00 37.09  ? 31  VAL A CA  1 
ATOM   83   C C   . VAL A 1 19  ? -6.406  -26.753 7.204   1.00 39.21  ? 31  VAL A C   1 
ATOM   84   O O   . VAL A 1 19  ? -6.776  -25.627 7.537   1.00 40.73  ? 31  VAL A O   1 
ATOM   85   C CB  . VAL A 1 19  ? -7.730  -28.851 7.614   1.00 37.63  ? 31  VAL A CB  1 
ATOM   86   C CG1 . VAL A 1 19  ? -8.334  -28.236 8.857   1.00 33.77  ? 31  VAL A CG1 1 
ATOM   87   C CG2 . VAL A 1 19  ? -8.702  -29.855 7.015   1.00 32.41  ? 31  VAL A CG2 1 
ATOM   88   N N   . LEU A 1 20  ? -5.139  -27.146 7.327   1.00 36.11  ? 32  LEU A N   1 
ATOM   89   C CA  . LEU A 1 20  ? -4.143  -26.261 7.913   1.00 36.78  ? 32  LEU A CA  1 
ATOM   90   C C   . LEU A 1 20  ? -3.951  -24.964 7.129   1.00 38.80  ? 32  LEU A C   1 
ATOM   91   O O   . LEU A 1 20  ? -3.591  -23.933 7.707   1.00 36.54  ? 32  LEU A O   1 
ATOM   92   C CB  . LEU A 1 20  ? -2.798  -26.980 8.077   1.00 34.84  ? 32  LEU A CB  1 
ATOM   93   C CG  . LEU A 1 20  ? -2.773  -28.094 9.138   1.00 37.20  ? 32  LEU A CG  1 
ATOM   94   C CD1 . LEU A 1 20  ? -1.364  -28.700 9.269   1.00 33.30  ? 32  LEU A CD1 1 
ATOM   95   C CD2 . LEU A 1 20  ? -3.220  -27.520 10.479  1.00 36.02  ? 32  LEU A CD2 1 
ATOM   96   N N   . GLU A 1 21  ? -4.181  -25.014 5.820   1.00 37.81  ? 33  GLU A N   1 
ATOM   97   C CA  . GLU A 1 21  ? -4.043  -23.820 4.996   1.00 40.69  ? 33  GLU A CA  1 
ATOM   98   C C   . GLU A 1 21  ? -5.190  -22.871 5.348   1.00 39.75  ? 33  GLU A C   1 
ATOM   99   O O   . GLU A 1 21  ? -4.990  -21.684 5.537   1.00 40.41  ? 33  GLU A O   1 
ATOM   100  C CB  . GLU A 1 21  ? -4.114  -24.163 3.493   1.00 40.08  ? 33  GLU A CB  1 
ATOM   101  C CG  . GLU A 1 21  ? -2.928  -24.957 2.946   1.00 41.21  ? 33  GLU A CG  1 
ATOM   102  C CD  . GLU A 1 21  ? -3.030  -25.206 1.447   1.00 41.47  ? 33  GLU A CD  1 
ATOM   103  O OE1 . GLU A 1 21  ? -4.103  -25.644 0.975   1.00 37.43  ? 33  GLU A OE1 1 
ATOM   104  O OE2 . GLU A 1 21  ? -2.030  -24.966 0.742   1.00 44.03  ? 33  GLU A OE2 1 
ATOM   105  N N   . ALA A 1 22  ? -6.398  -23.411 5.427   1.00 40.71  ? 34  ALA A N   1 
ATOM   106  C CA  . ALA A 1 22  ? -7.562  -22.612 5.754   1.00 38.88  ? 34  ALA A CA  1 
ATOM   107  C C   . ALA A 1 22  ? -7.374  -21.933 7.108   1.00 41.12  ? 34  ALA A C   1 
ATOM   108  O O   . ALA A 1 22  ? -7.646  -20.742 7.243   1.00 43.89  ? 34  ALA A O   1 
ATOM   109  C CB  . ALA A 1 22  ? -8.801  -23.484 5.776   1.00 36.23  ? 34  ALA A CB  1 
ATOM   110  N N   . LEU A 1 23  ? -6.886  -22.687 8.092   1.00 40.51  ? 35  LEU A N   1 
ATOM   111  C CA  . LEU A 1 23  ? -6.690  -22.176 9.442   1.00 40.45  ? 35  LEU A CA  1 
ATOM   112  C C   . LEU A 1 23  ? -5.580  -21.149 9.543   1.00 42.28  ? 35  LEU A C   1 
ATOM   113  O O   . LEU A 1 23  ? -5.752  -20.104 10.175  1.00 45.80  ? 35  LEU A O   1 
ATOM   114  C CB  . LEU A 1 23  ? -6.433  -23.335 10.423  1.00 39.06  ? 35  LEU A CB  1 
ATOM   115  C CG  . LEU A 1 23  ? -7.483  -24.459 10.423  1.00 36.97  ? 35  LEU A CG  1 
ATOM   116  C CD1 . LEU A 1 23  ? -7.082  -25.561 11.392  1.00 36.17  ? 35  LEU A CD1 1 
ATOM   117  C CD2 . LEU A 1 23  ? -8.845  -23.900 10.786  1.00 38.31  ? 35  LEU A CD2 1 
ATOM   118  N N   . LEU A 1 24  ? -4.442  -21.428 8.925   1.00 41.44  ? 36  LEU A N   1 
ATOM   119  C CA  . LEU A 1 24  ? -3.333  -20.491 8.968   1.00 40.75  ? 36  LEU A CA  1 
ATOM   120  C C   . LEU A 1 24  ? -3.707  -19.171 8.304   1.00 41.21  ? 36  LEU A C   1 
ATOM   121  O O   . LEU A 1 24  ? -3.012  -18.165 8.470   1.00 39.44  ? 36  LEU A O   1 
ATOM   122  C CB  . LEU A 1 24  ? -2.118  -21.066 8.246   1.00 39.46  ? 36  LEU A CB  1 
ATOM   123  C CG  . LEU A 1 24  ? -1.350  -22.190 8.934   1.00 39.46  ? 36  LEU A CG  1 
ATOM   124  C CD1 . LEU A 1 24  ? -0.286  -22.721 7.980   1.00 37.10  ? 36  LEU A CD1 1 
ATOM   125  C CD2 . LEU A 1 24  ? -0.728  -21.662 10.225  1.00 36.07  ? 36  LEU A CD2 1 
ATOM   126  N N   . LEU A 1 25  ? -4.805  -19.178 7.554   1.00 40.08  ? 37  LEU A N   1 
ATOM   127  C CA  . LEU A 1 25  ? -5.240  -17.980 6.844   1.00 41.16  ? 37  LEU A CA  1 
ATOM   128  C C   . LEU A 1 25  ? -6.023  -17.008 7.713   1.00 40.43  ? 37  LEU A C   1 
ATOM   129  O O   . LEU A 1 25  ? -5.745  -15.811 7.706   1.00 42.66  ? 37  LEU A O   1 
ATOM   130  C CB  . LEU A 1 25  ? -6.097  -18.364 5.621   1.00 38.63  ? 37  LEU A CB  1 
ATOM   131  C CG  . LEU A 1 25  ? -6.587  -17.212 4.730   1.00 37.73  ? 37  LEU A CG  1 
ATOM   132  C CD1 . LEU A 1 25  ? -5.437  -16.706 3.865   1.00 34.23  ? 37  LEU A CD1 1 
ATOM   133  C CD2 . LEU A 1 25  ? -7.745  -17.673 3.849   1.00 37.10  ? 37  LEU A CD2 1 
ATOM   134  N N   . VAL A 1 26  ? -6.984  -17.528 8.473   1.00 40.80  ? 38  VAL A N   1 
ATOM   135  C CA  . VAL A 1 26  ? -7.843  -16.705 9.323   1.00 41.80  ? 38  VAL A CA  1 
ATOM   136  C C   . VAL A 1 26  ? -7.265  -16.121 10.620  1.00 42.39  ? 38  VAL A C   1 
ATOM   137  O O   . VAL A 1 26  ? -7.871  -15.231 11.220  1.00 43.68  ? 38  VAL A O   1 
ATOM   138  C CB  . VAL A 1 26  ? -9.126  -17.463 9.707   1.00 39.16  ? 38  VAL A CB  1 
ATOM   139  C CG1 . VAL A 1 26  ? -10.217 -16.471 9.994   1.00 43.89  ? 38  VAL A CG1 1 
ATOM   140  C CG2 . VAL A 1 26  ? -9.559  -18.376 8.598   1.00 43.52  ? 38  VAL A CG2 1 
ATOM   141  N N   . ILE A 1 27  ? -6.107  -16.600 11.058  1.00 43.60  ? 39  ILE A N   1 
ATOM   142  C CA  . ILE A 1 27  ? -5.529  -16.103 12.304  1.00 44.87  ? 39  ILE A CA  1 
ATOM   143  C C   . ILE A 1 27  ? -4.834  -14.755 12.165  1.00 49.66  ? 39  ILE A C   1 
ATOM   144  O O   . ILE A 1 27  ? -4.203  -14.470 11.144  1.00 52.43  ? 39  ILE A O   1 
ATOM   145  C CB  . ILE A 1 27  ? -4.518  -17.102 12.888  1.00 40.73  ? 39  ILE A CB  1 
ATOM   146  C CG1 . ILE A 1 27  ? -3.346  -17.271 11.926  1.00 40.46  ? 39  ILE A CG1 1 
ATOM   147  C CG2 . ILE A 1 27  ? -5.214  -18.415 13.187  1.00 38.51  ? 39  ILE A CG2 1 
ATOM   148  C CD1 . ILE A 1 27  ? -2.253  -18.150 12.428  1.00 37.06  ? 39  ILE A CD1 1 
ATOM   149  N N   . ASP A 1 28  ? -4.937  -13.931 13.205  1.00 52.80  ? 40  ASP A N   1 
ATOM   150  C CA  . ASP A 1 28  ? -4.313  -12.613 13.203  1.00 54.41  ? 40  ASP A CA  1 
ATOM   151  C C   . ASP A 1 28  ? -3.126  -12.586 14.168  1.00 54.16  ? 40  ASP A C   1 
ATOM   152  O O   . ASP A 1 28  ? -2.519  -11.537 14.401  1.00 54.71  ? 40  ASP A O   1 
ATOM   153  C CB  . ASP A 1 28  ? -5.341  -11.552 13.608  1.00 58.18  ? 40  ASP A CB  1 
ATOM   154  C CG  . ASP A 1 28  ? -5.094  -10.208 12.935  1.00 61.79  ? 40  ASP A CG  1 
ATOM   155  O OD1 . ASP A 1 28  ? -5.010  -10.159 11.681  1.00 62.46  ? 40  ASP A OD1 1 
ATOM   156  O OD2 . ASP A 1 28  ? -4.994  -9.197  13.661  1.00 63.46  ? 40  ASP A OD2 1 
ATOM   157  N N   . THR A 1 29  ? -2.802  -13.747 14.723  1.00 53.07  ? 41  THR A N   1 
ATOM   158  C CA  . THR A 1 29  ? -1.689  -13.890 15.662  1.00 52.31  ? 41  THR A CA  1 
ATOM   159  C C   . THR A 1 29  ? -1.215  -15.326 15.533  1.00 49.41  ? 41  THR A C   1 
ATOM   160  O O   . THR A 1 29  ? -1.971  -16.186 15.111  1.00 50.08  ? 41  THR A O   1 
ATOM   161  C CB  . THR A 1 29  ? -2.134  -13.662 17.147  1.00 53.68  ? 41  THR A CB  1 
ATOM   162  O OG1 . THR A 1 29  ? -2.839  -14.816 17.631  1.00 56.34  ? 41  THR A OG1 1 
ATOM   163  C CG2 . THR A 1 29  ? -3.047  -12.463 17.257  1.00 55.10  ? 41  THR A CG2 1 
ATOM   164  N N   . PRO A 1 30  ? 0.041   -15.608 15.893  1.00 48.64  ? 42  PRO A N   1 
ATOM   165  C CA  . PRO A 1 30  ? 0.512   -16.987 15.780  1.00 48.18  ? 42  PRO A CA  1 
ATOM   166  C C   . PRO A 1 30  ? -0.416  -17.955 16.501  1.00 50.09  ? 42  PRO A C   1 
ATOM   167  O O   . PRO A 1 30  ? -1.026  -17.605 17.516  1.00 49.68  ? 42  PRO A O   1 
ATOM   168  C CB  . PRO A 1 30  ? 1.885   -16.938 16.436  1.00 46.64  ? 42  PRO A CB  1 
ATOM   169  C CG  . PRO A 1 30  ? 2.360   -15.559 16.109  1.00 47.98  ? 42  PRO A CG  1 
ATOM   170  C CD  . PRO A 1 30  ? 1.127   -14.707 16.317  1.00 47.12  ? 42  PRO A CD  1 
ATOM   171  N N   . VAL A 1 31  ? -0.546  -19.157 15.945  1.00 50.75  ? 43  VAL A N   1 
ATOM   172  C CA  . VAL A 1 31  ? -1.344  -20.214 16.551  1.00 50.57  ? 43  VAL A CA  1 
ATOM   173  C C   . VAL A 1 31  ? -0.345  -21.269 16.976  1.00 51.90  ? 43  VAL A C   1 
ATOM   174  O O   . VAL A 1 31  ? 0.796   -21.296 16.497  1.00 54.13  ? 43  VAL A O   1 
ATOM   175  C CB  . VAL A 1 31  ? -2.329  -20.897 15.578  1.00 51.87  ? 43  VAL A CB  1 
ATOM   176  C CG1 . VAL A 1 31  ? -3.628  -20.157 15.552  1.00 52.17  ? 43  VAL A CG1 1 
ATOM   177  C CG2 . VAL A 1 31  ? -1.723  -20.982 14.191  1.00 53.22  ? 43  VAL A CG2 1 
ATOM   178  N N   . THR A 1 32  ? -0.768  -22.145 17.869  1.00 50.60  ? 44  THR A N   1 
ATOM   179  C CA  . THR A 1 32  ? 0.116   -23.185 18.344  1.00 50.65  ? 44  THR A CA  1 
ATOM   180  C C   . THR A 1 32  ? -0.207  -24.497 17.645  1.00 48.32  ? 44  THR A C   1 
ATOM   181  O O   . THR A 1 32  ? -1.338  -24.719 17.210  1.00 46.84  ? 44  THR A O   1 
ATOM   182  C CB  . THR A 1 32  ? -0.031  -23.358 19.867  1.00 51.61  ? 44  THR A CB  1 
ATOM   183  O OG1 . THR A 1 32  ? 0.903   -24.339 20.324  1.00 57.90  ? 44  THR A OG1 1 
ATOM   184  C CG2 . THR A 1 32  ? -1.440  -23.806 20.226  1.00 51.46  ? 44  THR A CG2 1 
ATOM   185  N N   . ALA A 1 33  ? 0.796   -25.357 17.525  1.00 47.38  ? 45  ALA A N   1 
ATOM   186  C CA  . ALA A 1 33  ? 0.596   -26.657 16.907  1.00 47.35  ? 45  ALA A CA  1 
ATOM   187  C C   . ALA A 1 33  ? -0.552  -27.349 17.643  1.00 48.66  ? 45  ALA A C   1 
ATOM   188  O O   . ALA A 1 33  ? -1.421  -27.975 17.022  1.00 47.48  ? 45  ALA A O   1 
ATOM   189  C CB  . ALA A 1 33  ? 1.859   -27.474 17.012  1.00 47.71  ? 45  ALA A CB  1 
ATOM   190  N N   . ASP A 1 34  ? -0.572  -27.196 18.969  1.00 48.82  ? 46  ASP A N   1 
ATOM   191  C CA  . ASP A 1 34  ? -1.605  -27.802 19.806  1.00 48.65  ? 46  ASP A CA  1 
ATOM   192  C C   . ASP A 1 34  ? -2.981  -27.268 19.479  1.00 46.77  ? 46  ASP A C   1 
ATOM   193  O O   . ASP A 1 34  ? -3.946  -28.024 19.427  1.00 48.67  ? 46  ASP A O   1 
ATOM   194  C CB  . ASP A 1 34  ? -1.323  -27.554 21.291  1.00 51.30  ? 46  ASP A CB  1 
ATOM   195  C CG  . ASP A 1 34  ? 0.073   -27.970 21.694  1.00 55.43  ? 46  ASP A CG  1 
ATOM   196  O OD1 . ASP A 1 34  ? 1.039   -27.286 21.289  1.00 60.70  ? 46  ASP A OD1 1 
ATOM   197  O OD2 . ASP A 1 34  ? 0.215   -28.985 22.409  1.00 58.24  ? 46  ASP A OD2 1 
ATOM   198  N N   . ALA A 1 35  ? -3.077  -25.962 19.273  1.00 46.88  ? 47  ALA A N   1 
ATOM   199  C CA  . ALA A 1 35  ? -4.362  -25.349 18.957  1.00 44.60  ? 47  ALA A CA  1 
ATOM   200  C C   . ALA A 1 35  ? -4.866  -25.938 17.646  1.00 43.59  ? 47  ALA A C   1 
ATOM   201  O O   . ALA A 1 35  ? -6.032  -26.333 17.526  1.00 42.85  ? 47  ALA A O   1 
ATOM   202  C CB  . ALA A 1 35  ? -4.207  -23.845 18.832  1.00 45.13  ? 47  ALA A CB  1 
ATOM   203  N N   . LEU A 1 36  ? -3.972  -25.988 16.663  1.00 42.91  ? 48  LEU A N   1 
ATOM   204  C CA  . LEU A 1 36  ? -4.298  -26.540 15.355  1.00 42.28  ? 48  LEU A CA  1 
ATOM   205  C C   . LEU A 1 36  ? -4.634  -28.020 15.538  1.00 42.17  ? 48  LEU A C   1 
ATOM   206  O O   . LEU A 1 36  ? -5.658  -28.501 15.053  1.00 40.79  ? 48  LEU A O   1 
ATOM   207  C CB  . LEU A 1 36  ? -3.104  -26.348 14.408  1.00 40.73  ? 48  LEU A CB  1 
ATOM   208  C CG  . LEU A 1 36  ? -2.887  -24.878 14.011  1.00 39.98  ? 48  LEU A CG  1 
ATOM   209  C CD1 . LEU A 1 36  ? -1.626  -24.710 13.220  1.00 37.99  ? 48  LEU A CD1 1 
ATOM   210  C CD2 . LEU A 1 36  ? -4.075  -24.400 13.205  1.00 39.19  ? 48  LEU A CD2 1 
ATOM   211  N N   . ALA A 1 37  ? -3.781  -28.723 16.277  1.00 41.96  ? 49  ALA A N   1 
ATOM   212  C CA  . ALA A 1 37  ? -3.987  -30.141 16.549  1.00 41.58  ? 49  ALA A CA  1 
ATOM   213  C C   . ALA A 1 37  ? -5.376  -30.367 17.125  1.00 41.96  ? 49  ALA A C   1 
ATOM   214  O O   . ALA A 1 37  ? -6.153  -31.200 16.637  1.00 41.53  ? 49  ALA A O   1 
ATOM   215  C CB  . ALA A 1 37  ? -2.928  -30.636 17.524  1.00 38.46  ? 49  ALA A CB  1 
ATOM   216  N N   . ALA A 1 38  ? -5.698  -29.615 18.169  1.00 42.44  ? 50  ALA A N   1 
ATOM   217  C CA  . ALA A 1 38  ? -7.001  -29.751 18.803  1.00 42.96  ? 50  ALA A CA  1 
ATOM   218  C C   . ALA A 1 38  ? -8.111  -29.411 17.819  1.00 43.43  ? 50  ALA A C   1 
ATOM   219  O O   . ALA A 1 38  ? -9.057  -30.177 17.650  1.00 42.87  ? 50  ALA A O   1 
ATOM   220  C CB  . ALA A 1 38  ? -7.087  -28.840 20.029  1.00 42.13  ? 50  ALA A CB  1 
ATOM   221  N N   . ALA A 1 39  ? -7.987  -28.259 17.165  1.00 46.33  ? 51  ALA A N   1 
ATOM   222  C CA  . ALA A 1 39  ? -8.992  -27.805 16.207  1.00 47.44  ? 51  ALA A CA  1 
ATOM   223  C C   . ALA A 1 39  ? -9.240  -28.834 15.122  1.00 48.14  ? 51  ALA A C   1 
ATOM   224  O O   . ALA A 1 39  ? -10.374 -29.046 14.681  1.00 49.41  ? 51  ALA A O   1 
ATOM   225  C CB  . ALA A 1 39  ? -8.548  -26.503 15.577  1.00 48.19  ? 51  ALA A CB  1 
ATOM   226  N N   . THR A 1 40  ? -8.167  -29.483 14.701  1.00 48.02  ? 52  THR A N   1 
ATOM   227  C CA  . THR A 1 40  ? -8.254  -30.467 13.649  1.00 48.97  ? 52  THR A CA  1 
ATOM   228  C C   . THR A 1 40  ? -8.400  -31.904 14.153  1.00 51.73  ? 52  THR A C   1 
ATOM   229  O O   . THR A 1 40  ? -8.519  -32.842 13.360  1.00 51.23  ? 52  THR A O   1 
ATOM   230  C CB  . THR A 1 40  ? -7.037  -30.353 12.765  1.00 47.46  ? 52  THR A CB  1 
ATOM   231  O OG1 . THR A 1 40  ? -7.340  -30.914 11.491  1.00 49.18  ? 52  THR A OG1 1 
ATOM   232  C CG2 . THR A 1 40  ? -5.853  -31.064 13.392  1.00 45.48  ? 52  THR A CG2 1 
ATOM   233  N N   . GLU A 1 41  ? -8.387  -32.077 15.473  1.00 52.25  ? 53  GLU A N   1 
ATOM   234  C CA  . GLU A 1 41  ? -8.543  -33.406 16.064  1.00 54.44  ? 53  GLU A CA  1 
ATOM   235  C C   . GLU A 1 41  ? -7.446  -34.415 15.699  1.00 52.61  ? 53  GLU A C   1 
ATOM   236  O O   . GLU A 1 41  ? -7.727  -35.597 15.539  1.00 52.22  ? 53  GLU A O   1 
ATOM   237  C CB  . GLU A 1 41  ? -9.890  -33.982 15.650  1.00 56.44  ? 53  GLU A CB  1 
ATOM   238  C CG  . GLU A 1 41  ? -10.712 -34.489 16.796  1.00 62.79  ? 53  GLU A CG  1 
ATOM   239  C CD  . GLU A 1 41  ? -12.103 -33.909 16.781  1.00 66.40  ? 53  GLU A CD  1 
ATOM   240  O OE1 . GLU A 1 41  ? -12.789 -34.030 15.741  1.00 68.87  ? 53  GLU A OE1 1 
ATOM   241  O OE2 . GLU A 1 41  ? -12.508 -33.326 17.810  1.00 70.90  ? 53  GLU A OE2 1 
ATOM   242  N N   . GLN A 1 42  ? -6.207  -33.952 15.586  1.00 50.32  ? 54  GLN A N   1 
ATOM   243  C CA  . GLN A 1 42  ? -5.097  -34.822 15.239  1.00 50.37  ? 54  GLN A CA  1 
ATOM   244  C C   . GLN A 1 42  ? -4.022  -34.810 16.315  1.00 50.53  ? 54  GLN A C   1 
ATOM   245  O O   . GLN A 1 42  ? -4.069  -34.013 17.251  1.00 50.94  ? 54  GLN A O   1 
ATOM   246  C CB  . GLN A 1 42  ? -4.456  -34.359 13.922  1.00 50.29  ? 54  GLN A CB  1 
ATOM   247  C CG  . GLN A 1 42  ? -5.394  -34.328 12.736  1.00 49.96  ? 54  GLN A CG  1 
ATOM   248  C CD  . GLN A 1 42  ? -5.900  -35.699 12.369  1.00 51.39  ? 54  GLN A CD  1 
ATOM   249  O OE1 . GLN A 1 42  ? -5.116  -36.595 12.075  1.00 55.52  ? 54  GLN A OE1 1 
ATOM   250  N NE2 . GLN A 1 42  ? -7.217  -35.873 12.384  1.00 49.70  ? 54  GLN A NE2 1 
ATOM   251  N N   . PRO A 1 43  ? -3.045  -35.727 16.211  1.00 51.25  ? 55  PRO A N   1 
ATOM   252  C CA  . PRO A 1 43  ? -1.961  -35.770 17.196  1.00 50.29  ? 55  PRO A CA  1 
ATOM   253  C C   . PRO A 1 43  ? -1.073  -34.569 16.883  1.00 50.46  ? 55  PRO A C   1 
ATOM   254  O O   . PRO A 1 43  ? -0.812  -34.278 15.709  1.00 51.47  ? 55  PRO A O   1 
ATOM   255  C CB  . PRO A 1 43  ? -1.262  -37.093 16.889  1.00 48.35  ? 55  PRO A CB  1 
ATOM   256  C CG  . PRO A 1 43  ? -2.358  -37.940 16.343  1.00 49.84  ? 55  PRO A CG  1 
ATOM   257  C CD  . PRO A 1 43  ? -3.096  -36.984 15.440  1.00 51.46  ? 55  PRO A CD  1 
ATOM   258  N N   . VAL A 1 44  ? -0.608  -33.864 17.907  1.00 48.94  ? 56  VAL A N   1 
ATOM   259  C CA  . VAL A 1 44  ? 0.223   -32.708 17.630  1.00 48.20  ? 56  VAL A CA  1 
ATOM   260  C C   . VAL A 1 44  ? 1.484   -33.067 16.857  1.00 46.93  ? 56  VAL A C   1 
ATOM   261  O O   . VAL A 1 44  ? 1.888   -32.324 15.970  1.00 49.66  ? 56  VAL A O   1 
ATOM   262  C CB  . VAL A 1 44  ? 0.609   -31.927 18.924  1.00 49.22  ? 56  VAL A CB  1 
ATOM   263  C CG1 . VAL A 1 44  ? -0.574  -31.867 19.861  1.00 46.01  ? 56  VAL A CG1 1 
ATOM   264  C CG2 . VAL A 1 44  ? 1.825   -32.546 19.595  1.00 51.01  ? 56  VAL A CG2 1 
ATOM   265  N N   . TYR A 1 45  ? 2.100   -34.206 17.163  1.00 44.52  ? 57  TYR A N   1 
ATOM   266  C CA  . TYR A 1 45  ? 3.331   -34.585 16.471  1.00 42.06  ? 57  TYR A CA  1 
ATOM   267  C C   . TYR A 1 45  ? 3.130   -34.596 14.956  1.00 41.30  ? 57  TYR A C   1 
ATOM   268  O O   . TYR A 1 45  ? 4.053   -34.309 14.194  1.00 41.29  ? 57  TYR A O   1 
ATOM   269  C CB  . TYR A 1 45  ? 3.815   -35.967 16.950  1.00 40.48  ? 57  TYR A CB  1 
ATOM   270  C CG  . TYR A 1 45  ? 3.139   -37.150 16.287  1.00 36.84  ? 57  TYR A CG  1 
ATOM   271  C CD1 . TYR A 1 45  ? 3.530   -37.569 15.017  1.00 35.78  ? 57  TYR A CD1 1 
ATOM   272  C CD2 . TYR A 1 45  ? 2.066   -37.798 16.895  1.00 36.30  ? 57  TYR A CD2 1 
ATOM   273  C CE1 . TYR A 1 45  ? 2.866   -38.592 14.364  1.00 35.02  ? 57  TYR A CE1 1 
ATOM   274  C CE2 . TYR A 1 45  ? 1.397   -38.825 16.256  1.00 36.95  ? 57  TYR A CE2 1 
ATOM   275  C CZ  . TYR A 1 45  ? 1.805   -39.214 14.985  1.00 37.58  ? 57  TYR A CZ  1 
ATOM   276  O OH  . TYR A 1 45  ? 1.150   -40.233 14.329  1.00 41.57  ? 57  TYR A OH  1 
ATOM   277  N N   . ARG A 1 46  ? 1.915   -34.947 14.541  1.00 41.84  ? 58  ARG A N   1 
ATOM   278  C CA  . ARG A 1 46  ? 1.533   -35.013 13.132  1.00 41.31  ? 58  ARG A CA  1 
ATOM   279  C C   . ARG A 1 46  ? 1.410   -33.589 12.568  1.00 40.12  ? 58  ARG A C   1 
ATOM   280  O O   . ARG A 1 46  ? 1.986   -33.270 11.524  1.00 41.00  ? 58  ARG A O   1 
ATOM   281  C CB  . ARG A 1 46  ? 0.201   -35.768 13.014  1.00 41.68  ? 58  ARG A CB  1 
ATOM   282  C CG  . ARG A 1 46  ? -0.380  -35.926 11.608  1.00 43.60  ? 58  ARG A CG  1 
ATOM   283  C CD  . ARG A 1 46  ? -1.438  -37.025 11.635  1.00 44.50  ? 58  ARG A CD  1 
ATOM   284  N NE  . ARG A 1 46  ? -2.414  -37.016 10.544  1.00 44.93  ? 58  ARG A NE  1 
ATOM   285  C CZ  . ARG A 1 46  ? -2.109  -36.991 9.253   1.00 46.92  ? 58  ARG A CZ  1 
ATOM   286  N NH1 . ARG A 1 46  ? -0.839  -36.958 8.878   1.00 47.28  ? 58  ARG A NH1 1 
ATOM   287  N NH2 . ARG A 1 46  ? -3.072  -37.036 8.338   1.00 43.75  ? 58  ARG A NH2 1 
ATOM   288  N N   . VAL A 1 47  ? 0.670   -32.733 13.269  1.00 38.92  ? 59  VAL A N   1 
ATOM   289  C CA  . VAL A 1 47  ? 0.494   -31.345 12.845  1.00 36.89  ? 59  VAL A CA  1 
ATOM   290  C C   . VAL A 1 47  ? 1.855   -30.647 12.806  1.00 38.08  ? 59  VAL A C   1 
ATOM   291  O O   . VAL A 1 47  ? 2.232   -30.039 11.801  1.00 37.10  ? 59  VAL A O   1 
ATOM   292  C CB  . VAL A 1 47  ? -0.461  -30.600 13.818  1.00 37.74  ? 59  VAL A CB  1 
ATOM   293  C CG1 . VAL A 1 47  ? -0.605  -29.131 13.427  1.00 37.68  ? 59  VAL A CG1 1 
ATOM   294  C CG2 . VAL A 1 47  ? -1.813  -31.269 13.810  1.00 32.66  ? 59  VAL A CG2 1 
ATOM   295  N N   . ALA A 1 48  ? 2.600   -30.748 13.901  1.00 37.15  ? 60  ALA A N   1 
ATOM   296  C CA  . ALA A 1 48  ? 3.917   -30.133 13.988  1.00 37.61  ? 60  ALA A CA  1 
ATOM   297  C C   . ALA A 1 48  ? 4.749   -30.481 12.767  1.00 38.11  ? 60  ALA A C   1 
ATOM   298  O O   . ALA A 1 48  ? 5.382   -29.618 12.160  1.00 39.94  ? 60  ALA A O   1 
ATOM   299  C CB  . ALA A 1 48  ? 4.647   -30.601 15.268  1.00 36.16  ? 60  ALA A CB  1 
ATOM   300  N N   . ALA A 1 49  ? 4.763   -31.758 12.424  1.00 37.21  ? 61  ALA A N   1 
ATOM   301  C CA  . ALA A 1 49  ? 5.521   -32.225 11.271  1.00 39.25  ? 61  ALA A CA  1 
ATOM   302  C C   . ALA A 1 49  ? 4.993   -31.620 9.960   1.00 38.09  ? 61  ALA A C   1 
ATOM   303  O O   . ALA A 1 49  ? 5.760   -31.162 9.109   1.00 37.89  ? 61  ALA A O   1 
ATOM   304  C CB  . ALA A 1 49  ? 5.437   -33.742 11.200  1.00 38.45  ? 61  ALA A CB  1 
ATOM   305  N N   . LYS A 1 50  ? 3.676   -31.652 9.798   1.00 38.30  ? 62  LYS A N   1 
ATOM   306  C CA  . LYS A 1 50  ? 3.042   -31.133 8.597   1.00 40.02  ? 62  LYS A CA  1 
ATOM   307  C C   . LYS A 1 50  ? 3.366   -29.658 8.338   1.00 40.82  ? 62  LYS A C   1 
ATOM   308  O O   . LYS A 1 50  ? 3.671   -29.257 7.201   1.00 38.69  ? 62  LYS A O   1 
ATOM   309  C CB  . LYS A 1 50  ? 1.535   -31.311 8.713   1.00 41.05  ? 62  LYS A CB  1 
ATOM   310  C CG  . LYS A 1 50  ? 0.770   -30.740 7.547   1.00 46.42  ? 62  LYS A CG  1 
ATOM   311  C CD  . LYS A 1 50  ? 0.044   -31.830 6.794   1.00 46.95  ? 62  LYS A CD  1 
ATOM   312  C CE  . LYS A 1 50  ? 1.003   -32.726 6.049   1.00 48.95  ? 62  LYS A CE  1 
ATOM   313  N NZ  . LYS A 1 50  ? 1.501   -32.032 4.837   1.00 51.91  ? 62  LYS A NZ  1 
ATOM   314  N N   . LEU A 1 51  ? 3.301   -28.856 9.397   1.00 40.88  ? 63  LEU A N   1 
ATOM   315  C CA  . LEU A 1 51  ? 3.570   -27.433 9.287   1.00 40.34  ? 63  LEU A CA  1 
ATOM   316  C C   . LEU A 1 51  ? 4.997   -27.210 8.821   1.00 41.57  ? 63  LEU A C   1 
ATOM   317  O O   . LEU A 1 51  ? 5.261   -26.312 8.014   1.00 41.78  ? 63  LEU A O   1 
ATOM   318  C CB  . LEU A 1 51  ? 3.319   -26.758 10.634  1.00 39.36  ? 63  LEU A CB  1 
ATOM   319  C CG  . LEU A 1 51  ? 1.846   -26.680 11.060  1.00 40.49  ? 63  LEU A CG  1 
ATOM   320  C CD1 . LEU A 1 51  ? 1.741   -26.431 12.547  1.00 38.78  ? 63  LEU A CD1 1 
ATOM   321  C CD2 . LEU A 1 51  ? 1.143   -25.568 10.281  1.00 43.56  ? 63  LEU A CD2 1 
ATOM   322  N N   . GLN A 1 52  ? 5.920   -28.038 9.300   1.00 41.77  ? 64  GLN A N   1 
ATOM   323  C CA  . GLN A 1 52  ? 7.312   -27.884 8.902   1.00 42.94  ? 64  GLN A CA  1 
ATOM   324  C C   . GLN A 1 52  ? 7.526   -28.377 7.477   1.00 42.14  ? 64  GLN A C   1 
ATOM   325  O O   . GLN A 1 52  ? 8.458   -27.952 6.792   1.00 40.92  ? 64  GLN A O   1 
ATOM   326  C CB  . GLN A 1 52  ? 8.231   -28.625 9.870   1.00 45.68  ? 64  GLN A CB  1 
ATOM   327  C CG  . GLN A 1 52  ? 9.080   -27.691 10.732  1.00 53.46  ? 64  GLN A CG  1 
ATOM   328  C CD  . GLN A 1 52  ? 10.008  -26.800 9.908   1.00 56.19  ? 64  GLN A CD  1 
ATOM   329  O OE1 . GLN A 1 52  ? 10.893  -27.289 9.198   1.00 58.41  ? 64  GLN A OE1 1 
ATOM   330  N NE2 . GLN A 1 52  ? 9.803   -25.487 9.997   1.00 55.84  ? 64  GLN A NE2 1 
ATOM   331  N N   . LEU A 1 53  ? 6.660   -29.274 7.024   1.00 42.04  ? 65  LEU A N   1 
ATOM   332  C CA  . LEU A 1 53  ? 6.773   -29.770 5.659   1.00 41.40  ? 65  LEU A CA  1 
ATOM   333  C C   . LEU A 1 53  ? 6.156   -28.719 4.719   1.00 40.37  ? 65  LEU A C   1 
ATOM   334  O O   . LEU A 1 53  ? 6.692   -28.441 3.637   1.00 41.22  ? 65  LEU A O   1 
ATOM   335  C CB  . LEU A 1 53  ? 6.061   -31.116 5.513   1.00 41.46  ? 65  LEU A CB  1 
ATOM   336  C CG  . LEU A 1 53  ? 6.017   -31.640 4.072   1.00 42.31  ? 65  LEU A CG  1 
ATOM   337  C CD1 . LEU A 1 53  ? 7.422   -31.703 3.510   1.00 40.46  ? 65  LEU A CD1 1 
ATOM   338  C CD2 . LEU A 1 53  ? 5.350   -33.008 4.034   1.00 41.77  ? 65  LEU A CD2 1 
ATOM   339  N N   . MET A 1 54  ? 5.034   -28.136 5.137   1.00 37.95  ? 66  MET A N   1 
ATOM   340  C CA  . MET A 1 54  ? 4.391   -27.084 4.350   1.00 37.01  ? 66  MET A CA  1 
ATOM   341  C C   . MET A 1 54  ? 5.327   -25.876 4.305   1.00 36.48  ? 66  MET A C   1 
ATOM   342  O O   . MET A 1 54  ? 5.416   -25.194 3.292   1.00 36.85  ? 66  MET A O   1 
ATOM   343  C CB  . MET A 1 54  ? 3.062   -26.679 4.983   1.00 37.60  ? 66  MET A CB  1 
ATOM   344  C CG  . MET A 1 54  ? 2.041   -27.786 4.994   1.00 35.78  ? 66  MET A CG  1 
ATOM   345  S SD  . MET A 1 54  ? 0.586   -27.368 5.939   1.00 37.63  ? 66  MET A SD  1 
ATOM   346  C CE  . MET A 1 54  ? 0.079   -25.825 5.050   1.00 33.41  ? 66  MET A CE  1 
ATOM   347  N N   . ALA A 1 55  ? 6.036   -25.609 5.401   1.00 37.50  ? 67  ALA A N   1 
ATOM   348  C CA  . ALA A 1 55  ? 6.967   -24.484 5.413   1.00 35.85  ? 67  ALA A CA  1 
ATOM   349  C C   . ALA A 1 55  ? 8.138   -24.816 4.510   1.00 37.03  ? 67  ALA A C   1 
ATOM   350  O O   . ALA A 1 55  ? 8.679   -23.935 3.849   1.00 36.85  ? 67  ALA A O   1 
ATOM   351  C CB  . ALA A 1 55  ? 7.464   -24.197 6.829   1.00 37.67  ? 67  ALA A CB  1 
ATOM   352  N N   . ASP A 1 56  ? 8.539   -26.086 4.479   1.00 36.07  ? 68  ASP A N   1 
ATOM   353  C CA  . ASP A 1 56  ? 9.647   -26.494 3.615   1.00 36.73  ? 68  ASP A CA  1 
ATOM   354  C C   . ASP A 1 56  ? 9.288   -26.353 2.136   1.00 34.82  ? 68  ASP A C   1 
ATOM   355  O O   . ASP A 1 56  ? 10.107  -25.918 1.324   1.00 33.75  ? 68  ASP A O   1 
ATOM   356  C CB  . ASP A 1 56  ? 10.048  -27.949 3.875   1.00 39.06  ? 68  ASP A CB  1 
ATOM   357  C CG  . ASP A 1 56  ? 10.825  -28.131 5.170   1.00 44.51  ? 68  ASP A CG  1 
ATOM   358  O OD1 . ASP A 1 56  ? 11.486  -27.168 5.630   1.00 42.55  ? 68  ASP A OD1 1 
ATOM   359  O OD2 . ASP A 1 56  ? 10.790  -29.263 5.713   1.00 47.66  ? 68  ASP A OD2 1 
ATOM   360  N N   . GLU A 1 57  ? 8.065   -26.745 1.783   1.00 35.37  ? 69  GLU A N   1 
ATOM   361  C CA  . GLU A 1 57  ? 7.615   -26.649 0.395   1.00 37.48  ? 69  GLU A CA  1 
ATOM   362  C C   . GLU A 1 57  ? 7.562   -25.189 -0.073  1.00 35.68  ? 69  GLU A C   1 
ATOM   363  O O   . GLU A 1 57  ? 8.039   -24.864 -1.161  1.00 33.36  ? 69  GLU A O   1 
ATOM   364  C CB  . GLU A 1 57  ? 6.222   -27.261 0.250   1.00 40.38  ? 69  GLU A CB  1 
ATOM   365  C CG  . GLU A 1 57  ? 6.110   -28.686 0.714   1.00 46.41  ? 69  GLU A CG  1 
ATOM   366  C CD  . GLU A 1 57  ? 4.665   -29.132 0.865   1.00 50.59  ? 69  GLU A CD  1 
ATOM   367  O OE1 . GLU A 1 57  ? 3.758   -28.373 0.462   1.00 53.71  ? 69  GLU A OE1 1 
ATOM   368  O OE2 . GLU A 1 57  ? 4.435   -30.247 1.384   1.00 55.55  ? 69  GLU A OE2 1 
ATOM   369  N N   . LEU A 1 58  ? 6.974   -24.318 0.749   1.00 35.66  ? 70  LEU A N   1 
ATOM   370  C CA  . LEU A 1 58  ? 6.854   -22.898 0.414   1.00 36.24  ? 70  LEU A CA  1 
ATOM   371  C C   . LEU A 1 58  ? 8.201   -22.247 0.163   1.00 35.87  ? 70  LEU A C   1 
ATOM   372  O O   . LEU A 1 58  ? 8.363   -21.510 -0.807  1.00 35.34  ? 70  LEU A O   1 
ATOM   373  C CB  . LEU A 1 58  ? 6.113   -22.149 1.524   1.00 34.15  ? 70  LEU A CB  1 
ATOM   374  C CG  . LEU A 1 58  ? 4.639   -22.577 1.607   1.00 36.73  ? 70  LEU A CG  1 
ATOM   375  C CD1 . LEU A 1 58  ? 3.993   -22.034 2.873   1.00 33.14  ? 70  LEU A CD1 1 
ATOM   376  C CD2 . LEU A 1 58  ? 3.905   -22.100 0.347   1.00 31.64  ? 70  LEU A CD2 1 
ATOM   377  N N   . THR A 1 59  ? 9.183   -22.515 1.015   1.00 37.54  ? 71  THR A N   1 
ATOM   378  C CA  . THR A 1 59  ? 10.483  -21.902 0.783   1.00 39.37  ? 71  THR A CA  1 
ATOM   379  C C   . THR A 1 59  ? 11.223  -22.698 -0.265  1.00 39.20  ? 71  THR A C   1 
ATOM   380  O O   . THR A 1 59  ? 12.270  -22.297 -0.751  1.00 40.76  ? 71  THR A O   1 
ATOM   381  C CB  . THR A 1 59  ? 11.316  -21.777 2.085   1.00 39.22  ? 71  THR A CB  1 
ATOM   382  O OG1 . THR A 1 59  ? 12.647  -22.251 1.863   1.00 39.99  ? 71  THR A OG1 1 
ATOM   383  C CG2 . THR A 1 59  ? 10.682  -22.523 3.186   1.00 38.92  ? 71  THR A CG2 1 
ATOM   384  N N   . GLY A 1 60  ? 10.652  -23.833 -0.631  1.00 41.18  ? 72  GLY A N   1 
ATOM   385  C CA  . GLY A 1 60  ? 11.255  -24.640 -1.669  1.00 42.46  ? 72  GLY A CA  1 
ATOM   386  C C   . GLY A 1 60  ? 10.961  -23.999 -3.012  1.00 42.53  ? 72  GLY A C   1 
ATOM   387  O O   . GLY A 1 60  ? 11.732  -24.140 -3.962  1.00 42.06  ? 72  GLY A O   1 
ATOM   388  N N   . ARG A 1 61  ? 9.834   -23.293 -3.099  1.00 42.27  ? 73  ARG A N   1 
ATOM   389  C CA  . ARG A 1 61  ? 9.473   -22.619 -4.339  1.00 41.15  ? 73  ARG A CA  1 
ATOM   390  C C   . ARG A 1 61  ? 9.587   -21.114 -4.207  1.00 41.76  ? 73  ARG A C   1 
ATOM   391  O O   . ARG A 1 61  ? 9.118   -20.364 -5.063  1.00 40.80  ? 73  ARG A O   1 
ATOM   392  C CB  . ARG A 1 61  ? 8.057   -22.998 -4.783  1.00 42.72  ? 73  ARG A CB  1 
ATOM   393  C CG  . ARG A 1 61  ? 6.937   -22.695 -3.826  1.00 39.14  ? 73  ARG A CG  1 
ATOM   394  C CD  . ARG A 1 61  ? 5.675   -23.319 -4.393  1.00 39.42  ? 73  ARG A CD  1 
ATOM   395  N NE  . ARG A 1 61  ? 4.466   -23.003 -3.635  1.00 44.01  ? 73  ARG A NE  1 
ATOM   396  C CZ  . ARG A 1 61  ? 3.874   -21.810 -3.614  1.00 45.46  ? 73  ARG A CZ  1 
ATOM   397  N NH1 . ARG A 1 61  ? 4.367   -20.784 -4.311  1.00 43.93  ? 73  ARG A NH1 1 
ATOM   398  N NH2 . ARG A 1 61  ? 2.776   -21.646 -2.890  1.00 47.81  ? 73  ARG A NH2 1 
ATOM   399  N N   . ASP A 1 62  ? 10.228  -20.687 -3.123  1.00 40.78  ? 74  ASP A N   1 
ATOM   400  C CA  . ASP A 1 62  ? 10.441  -19.278 -2.852  1.00 39.40  ? 74  ASP A CA  1 
ATOM   401  C C   . ASP A 1 62  ? 9.118   -18.540 -2.921  1.00 39.51  ? 74  ASP A C   1 
ATOM   402  O O   . ASP A 1 62  ? 9.008   -17.487 -3.557  1.00 38.77  ? 74  ASP A O   1 
ATOM   403  C CB  . ASP A 1 62  ? 11.423  -18.696 -3.867  1.00 41.37  ? 74  ASP A CB  1 
ATOM   404  C CG  . ASP A 1 62  ? 12.162  -17.501 -3.322  1.00 44.91  ? 74  ASP A CG  1 
ATOM   405  O OD1 . ASP A 1 62  ? 12.065  -17.263 -2.102  1.00 47.55  ? 74  ASP A OD1 1 
ATOM   406  O OD2 . ASP A 1 62  ? 12.856  -16.806 -4.090  1.00 50.57  ? 74  ASP A OD2 1 
ATOM   407  N N   . SER A 1 63  ? 8.113   -19.093 -2.255  1.00 36.81  ? 75  SER A N   1 
ATOM   408  C CA  . SER A 1 63  ? 6.797   -18.493 -2.267  1.00 38.03  ? 75  SER A CA  1 
ATOM   409  C C   . SER A 1 63  ? 6.783   -17.076 -1.687  1.00 39.23  ? 75  SER A C   1 
ATOM   410  O O   . SER A 1 63  ? 7.721   -16.661 -0.999  1.00 39.24  ? 75  SER A O   1 
ATOM   411  C CB  . SER A 1 63  ? 5.815   -19.371 -1.497  1.00 34.24  ? 75  SER A CB  1 
ATOM   412  O OG  . SER A 1 63  ? 4.529   -18.780 -1.519  1.00 35.15  ? 75  SER A OG  1 
ATOM   413  N N   . GLY A 1 64  ? 5.723   -16.330 -1.989  1.00 39.23  ? 76  GLY A N   1 
ATOM   414  C CA  . GLY A 1 64  ? 5.594   -14.989 -1.448  1.00 40.06  ? 76  GLY A CA  1 
ATOM   415  C C   . GLY A 1 64  ? 5.244   -15.146 0.025   1.00 39.81  ? 76  GLY A C   1 
ATOM   416  O O   . GLY A 1 64  ? 5.510   -14.273 0.856   1.00 41.27  ? 76  GLY A O   1 
ATOM   417  N N   . ILE A 1 65  ? 4.652   -16.291 0.337   1.00 39.17  ? 77  ILE A N   1 
ATOM   418  C CA  . ILE A 1 65  ? 4.249   -16.633 1.691   1.00 40.50  ? 77  ILE A CA  1 
ATOM   419  C C   . ILE A 1 65  ? 5.304   -17.503 2.374   1.00 42.58  ? 77  ILE A C   1 
ATOM   420  O O   . ILE A 1 65  ? 5.788   -18.490 1.800   1.00 43.49  ? 77  ILE A O   1 
ATOM   421  C CB  . ILE A 1 65  ? 2.906   -17.394 1.683   1.00 38.27  ? 77  ILE A CB  1 
ATOM   422  C CG1 . ILE A 1 65  ? 1.823   -16.529 1.036   1.00 36.09  ? 77  ILE A CG1 1 
ATOM   423  C CG2 . ILE A 1 65  ? 2.516   -17.780 3.102   1.00 37.57  ? 77  ILE A CG2 1 
ATOM   424  C CD1 . ILE A 1 65  ? 0.494   -17.235 0.857   1.00 37.74  ? 77  ILE A CD1 1 
ATOM   425  N N   . ASP A 1 66  ? 5.662   -17.126 3.599   1.00 43.07  ? 78  ASP A N   1 
ATOM   426  C CA  . ASP A 1 66  ? 6.653   -17.861 4.374   1.00 43.00  ? 78  ASP A CA  1 
ATOM   427  C C   . ASP A 1 66  ? 6.065   -18.246 5.723   1.00 44.21  ? 78  ASP A C   1 
ATOM   428  O O   . ASP A 1 66  ? 5.820   -17.383 6.572   1.00 42.53  ? 78  ASP A O   1 
ATOM   429  C CB  . ASP A 1 66  ? 7.901   -17.017 4.601   1.00 45.38  ? 78  ASP A CB  1 
ATOM   430  C CG  . ASP A 1 66  ? 8.990   -17.784 5.316   1.00 45.71  ? 78  ASP A CG  1 
ATOM   431  O OD1 . ASP A 1 66  ? 8.752   -18.958 5.646   1.00 47.39  ? 78  ASP A OD1 1 
ATOM   432  O OD2 . ASP A 1 66  ? 10.082  -17.229 5.547   1.00 47.31  ? 78  ASP A OD2 1 
ATOM   433  N N   . LEU A 1 67  ? 5.839   -19.546 5.905   1.00 44.21  ? 79  LEU A N   1 
ATOM   434  C CA  . LEU A 1 67  ? 5.282   -20.081 7.137   1.00 44.44  ? 79  LEU A CA  1 
ATOM   435  C C   . LEU A 1 67  ? 6.426   -20.212 8.130   1.00 45.86  ? 79  LEU A C   1 
ATOM   436  O O   . LEU A 1 67  ? 7.335   -21.014 7.933   1.00 46.59  ? 79  LEU A O   1 
ATOM   437  C CB  . LEU A 1 67  ? 4.637   -21.443 6.866   1.00 42.26  ? 79  LEU A CB  1 
ATOM   438  C CG  . LEU A 1 67  ? 3.915   -22.183 7.994   1.00 41.62  ? 79  LEU A CG  1 
ATOM   439  C CD1 . LEU A 1 67  ? 2.767   -21.354 8.578   1.00 38.91  ? 79  LEU A CD1 1 
ATOM   440  C CD2 . LEU A 1 67  ? 3.383   -23.486 7.434   1.00 41.39  ? 79  LEU A CD2 1 
ATOM   441  N N   . ARG A 1 68  ? 6.394   -19.400 9.182   1.00 46.87  ? 80  ARG A N   1 
ATOM   442  C CA  . ARG A 1 68  ? 7.445   -19.434 10.184  1.00 48.91  ? 80  ARG A CA  1 
ATOM   443  C C   . ARG A 1 68  ? 6.919   -19.767 11.569  1.00 49.65  ? 80  ARG A C   1 
ATOM   444  O O   . ARG A 1 68  ? 5.763   -19.491 11.894  1.00 48.39  ? 80  ARG A O   1 
ATOM   445  C CB  . ARG A 1 68  ? 8.191   -18.101 10.225  1.00 50.55  ? 80  ARG A CB  1 
ATOM   446  C CG  . ARG A 1 68  ? 9.337   -18.004 9.241   1.00 54.01  ? 80  ARG A CG  1 
ATOM   447  C CD  . ARG A 1 68  ? 10.358  -16.971 9.686   1.00 58.52  ? 80  ARG A CD  1 
ATOM   448  N NE  . ARG A 1 68  ? 9.817   -15.616 9.696   1.00 62.83  ? 80  ARG A NE  1 
ATOM   449  C CZ  . ARG A 1 68  ? 9.392   -14.977 8.608   1.00 66.03  ? 80  ARG A CZ  1 
ATOM   450  N NH1 . ARG A 1 68  ? 9.448   -15.583 7.428   1.00 67.01  ? 80  ARG A NH1 1 
ATOM   451  N NH2 . ARG A 1 68  ? 8.918   -13.734 8.694   1.00 65.41  ? 80  ARG A NH2 1 
ATOM   452  N N   . HIS A 1 69  ? 7.780   -20.374 12.377  1.00 50.89  ? 81  HIS A N   1 
ATOM   453  C CA  . HIS A 1 69  ? 7.412   -20.752 13.739  1.00 53.37  ? 81  HIS A CA  1 
ATOM   454  C C   . HIS A 1 69  ? 8.098   -19.839 14.736  1.00 54.04  ? 81  HIS A C   1 
ATOM   455  O O   . HIS A 1 69  ? 9.307   -19.602 14.646  1.00 52.30  ? 81  HIS A O   1 
ATOM   456  C CB  . HIS A 1 69  ? 7.812   -22.198 14.033  1.00 52.96  ? 81  HIS A CB  1 
ATOM   457  C CG  . HIS A 1 69  ? 7.440   -22.656 15.407  1.00 53.70  ? 81  HIS A CG  1 
ATOM   458  N ND1 . HIS A 1 69  ? 8.372   -23.093 16.322  1.00 55.30  ? 81  HIS A ND1 1 
ATOM   459  C CD2 . HIS A 1 69  ? 6.236   -22.758 16.018  1.00 54.11  ? 81  HIS A CD2 1 
ATOM   460  C CE1 . HIS A 1 69  ? 7.756   -23.447 17.436  1.00 54.68  ? 81  HIS A CE1 1 
ATOM   461  N NE2 . HIS A 1 69  ? 6.459   -23.255 17.277  1.00 53.79  ? 81  HIS A NE2 1 
ATOM   462  N N   . THR A 1 70  ? 7.313   -19.336 15.682  1.00 55.83  ? 82  THR A N   1 
ATOM   463  C CA  . THR A 1 70  ? 7.814   -18.436 16.713  1.00 59.46  ? 82  THR A CA  1 
ATOM   464  C C   . THR A 1 70  ? 7.333   -18.941 18.078  1.00 60.18  ? 82  THR A C   1 
ATOM   465  O O   . THR A 1 70  ? 6.450   -19.801 18.145  1.00 59.70  ? 82  THR A O   1 
ATOM   466  C CB  . THR A 1 70  ? 7.290   -17.003 16.479  1.00 60.34  ? 82  THR A CB  1 
ATOM   467  O OG1 . THR A 1 70  ? 7.996   -16.089 17.324  1.00 64.77  ? 82  THR A OG1 1 
ATOM   468  C CG2 . THR A 1 70  ? 5.800   -16.923 16.792  1.00 60.87  ? 82  THR A CG2 1 
ATOM   469  N N   . SER A 1 71  ? 7.902   -18.414 19.162  1.00 59.94  ? 83  SER A N   1 
ATOM   470  C CA  . SER A 1 71  ? 7.494   -18.849 20.495  1.00 59.91  ? 83  SER A CA  1 
ATOM   471  C C   . SER A 1 71  ? 5.972   -18.774 20.653  1.00 58.09  ? 83  SER A C   1 
ATOM   472  O O   . SER A 1 71  ? 5.379   -19.551 21.392  1.00 59.17  ? 83  SER A O   1 
ATOM   473  C CB  . SER A 1 71  ? 8.183   -18.005 21.577  1.00 61.44  ? 83  SER A CB  1 
ATOM   474  O OG  . SER A 1 71  ? 7.757   -16.655 21.538  1.00 64.40  ? 83  SER A OG  1 
ATOM   475  N N   . GLU A 1 72  ? 5.343   -17.840 19.953  1.00 56.95  ? 84  GLU A N   1 
ATOM   476  C CA  . GLU A 1 72  ? 3.897   -17.686 20.019  1.00 57.26  ? 84  GLU A CA  1 
ATOM   477  C C   . GLU A 1 72  ? 3.192   -18.747 19.171  1.00 55.98  ? 84  GLU A C   1 
ATOM   478  O O   . GLU A 1 72  ? 1.962   -18.852 19.194  1.00 56.16  ? 84  GLU A O   1 
ATOM   479  C CB  . GLU A 1 72  ? 3.482   -16.309 19.501  1.00 61.22  ? 84  GLU A CB  1 
ATOM   480  C CG  . GLU A 1 72  ? 3.779   -15.127 20.406  1.00 64.98  ? 84  GLU A CG  1 
ATOM   481  C CD  . GLU A 1 72  ? 3.434   -13.806 19.732  1.00 66.30  ? 84  GLU A CD  1 
ATOM   482  O OE1 . GLU A 1 72  ? 4.228   -13.360 18.874  1.00 69.86  ? 84  GLU A OE1 1 
ATOM   483  O OE2 . GLU A 1 72  ? 2.365   -13.231 20.037  1.00 65.53  ? 84  GLU A OE2 1 
ATOM   484  N N   . GLY A 1 73  ? 3.968   -19.516 18.411  1.00 54.37  ? 85  GLY A N   1 
ATOM   485  C CA  . GLY A 1 73  ? 3.391   -20.543 17.556  1.00 52.58  ? 85  GLY A CA  1 
ATOM   486  C C   . GLY A 1 73  ? 3.728   -20.415 16.074  1.00 50.05  ? 85  GLY A C   1 
ATOM   487  O O   . GLY A 1 73  ? 4.809   -19.933 15.717  1.00 48.53  ? 85  GLY A O   1 
ATOM   488  N N   . TRP A 1 74  ? 2.804   -20.846 15.212  1.00 48.15  ? 86  TRP A N   1 
ATOM   489  C CA  . TRP A 1 74  ? 3.004   -20.797 13.762  1.00 45.54  ? 86  TRP A CA  1 
ATOM   490  C C   . TRP A 1 74  ? 2.151   -19.716 13.107  1.00 46.36  ? 86  TRP A C   1 
ATOM   491  O O   . TRP A 1 74  ? 1.016   -19.465 13.527  1.00 45.52  ? 86  TRP A O   1 
ATOM   492  C CB  . TRP A 1 74  ? 2.650   -22.138 13.107  1.00 42.94  ? 86  TRP A CB  1 
ATOM   493  C CG  . TRP A 1 74  ? 3.601   -23.261 13.370  1.00 42.51  ? 86  TRP A CG  1 
ATOM   494  C CD1 . TRP A 1 74  ? 3.590   -24.116 14.439  1.00 42.75  ? 86  TRP A CD1 1 
ATOM   495  C CD2 . TRP A 1 74  ? 4.711   -23.659 12.550  1.00 41.11  ? 86  TRP A CD2 1 
ATOM   496  N NE1 . TRP A 1 74  ? 4.625   -25.021 14.334  1.00 40.73  ? 86  TRP A NE1 1 
ATOM   497  C CE2 . TRP A 1 74  ? 5.327   -24.763 13.184  1.00 39.02  ? 86  TRP A CE2 1 
ATOM   498  C CE3 . TRP A 1 74  ? 5.243   -23.191 11.344  1.00 40.37  ? 86  TRP A CE3 1 
ATOM   499  C CZ2 . TRP A 1 74  ? 6.443   -25.405 12.652  1.00 38.45  ? 86  TRP A CZ2 1 
ATOM   500  C CZ3 . TRP A 1 74  ? 6.364   -23.835 10.812  1.00 41.51  ? 86  TRP A CZ3 1 
ATOM   501  C CH2 . TRP A 1 74  ? 6.947   -24.929 11.467  1.00 37.81  ? 86  TRP A CH2 1 
ATOM   502  N N   . ARG A 1 75  ? 2.684   -19.111 12.046  1.00 45.20  ? 87  ARG A N   1 
ATOM   503  C CA  . ARG A 1 75  ? 1.971   -18.052 11.344  1.00 46.51  ? 87  ARG A CA  1 
ATOM   504  C C   . ARG A 1 75  ? 2.537   -17.824 9.944   1.00 44.86  ? 87  ARG A C   1 
ATOM   505  O O   . ARG A 1 75  ? 3.728   -17.981 9.723   1.00 43.24  ? 87  ARG A O   1 
ATOM   506  C CB  . ARG A 1 75  ? 2.081   -16.764 12.168  1.00 48.47  ? 87  ARG A CB  1 
ATOM   507  C CG  . ARG A 1 75  ? 1.362   -15.547 11.619  1.00 50.51  ? 87  ARG A CG  1 
ATOM   508  C CD  . ARG A 1 75  ? 1.644   -14.325 12.507  1.00 51.35  ? 87  ARG A CD  1 
ATOM   509  N NE  . ARG A 1 75  ? 0.692   -13.244 12.255  1.00 51.49  ? 87  ARG A NE  1 
ATOM   510  C CZ  . ARG A 1 75  ? 0.649   -12.082 12.907  1.00 52.20  ? 87  ARG A CZ  1 
ATOM   511  N NH1 . ARG A 1 75  ? 1.516   -11.799 13.885  1.00 46.37  ? 87  ARG A NH1 1 
ATOM   512  N NH2 . ARG A 1 75  ? -0.286  -11.198 12.581  1.00 52.86  ? 87  ARG A NH2 1 
ATOM   513  N N   . MET A 1 76  ? 1.675   -17.465 8.997   1.00 44.82  ? 88  MET A N   1 
ATOM   514  C CA  . MET A 1 76  ? 2.132   -17.178 7.638   1.00 44.24  ? 88  MET A CA  1 
ATOM   515  C C   . MET A 1 76  ? 2.634   -15.736 7.556   1.00 44.50  ? 88  MET A C   1 
ATOM   516  O O   . MET A 1 76  ? 1.905   -14.799 7.887   1.00 44.85  ? 88  MET A O   1 
ATOM   517  C CB  . MET A 1 76  ? 0.998   -17.354 6.633   1.00 42.10  ? 88  MET A CB  1 
ATOM   518  C CG  . MET A 1 76  ? 0.482   -18.760 6.538   1.00 44.40  ? 88  MET A CG  1 
ATOM   519  S SD  . MET A 1 76  ? -0.402  -19.044 5.035   1.00 41.93  ? 88  MET A SD  1 
ATOM   520  C CE  . MET A 1 76  ? -2.034  -18.596 5.539   1.00 44.75  ? 88  MET A CE  1 
ATOM   521  N N   . TYR A 1 77  ? 3.878   -15.564 7.119   1.00 45.22  ? 89  TYR A N   1 
ATOM   522  C CA  . TYR A 1 77  ? 4.483   -14.246 6.975   1.00 47.69  ? 89  TYR A CA  1 
ATOM   523  C C   . TYR A 1 77  ? 4.816   -13.951 5.511   1.00 49.48  ? 89  TYR A C   1 
ATOM   524  O O   . TYR A 1 77  ? 4.802   -14.836 4.653   1.00 49.70  ? 89  TYR A O   1 
ATOM   525  C CB  . TYR A 1 77  ? 5.796   -14.154 7.766   1.00 50.25  ? 89  TYR A CB  1 
ATOM   526  C CG  . TYR A 1 77  ? 5.654   -14.312 9.258   1.00 54.93  ? 89  TYR A CG  1 
ATOM   527  C CD1 . TYR A 1 77  ? 5.116   -15.473 9.804   1.00 56.20  ? 89  TYR A CD1 1 
ATOM   528  C CD2 . TYR A 1 77  ? 6.028   -13.283 10.125  1.00 56.36  ? 89  TYR A CD2 1 
ATOM   529  C CE1 . TYR A 1 77  ? 4.942   -15.612 11.178  1.00 58.95  ? 89  TYR A CE1 1 
ATOM   530  C CE2 . TYR A 1 77  ? 5.861   -13.409 11.507  1.00 58.18  ? 89  TYR A CE2 1 
ATOM   531  C CZ  . TYR A 1 77  ? 5.314   -14.575 12.026  1.00 59.58  ? 89  TYR A CZ  1 
ATOM   532  O OH  . TYR A 1 77  ? 5.114   -14.702 13.382  1.00 61.32  ? 89  TYR A OH  1 
ATOM   533  N N   . THR A 1 78  ? 5.117   -12.687 5.239   1.00 50.16  ? 90  THR A N   1 
ATOM   534  C CA  . THR A 1 78  ? 5.529   -12.252 3.915   1.00 49.04  ? 90  THR A CA  1 
ATOM   535  C C   . THR A 1 78  ? 7.020   -12.594 3.829   1.00 47.62  ? 90  THR A C   1 
ATOM   536  O O   . THR A 1 78  ? 7.790   -12.267 4.738   1.00 48.14  ? 90  THR A O   1 
ATOM   537  C CB  . THR A 1 78  ? 5.333   -10.745 3.765   1.00 48.69  ? 90  THR A CB  1 
ATOM   538  O OG1 . THR A 1 78  ? 4.079   -10.500 3.117   1.00 52.23  ? 90  THR A OG1 1 
ATOM   539  C CG2 . THR A 1 78  ? 6.486   -10.119 2.984   1.00 50.91  ? 90  THR A CG2 1 
ATOM   540  N N   . ARG A 1 79  ? 7.430   -13.264 2.759   1.00 45.57  ? 91  ARG A N   1 
ATOM   541  C CA  . ARG A 1 79  ? 8.830   -13.639 2.621   1.00 44.66  ? 91  ARG A CA  1 
ATOM   542  C C   . ARG A 1 79  ? 9.678   -12.381 2.482   1.00 45.16  ? 91  ARG A C   1 
ATOM   543  O O   . ARG A 1 79  ? 9.348   -11.472 1.717   1.00 45.39  ? 91  ARG A O   1 
ATOM   544  C CB  . ARG A 1 79  ? 9.011   -14.578 1.420   1.00 42.99  ? 91  ARG A CB  1 
ATOM   545  C CG  . ARG A 1 79  ? 10.302  -15.382 1.449   1.00 43.40  ? 91  ARG A CG  1 
ATOM   546  C CD  . ARG A 1 79  ? 10.305  -16.507 0.405   1.00 43.43  ? 91  ARG A CD  1 
ATOM   547  N NE  . ARG A 1 79  ? 9.359   -17.584 0.718   1.00 43.55  ? 91  ARG A NE  1 
ATOM   548  C CZ  . ARG A 1 79  ? 9.579   -18.552 1.602   1.00 41.26  ? 91  ARG A CZ  1 
ATOM   549  N NH1 . ARG A 1 79  ? 10.721  -18.606 2.271   1.00 41.36  ? 91  ARG A NH1 1 
ATOM   550  N NH2 . ARG A 1 79  ? 8.646   -19.460 1.835   1.00 40.74  ? 91  ARG A NH2 1 
ATOM   551  N N   . ALA A 1 80  ? 10.767  -12.337 3.244   1.00 46.28  ? 92  ALA A N   1 
ATOM   552  C CA  . ALA A 1 80  ? 11.685  -11.192 3.282   1.00 47.34  ? 92  ALA A CA  1 
ATOM   553  C C   . ALA A 1 80  ? 11.844  -10.346 2.016   1.00 48.24  ? 92  ALA A C   1 
ATOM   554  O O   . ALA A 1 80  ? 11.424  -9.184  1.983   1.00 50.43  ? 92  ALA A O   1 
ATOM   555  C CB  . ALA A 1 80  ? 13.069  -11.653 3.758   1.00 47.47  ? 92  ALA A CB  1 
ATOM   556  N N   . ARG A 1 81  ? 12.461  -10.922 0.990   1.00 44.52  ? 93  ARG A N   1 
ATOM   557  C CA  . ARG A 1 81  ? 12.707  -10.213 -0.258  1.00 42.73  ? 93  ARG A CA  1 
ATOM   558  C C   . ARG A 1 81  ? 11.520  -9.454  -0.837  1.00 40.76  ? 93  ARG A C   1 
ATOM   559  O O   . ARG A 1 81  ? 11.702  -8.572  -1.659  1.00 39.50  ? 93  ARG A O   1 
ATOM   560  C CB  . ARG A 1 81  ? 13.264  -11.180 -1.325  1.00 43.52  ? 93  ARG A CB  1 
ATOM   561  C CG  . ARG A 1 81  ? 12.421  -12.443 -1.553  1.00 45.74  ? 93  ARG A CG  1 
ATOM   562  C CD  . ARG A 1 81  ? 13.005  -13.366 -2.643  1.00 46.98  ? 93  ARG A CD  1 
ATOM   563  N NE  . ARG A 1 81  ? 12.900  -12.756 -3.960  1.00 47.61  ? 93  ARG A NE  1 
ATOM   564  C CZ  . ARG A 1 81  ? 12.304  -13.317 -5.006  1.00 48.39  ? 93  ARG A CZ  1 
ATOM   565  N NH1 . ARG A 1 81  ? 11.765  -14.522 -4.905  1.00 47.07  ? 93  ARG A NH1 1 
ATOM   566  N NH2 . ARG A 1 81  ? 12.195  -12.640 -6.139  1.00 48.07  ? 93  ARG A NH2 1 
ATOM   567  N N   . PHE A 1 82  ? 10.308  -9.775  -0.415  1.00 39.68  ? 94  PHE A N   1 
ATOM   568  C CA  . PHE A 1 82  ? 9.154   -9.094  -0.976  1.00 40.72  ? 94  PHE A CA  1 
ATOM   569  C C   . PHE A 1 82  ? 8.662   -7.874  -0.192  1.00 43.09  ? 94  PHE A C   1 
ATOM   570  O O   . PHE A 1 82  ? 7.620   -7.297  -0.524  1.00 43.08  ? 94  PHE A O   1 
ATOM   571  C CB  . PHE A 1 82  ? 8.016   -10.103 -1.161  1.00 38.87  ? 94  PHE A CB  1 
ATOM   572  C CG  . PHE A 1 82  ? 8.376   -11.260 -2.052  1.00 38.25  ? 94  PHE A CG  1 
ATOM   573  C CD1 . PHE A 1 82  ? 8.601   -11.063 -3.410  1.00 37.65  ? 94  PHE A CD1 1 
ATOM   574  C CD2 . PHE A 1 82  ? 8.523   -12.542 -1.528  1.00 38.49  ? 94  PHE A CD2 1 
ATOM   575  C CE1 . PHE A 1 82  ? 8.968   -12.124 -4.230  1.00 39.20  ? 94  PHE A CE1 1 
ATOM   576  C CE2 . PHE A 1 82  ? 8.888   -13.612 -2.337  1.00 39.69  ? 94  PHE A CE2 1 
ATOM   577  C CZ  . PHE A 1 82  ? 9.112   -13.404 -3.695  1.00 39.80  ? 94  PHE A CZ  1 
ATOM   578  N N   . ALA A 1 83  ? 9.409   -7.472  0.833   1.00 44.48  ? 95  ALA A N   1 
ATOM   579  C CA  . ALA A 1 83  ? 9.022   -6.321  1.653   1.00 47.12  ? 95  ALA A CA  1 
ATOM   580  C C   . ALA A 1 83  ? 8.726   -5.094  0.790   1.00 48.13  ? 95  ALA A C   1 
ATOM   581  O O   . ALA A 1 83  ? 7.653   -4.493  0.893   1.00 48.89  ? 95  ALA A O   1 
ATOM   582  C CB  . ALA A 1 83  ? 10.127  -5.995  2.664   1.00 45.12  ? 95  ALA A CB  1 
ATOM   583  N N   . PRO A 1 84  ? 9.673   -4.714  -0.082  1.00 49.32  ? 96  PRO A N   1 
ATOM   584  C CA  . PRO A 1 84  ? 9.497   -3.554  -0.959  1.00 49.28  ? 96  PRO A CA  1 
ATOM   585  C C   . PRO A 1 84  ? 8.114   -3.476  -1.606  1.00 49.08  ? 96  PRO A C   1 
ATOM   586  O O   . PRO A 1 84  ? 7.510   -2.412  -1.660  1.00 50.38  ? 96  PRO A O   1 
ATOM   587  C CB  . PRO A 1 84  ? 10.611  -3.734  -1.986  1.00 49.77  ? 96  PRO A CB  1 
ATOM   588  C CG  . PRO A 1 84  ? 11.702  -4.349  -1.178  1.00 50.20  ? 96  PRO A CG  1 
ATOM   589  C CD  . PRO A 1 84  ? 10.962  -5.382  -0.352  1.00 49.68  ? 96  PRO A CD  1 
ATOM   590  N N   . TYR A 1 85  ? 7.619   -4.602  -2.108  1.00 49.86  ? 97  TYR A N   1 
ATOM   591  C CA  . TYR A 1 85  ? 6.305   -4.618  -2.737  1.00 50.04  ? 97  TYR A CA  1 
ATOM   592  C C   . TYR A 1 85  ? 5.215   -4.403  -1.695  1.00 51.92  ? 97  TYR A C   1 
ATOM   593  O O   . TYR A 1 85  ? 4.207   -3.746  -1.964  1.00 52.32  ? 97  TYR A O   1 
ATOM   594  C CB  . TYR A 1 85  ? 6.066   -5.941  -3.455  1.00 48.66  ? 97  TYR A CB  1 
ATOM   595  C CG  . TYR A 1 85  ? 7.009   -6.175  -4.601  1.00 50.69  ? 97  TYR A CG  1 
ATOM   596  C CD1 . TYR A 1 85  ? 8.218   -6.856  -4.418  1.00 50.86  ? 97  TYR A CD1 1 
ATOM   597  C CD2 . TYR A 1 85  ? 6.713   -5.685  -5.871  1.00 50.24  ? 97  TYR A CD2 1 
ATOM   598  C CE1 . TYR A 1 85  ? 9.108   -7.035  -5.481  1.00 50.65  ? 97  TYR A CE1 1 
ATOM   599  C CE2 . TYR A 1 85  ? 7.588   -5.855  -6.928  1.00 50.86  ? 97  TYR A CE2 1 
ATOM   600  C CZ  . TYR A 1 85  ? 8.782   -6.528  -6.733  1.00 51.82  ? 97  TYR A CZ  1 
ATOM   601  O OH  . TYR A 1 85  ? 9.639   -6.679  -7.797  1.00 53.80  ? 97  TYR A OH  1 
ATOM   602  N N   . VAL A 1 86  ? 5.404   -4.974  -0.509  1.00 51.40  ? 98  VAL A N   1 
ATOM   603  C CA  . VAL A 1 86  ? 4.423   -4.806  0.551   1.00 51.93  ? 98  VAL A CA  1 
ATOM   604  C C   . VAL A 1 86  ? 4.350   -3.323  0.931   1.00 51.18  ? 98  VAL A C   1 
ATOM   605  O O   . VAL A 1 86  ? 3.265   -2.768  1.074   1.00 50.80  ? 98  VAL A O   1 
ATOM   606  C CB  . VAL A 1 86  ? 4.792   -5.637  1.792   1.00 50.69  ? 98  VAL A CB  1 
ATOM   607  C CG1 . VAL A 1 86  ? 3.745   -5.455  2.866   1.00 49.09  ? 98  VAL A CG1 1 
ATOM   608  C CG2 . VAL A 1 86  ? 4.896   -7.096  1.419   1.00 51.14  ? 98  VAL A CG2 1 
ATOM   609  N N   . GLU A 1 87  ? 5.509   -2.687  1.084   1.00 51.36  ? 99  GLU A N   1 
ATOM   610  C CA  . GLU A 1 87  ? 5.560   -1.268  1.427   1.00 53.58  ? 99  GLU A CA  1 
ATOM   611  C C   . GLU A 1 87  ? 4.715   -0.433  0.470   1.00 54.37  ? 99  GLU A C   1 
ATOM   612  O O   . GLU A 1 87  ? 3.742   0.195   0.885   1.00 54.15  ? 99  GLU A O   1 
ATOM   613  C CB  . GLU A 1 87  ? 6.998   -0.770  1.391   1.00 54.35  ? 99  GLU A CB  1 
ATOM   614  C CG  . GLU A 1 87  ? 7.560   -0.458  2.752   1.00 55.75  ? 99  GLU A CG  1 
ATOM   615  C CD  . GLU A 1 87  ? 7.972   0.989   2.878   1.00 54.96  ? 99  GLU A CD  1 
ATOM   616  O OE1 . GLU A 1 87  ? 9.090   1.338   2.464   1.00 55.72  ? 99  GLU A OE1 1 
ATOM   617  O OE2 . GLU A 1 87  ? 7.164   1.789   3.381   1.00 60.21  ? 99  GLU A OE2 1 
ATOM   618  N N   . LYS A 1 88  ? 5.083   -0.444  -0.810  1.00 54.47  ? 100 LYS A N   1 
ATOM   619  C CA  . LYS A 1 88  ? 4.362   0.310   -1.831  1.00 55.89  ? 100 LYS A CA  1 
ATOM   620  C C   . LYS A 1 88  ? 2.862   0.072   -1.835  1.00 55.45  ? 100 LYS A C   1 
ATOM   621  O O   . LYS A 1 88  ? 2.086   1.016   -1.802  1.00 56.72  ? 100 LYS A O   1 
ATOM   622  C CB  . LYS A 1 88  ? 4.890   -0.012  -3.233  1.00 58.56  ? 100 LYS A CB  1 
ATOM   623  C CG  . LYS A 1 88  ? 6.352   0.338   -3.475  1.00 64.13  ? 100 LYS A CG  1 
ATOM   624  C CD  . LYS A 1 88  ? 6.697   0.246   -4.970  1.00 67.69  ? 100 LYS A CD  1 
ATOM   625  C CE  . LYS A 1 88  ? 8.213   0.324   -5.226  1.00 69.87  ? 100 LYS A CE  1 
ATOM   626  N NZ  . LYS A 1 88  ? 8.941   -0.911  -4.795  1.00 70.50  ? 100 LYS A NZ  1 
ATOM   627  N N   . LEU A 1 89  ? 2.446   -1.185  -1.887  1.00 54.48  ? 101 LEU A N   1 
ATOM   628  C CA  . LEU A 1 89  ? 1.028   -1.490  -1.938  1.00 53.96  ? 101 LEU A CA  1 
ATOM   629  C C   . LEU A 1 89  ? 0.225   -0.759  -0.869  1.00 55.44  ? 101 LEU A C   1 
ATOM   630  O O   . LEU A 1 89  ? -0.805  -0.144  -1.160  1.00 55.84  ? 101 LEU A O   1 
ATOM   631  C CB  . LEU A 1 89  ? 0.806   -2.996  -1.814  1.00 53.57  ? 101 LEU A CB  1 
ATOM   632  C CG  . LEU A 1 89  ? -0.600  -3.529  -2.120  1.00 52.32  ? 101 LEU A CG  1 
ATOM   633  C CD1 . LEU A 1 89  ? -1.504  -3.373  -0.933  1.00 52.15  ? 101 LEU A CD1 1 
ATOM   634  C CD2 . LEU A 1 89  ? -1.166  -2.798  -3.318  1.00 50.62  ? 101 LEU A CD2 1 
ATOM   635  N N   . LEU A 1 90  ? 0.695   -0.822  0.367   1.00 56.16  ? 102 LEU A N   1 
ATOM   636  C CA  . LEU A 1 90  ? -0.006  -0.175  1.466   1.00 56.99  ? 102 LEU A CA  1 
ATOM   637  C C   . LEU A 1 90  ? 0.036   1.341   1.322   1.00 58.45  ? 102 LEU A C   1 
ATOM   638  O O   . LEU A 1 90  ? -0.996  2.002   1.407   1.00 59.71  ? 102 LEU A O   1 
ATOM   639  C CB  . LEU A 1 90  ? 0.603   -0.620  2.795   1.00 54.01  ? 102 LEU A CB  1 
ATOM   640  C CG  . LEU A 1 90  ? 0.651   -2.148  2.944   1.00 50.75  ? 102 LEU A CG  1 
ATOM   641  C CD1 . LEU A 1 90  ? 1.284   -2.496  4.267   1.00 53.37  ? 102 LEU A CD1 1 
ATOM   642  C CD2 . LEU A 1 90  ? -0.743  -2.751  2.856   1.00 48.86  ? 102 LEU A CD2 1 
ATOM   643  N N   . LEU A 1 91  ? 1.221   1.889   1.086   1.00 60.52  ? 103 LEU A N   1 
ATOM   644  C CA  . LEU A 1 91  ? 1.358   3.330   0.919   1.00 63.57  ? 103 LEU A CA  1 
ATOM   645  C C   . LEU A 1 91  ? 0.424   3.856   -0.175  1.00 65.80  ? 103 LEU A C   1 
ATOM   646  O O   . LEU A 1 91  ? -0.067  4.979   -0.091  1.00 67.09  ? 103 LEU A O   1 
ATOM   647  C CB  . LEU A 1 91  ? 2.802   3.686   0.584   1.00 62.25  ? 103 LEU A CB  1 
ATOM   648  C CG  . LEU A 1 91  ? 3.799   3.383   1.699   1.00 61.95  ? 103 LEU A CG  1 
ATOM   649  C CD1 . LEU A 1 91  ? 5.214   3.626   1.204   1.00 60.93  ? 103 LEU A CD1 1 
ATOM   650  C CD2 . LEU A 1 91  ? 3.490   4.256   2.904   1.00 62.00  ? 103 LEU A CD2 1 
ATOM   651  N N   . ASP A 1 92  ? 0.179   3.049   -1.203  1.00 67.98  ? 104 ASP A N   1 
ATOM   652  C CA  . ASP A 1 92  ? -0.715  3.465   -2.275  1.00 70.29  ? 104 ASP A CA  1 
ATOM   653  C C   . ASP A 1 92  ? -2.155  3.436   -1.771  1.00 70.78  ? 104 ASP A C   1 
ATOM   654  O O   . ASP A 1 92  ? -3.084  3.026   -2.476  1.00 70.98  ? 104 ASP A O   1 
ATOM   655  C CB  . ASP A 1 92  ? -0.568  2.561   -3.509  1.00 72.52  ? 104 ASP A CB  1 
ATOM   656  C CG  . ASP A 1 92  ? 0.764   2.758   -4.234  1.00 74.78  ? 104 ASP A CG  1 
ATOM   657  O OD1 . ASP A 1 92  ? 1.283   3.898   -4.245  1.00 75.59  ? 104 ASP A OD1 1 
ATOM   658  O OD2 . ASP A 1 92  ? 1.285   1.776   -4.809  1.00 75.45  ? 104 ASP A OD2 1 
ATOM   659  N N   . GLY A 1 93  ? -2.319  3.866   -0.526  1.00 70.25  ? 105 GLY A N   1 
ATOM   660  C CA  . GLY A 1 93  ? -3.628  3.930   0.094   1.00 69.94  ? 105 GLY A CA  1 
ATOM   661  C C   . GLY A 1 93  ? -3.665  5.221   0.884   1.00 69.64  ? 105 GLY A C   1 
ATOM   662  O O   . GLY A 1 93  ? -4.705  5.853   1.037   1.00 68.77  ? 105 GLY A O   1 
ATOM   663  N N   . ALA A 1 94  ? -2.492  5.611   1.374   1.00 69.70  ? 106 ALA A N   1 
ATOM   664  C CA  . ALA A 1 94  ? -2.324  6.827   2.157   1.00 69.46  ? 106 ALA A CA  1 
ATOM   665  C C   . ALA A 1 94  ? -3.029  8.023   1.517   1.00 69.64  ? 106 ALA A C   1 
ATOM   666  O O   . ALA A 1 94  ? -3.701  8.798   2.198   1.00 69.29  ? 106 ALA A O   1 
ATOM   667  C CB  . ALA A 1 94  ? -0.836  7.128   2.320   1.00 69.48  ? 106 ALA A CB  1 
ATOM   668  N N   . ARG A 1 95  ? -2.873  8.176   0.208   1.00 69.52  ? 107 ARG A N   1 
ATOM   669  C CA  . ARG A 1 95  ? -3.500  9.289   -0.485  1.00 70.29  ? 107 ARG A CA  1 
ATOM   670  C C   . ARG A 1 95  ? -4.588  8.859   -1.447  1.00 70.69  ? 107 ARG A C   1 
ATOM   671  O O   . ARG A 1 95  ? -4.340  8.120   -2.402  1.00 71.55  ? 107 ARG A O   1 
ATOM   672  C CB  . ARG A 1 95  ? -2.446  10.108  -1.230  1.00 69.56  ? 107 ARG A CB  1 
ATOM   673  C CG  . ARG A 1 95  ? -1.595  10.956  -0.306  1.00 69.09  ? 107 ARG A CG  1 
ATOM   674  C CD  . ARG A 1 95  ? -0.445  11.621  -1.041  1.00 67.34  ? 107 ARG A CD  1 
ATOM   675  N NE  . ARG A 1 95  ? 0.293   12.517  -0.159  1.00 65.08  ? 107 ARG A NE  1 
ATOM   676  C CZ  . ARG A 1 95  ? 1.498   13.001  -0.434  1.00 63.29  ? 107 ARG A CZ  1 
ATOM   677  N NH1 . ARG A 1 95  ? 2.099   12.670  -1.567  1.00 62.91  ? 107 ARG A NH1 1 
ATOM   678  N NH2 . ARG A 1 95  ? 2.091   13.822  0.419   1.00 61.69  ? 107 ARG A NH2 1 
ATOM   679  N N   . THR A 1 96  ? -5.799  9.333   -1.183  1.00 71.14  ? 108 THR A N   1 
ATOM   680  C CA  . THR A 1 96  ? -6.949  9.025   -2.024  1.00 71.08  ? 108 THR A CA  1 
ATOM   681  C C   . THR A 1 96  ? -6.833  9.799   -3.335  1.00 70.07  ? 108 THR A C   1 
ATOM   682  O O   . THR A 1 96  ? -6.021  10.716  -3.449  1.00 69.90  ? 108 THR A O   1 
ATOM   683  C CB  . THR A 1 96  ? -8.270  9.399   -1.302  1.00 71.94  ? 108 THR A CB  1 
ATOM   684  O OG1 . THR A 1 96  ? -8.244  10.781  -0.921  1.00 69.92  ? 108 THR A OG1 1 
ATOM   685  C CG2 . THR A 1 96  ? -8.445  8.548   -0.048  1.00 72.43  ? 108 THR A CG2 1 
ATOM   686  N N   . LYS A 1 97  ? -7.635  9.417   -4.324  1.00 68.79  ? 109 LYS A N   1 
ATOM   687  C CA  . LYS A 1 97  ? -7.623  10.072  -5.630  1.00 68.18  ? 109 LYS A CA  1 
ATOM   688  C C   . LYS A 1 97  ? -7.889  11.577  -5.507  1.00 66.70  ? 109 LYS A C   1 
ATOM   689  O O   . LYS A 1 97  ? -8.283  12.060  -4.445  1.00 67.53  ? 109 LYS A O   1 
ATOM   690  C CB  . LYS A 1 97  ? -8.676  9.410   -6.535  1.00 69.88  ? 109 LYS A CB  1 
ATOM   691  C CG  . LYS A 1 97  ? -8.933  10.106  -7.872  1.00 72.34  ? 109 LYS A CG  1 
ATOM   692  C CD  . LYS A 1 97  ? -7.682  10.185  -8.734  1.00 74.62  ? 109 LYS A CD  1 
ATOM   693  C CE  . LYS A 1 97  ? -7.944  10.967  -10.012 1.00 75.00  ? 109 LYS A CE  1 
ATOM   694  N NZ  . LYS A 1 97  ? -6.711  11.087  -10.830 1.00 75.24  ? 109 LYS A NZ  1 
ATOM   695  N N   . LEU A 1 98  ? -7.659  12.318  -6.587  1.00 64.93  ? 110 LEU A N   1 
ATOM   696  C CA  . LEU A 1 98  ? -7.893  13.758  -6.583  1.00 62.93  ? 110 LEU A CA  1 
ATOM   697  C C   . LEU A 1 98  ? -9.346  14.066  -6.927  1.00 62.81  ? 110 LEU A C   1 
ATOM   698  O O   . LEU A 1 98  ? -9.906  13.511  -7.878  1.00 63.48  ? 110 LEU A O   1 
ATOM   699  C CB  . LEU A 1 98  ? -6.973  14.471  -7.585  1.00 61.10  ? 110 LEU A CB  1 
ATOM   700  C CG  . LEU A 1 98  ? -5.524  14.780  -7.185  1.00 59.20  ? 110 LEU A CG  1 
ATOM   701  C CD1 . LEU A 1 98  ? -4.802  15.462  -8.341  1.00 57.91  ? 110 LEU A CD1 1 
ATOM   702  C CD2 . LEU A 1 98  ? -5.509  15.680  -5.961  1.00 57.39  ? 110 LEU A CD2 1 
ATOM   703  N N   . THR A 1 99  ? -9.952  14.951  -6.144  1.00 61.19  ? 111 THR A N   1 
ATOM   704  C CA  . THR A 1 99  ? -11.332 15.354  -6.361  1.00 59.92  ? 111 THR A CA  1 
ATOM   705  C C   . THR A 1 99  ? -11.392 16.178  -7.640  1.00 59.39  ? 111 THR A C   1 
ATOM   706  O O   . THR A 1 99  ? -10.375 16.689  -8.101  1.00 59.66  ? 111 THR A O   1 
ATOM   707  C CB  . THR A 1 99  ? -11.845 16.201  -5.184  1.00 60.14  ? 111 THR A CB  1 
ATOM   708  O OG1 . THR A 1 99  ? -11.051 17.389  -5.066  1.00 61.80  ? 111 THR A OG1 1 
ATOM   709  C CG2 . THR A 1 99  ? -11.748 15.415  -3.884  1.00 57.79  ? 111 THR A CG2 1 
ATOM   710  N N   . ARG A 1 100 ? -12.576 16.301  -8.223  1.00 59.48  ? 112 ARG A N   1 
ATOM   711  C CA  . ARG A 1 100 ? -12.709 17.069  -9.449  1.00 58.97  ? 112 ARG A CA  1 
ATOM   712  C C   . ARG A 1 100 ? -12.294 18.520  -9.220  1.00 56.75  ? 112 ARG A C   1 
ATOM   713  O O   . ARG A 1 100 ? -11.713 19.158  -10.097 1.00 56.17  ? 112 ARG A O   1 
ATOM   714  C CB  . ARG A 1 100 ? -14.146 17.003  -9.960  1.00 62.19  ? 112 ARG A CB  1 
ATOM   715  C CG  . ARG A 1 100 ? -14.365 17.753  -11.264 1.00 68.38  ? 112 ARG A CG  1 
ATOM   716  C CD  . ARG A 1 100 ? -15.704 17.402  -11.914 1.00 74.67  ? 112 ARG A CD  1 
ATOM   717  N NE  . ARG A 1 100 ? -15.711 16.067  -12.520 1.00 78.61  ? 112 ARG A NE  1 
ATOM   718  C CZ  . ARG A 1 100 ? -15.827 14.922  -11.847 1.00 80.52  ? 112 ARG A CZ  1 
ATOM   719  N NH1 . ARG A 1 100 ? -15.955 14.923  -10.525 1.00 81.82  ? 112 ARG A NH1 1 
ATOM   720  N NH2 . ARG A 1 100 ? -15.806 13.766  -12.503 1.00 81.11  ? 112 ARG A NH2 1 
ATOM   721  N N   . ALA A 1 101 ? -12.588 19.038  -8.034  1.00 52.98  ? 113 ALA A N   1 
ATOM   722  C CA  . ALA A 1 101 ? -12.224 20.408  -7.716  1.00 50.95  ? 113 ALA A CA  1 
ATOM   723  C C   . ALA A 1 101 ? -10.711 20.548  -7.834  1.00 50.49  ? 113 ALA A C   1 
ATOM   724  O O   . ALA A 1 101 ? -10.212 21.520  -8.399  1.00 49.27  ? 113 ALA A O   1 
ATOM   725  C CB  . ALA A 1 101 ? -12.675 20.760  -6.303  1.00 51.06  ? 113 ALA A CB  1 
ATOM   726  N N   . ALA A 1 102 ? -9.988  19.565  -7.300  1.00 48.80  ? 114 ALA A N   1 
ATOM   727  C CA  . ALA A 1 102 ? -8.530  19.570  -7.339  1.00 47.10  ? 114 ALA A CA  1 
ATOM   728  C C   . ALA A 1 102 ? -8.007  19.532  -8.774  1.00 46.35  ? 114 ALA A C   1 
ATOM   729  O O   . ALA A 1 102 ? -7.179  20.352  -9.149  1.00 45.31  ? 114 ALA A O   1 
ATOM   730  C CB  . ALA A 1 102 ? -7.988  18.391  -6.558  1.00 46.48  ? 114 ALA A CB  1 
ATOM   731  N N   . LEU A 1 103 ? -8.478  18.581  -9.573  1.00 47.60  ? 115 LEU A N   1 
ATOM   732  C CA  . LEU A 1 103 ? -8.023  18.501  -10.953 1.00 49.74  ? 115 LEU A CA  1 
ATOM   733  C C   . LEU A 1 103 ? -8.292  19.835  -11.641 1.00 51.94  ? 115 LEU A C   1 
ATOM   734  O O   . LEU A 1 103 ? -7.463  20.352  -12.400 1.00 52.04  ? 115 LEU A O   1 
ATOM   735  C CB  . LEU A 1 103 ? -8.743  17.373  -11.704 1.00 50.43  ? 115 LEU A CB  1 
ATOM   736  C CG  . LEU A 1 103 ? -8.338  15.908  -11.473 1.00 52.19  ? 115 LEU A CG  1 
ATOM   737  C CD1 . LEU A 1 103 ? -6.855  15.841  -11.122 1.00 51.25  ? 115 LEU A CD1 1 
ATOM   738  C CD2 . LEU A 1 103 ? -9.175  15.286  -10.367 1.00 51.98  ? 115 LEU A CD2 1 
ATOM   739  N N   . GLU A 1 104 ? -9.461  20.391  -11.351 1.00 53.61  ? 116 GLU A N   1 
ATOM   740  C CA  . GLU A 1 104 ? -9.883  21.663  -11.906 1.00 53.02  ? 116 GLU A CA  1 
ATOM   741  C C   . GLU A 1 104 ? -8.807  22.714  -11.654 1.00 51.32  ? 116 GLU A C   1 
ATOM   742  O O   . GLU A 1 104 ? -8.318  23.347  -12.582 1.00 51.65  ? 116 GLU A O   1 
ATOM   743  C CB  . GLU A 1 104 ? -11.178 22.110  -11.233 1.00 57.47  ? 116 GLU A CB  1 
ATOM   744  C CG  . GLU A 1 104 ? -12.242 22.648  -12.173 1.00 65.96  ? 116 GLU A CG  1 
ATOM   745  C CD  . GLU A 1 104 ? -13.216 21.575  -12.628 1.00 70.58  ? 116 GLU A CD  1 
ATOM   746  O OE1 . GLU A 1 104 ? -12.856 20.792  -13.535 1.00 74.06  ? 116 GLU A OE1 1 
ATOM   747  O OE2 . GLU A 1 104 ? -14.336 21.513  -12.065 1.00 73.64  ? 116 GLU A OE2 1 
ATOM   748  N N   . THR A 1 105 ? -8.434  22.898  -10.394 1.00 49.46  ? 117 THR A N   1 
ATOM   749  C CA  . THR A 1 105 ? -7.430  23.896  -10.061 1.00 50.31  ? 117 THR A CA  1 
ATOM   750  C C   . THR A 1 105 ? -6.051  23.501  -10.544 1.00 50.46  ? 117 THR A C   1 
ATOM   751  O O   . THR A 1 105 ? -5.195  24.357  -10.755 1.00 51.18  ? 117 THR A O   1 
ATOM   752  C CB  . THR A 1 105 ? -7.400  24.206  -8.530  1.00 49.79  ? 117 THR A CB  1 
ATOM   753  O OG1 . THR A 1 105 ? -6.047  24.312  -8.079  1.00 50.24  ? 117 THR A OG1 1 
ATOM   754  C CG2 . THR A 1 105 ? -8.109  23.146  -7.753  1.00 49.58  ? 117 THR A CG2 1 
ATOM   755  N N   . LEU A 1 106 ? -5.832  22.208  -10.734 1.00 50.98  ? 118 LEU A N   1 
ATOM   756  C CA  . LEU A 1 106 ? -4.537  21.756  -11.221 1.00 50.90  ? 118 LEU A CA  1 
ATOM   757  C C   . LEU A 1 106 ? -4.437  22.264  -12.652 1.00 50.00  ? 118 LEU A C   1 
ATOM   758  O O   . LEU A 1 106 ? -3.417  22.817  -13.056 1.00 49.47  ? 118 LEU A O   1 
ATOM   759  C CB  . LEU A 1 106 ? -4.454  20.228  -11.214 1.00 51.68  ? 118 LEU A CB  1 
ATOM   760  C CG  . LEU A 1 106 ? -3.073  19.563  -11.153 1.00 52.39  ? 118 LEU A CG  1 
ATOM   761  C CD1 . LEU A 1 106 ? -3.196  18.190  -11.778 1.00 51.85  ? 118 LEU A CD1 1 
ATOM   762  C CD2 . LEU A 1 106 ? -2.016  20.371  -11.889 1.00 53.13  ? 118 LEU A CD2 1 
ATOM   763  N N   . ALA A 1 107 ? -5.519  22.080  -13.402 1.00 49.84  ? 119 ALA A N   1 
ATOM   764  C CA  . ALA A 1 107 ? -5.590  22.505  -14.796 1.00 49.66  ? 119 ALA A CA  1 
ATOM   765  C C   . ALA A 1 107 ? -5.360  24.003  -14.929 1.00 50.93  ? 119 ALA A C   1 
ATOM   766  O O   . ALA A 1 107 ? -4.707  24.462  -15.871 1.00 51.83  ? 119 ALA A O   1 
ATOM   767  C CB  . ALA A 1 107 ? -6.934  22.137  -15.383 1.00 48.28  ? 119 ALA A CB  1 
ATOM   768  N N   . VAL A 1 108 ? -5.900  24.770  -13.989 1.00 49.93  ? 120 VAL A N   1 
ATOM   769  C CA  . VAL A 1 108 ? -5.727  26.206  -14.033 1.00 49.32  ? 120 VAL A CA  1 
ATOM   770  C C   . VAL A 1 108 ? -4.239  26.541  -13.972 1.00 50.30  ? 120 VAL A C   1 
ATOM   771  O O   . VAL A 1 108 ? -3.750  27.337  -14.768 1.00 51.63  ? 120 VAL A O   1 
ATOM   772  C CB  . VAL A 1 108 ? -6.488  26.896  -12.868 1.00 47.60  ? 120 VAL A CB  1 
ATOM   773  C CG1 . VAL A 1 108 ? -6.177  28.387  -12.839 1.00 46.40  ? 120 VAL A CG1 1 
ATOM   774  C CG2 . VAL A 1 108 ? -7.971  26.688  -13.041 1.00 44.63  ? 120 VAL A CG2 1 
ATOM   775  N N   . VAL A 1 109 ? -3.520  25.925  -13.036 1.00 51.31  ? 121 VAL A N   1 
ATOM   776  C CA  . VAL A 1 109 ? -2.089  26.170  -12.899 1.00 51.19  ? 121 VAL A CA  1 
ATOM   777  C C   . VAL A 1 109 ? -1.365  25.680  -14.131 1.00 54.61  ? 121 VAL A C   1 
ATOM   778  O O   . VAL A 1 109 ? -0.459  26.339  -14.630 1.00 54.90  ? 121 VAL A O   1 
ATOM   779  C CB  . VAL A 1 109 ? -1.482  25.438  -11.684 1.00 49.75  ? 121 VAL A CB  1 
ATOM   780  C CG1 . VAL A 1 109 ? 0.036   25.489  -11.753 1.00 47.63  ? 121 VAL A CG1 1 
ATOM   781  C CG2 . VAL A 1 109 ? -1.960  26.088  -10.392 1.00 45.69  ? 121 VAL A CG2 1 
ATOM   782  N N   . ALA A 1 110 ? -1.774  24.517  -14.622 1.00 57.65  ? 122 ALA A N   1 
ATOM   783  C CA  . ALA A 1 110 ? -1.156  23.915  -15.797 1.00 61.13  ? 122 ALA A CA  1 
ATOM   784  C C   . ALA A 1 110 ? -1.240  24.796  -17.033 1.00 63.76  ? 122 ALA A C   1 
ATOM   785  O O   . ALA A 1 110 ? -0.231  25.055  -17.686 1.00 64.11  ? 122 ALA A O   1 
ATOM   786  C CB  . ALA A 1 110 ? -1.798  22.568  -16.083 1.00 60.23  ? 122 ALA A CB  1 
ATOM   787  N N   . TYR A 1 111 ? -2.447  25.259  -17.343 1.00 66.71  ? 123 TYR A N   1 
ATOM   788  C CA  . TYR A 1 111 ? -2.683  26.090  -18.517 1.00 68.93  ? 123 TYR A CA  1 
ATOM   789  C C   . TYR A 1 111 ? -2.273  27.558  -18.395 1.00 69.32  ? 123 TYR A C   1 
ATOM   790  O O   . TYR A 1 111 ? -2.079  28.231  -19.405 1.00 70.51  ? 123 TYR A O   1 
ATOM   791  C CB  . TYR A 1 111 ? -4.156  25.987  -18.915 1.00 71.31  ? 123 TYR A CB  1 
ATOM   792  C CG  . TYR A 1 111 ? -4.529  24.687  -19.610 1.00 74.47  ? 123 TYR A CG  1 
ATOM   793  C CD1 . TYR A 1 111 ? -4.271  24.504  -20.971 1.00 75.99  ? 123 TYR A CD1 1 
ATOM   794  C CD2 . TYR A 1 111 ? -5.165  23.654  -18.915 1.00 75.59  ? 123 TYR A CD2 1 
ATOM   795  C CE1 . TYR A 1 111 ? -4.643  23.324  -21.633 1.00 77.65  ? 123 TYR A CE1 1 
ATOM   796  C CE2 . TYR A 1 111 ? -5.541  22.466  -19.564 1.00 77.51  ? 123 TYR A CE2 1 
ATOM   797  C CZ  . TYR A 1 111 ? -5.279  22.311  -20.926 1.00 78.42  ? 123 TYR A CZ  1 
ATOM   798  O OH  . TYR A 1 111 ? -5.669  21.160  -21.581 1.00 78.85  ? 123 TYR A OH  1 
ATOM   799  N N   . ARG A 1 112 ? -2.152  28.064  -17.174 1.00 69.97  ? 124 ARG A N   1 
ATOM   800  C CA  . ARG A 1 112 ? -1.745  29.454  -16.980 1.00 70.63  ? 124 ARG A CA  1 
ATOM   801  C C   . ARG A 1 112 ? -0.369  29.481  -16.333 1.00 70.14  ? 124 ARG A C   1 
ATOM   802  O O   . ARG A 1 112 ? 0.138   30.536  -15.956 1.00 69.68  ? 124 ARG A O   1 
ATOM   803  C CB  . ARG A 1 112 ? -2.742  30.196  -16.087 1.00 73.71  ? 124 ARG A CB  1 
ATOM   804  C CG  . ARG A 1 112 ? -4.057  30.580  -16.745 1.00 76.50  ? 124 ARG A CG  1 
ATOM   805  C CD  . ARG A 1 112 ? -4.886  31.427  -15.788 1.00 79.88  ? 124 ARG A CD  1 
ATOM   806  N NE  . ARG A 1 112 ? -5.986  32.127  -16.449 1.00 83.02  ? 124 ARG A NE  1 
ATOM   807  C CZ  . ARG A 1 112 ? -7.044  31.529  -16.987 1.00 84.51  ? 124 ARG A CZ  1 
ATOM   808  N NH1 . ARG A 1 112 ? -7.159  30.207  -16.947 1.00 85.84  ? 124 ARG A NH1 1 
ATOM   809  N NH2 . ARG A 1 112 ? -7.994  32.252  -17.564 1.00 85.30  ? 124 ARG A NH2 1 
ATOM   810  N N   . GLN A 1 113 ? 0.221   28.293  -16.235 1.00 70.07  ? 125 GLN A N   1 
ATOM   811  C CA  . GLN A 1 113 ? 1.532   28.066  -15.634 1.00 68.44  ? 125 GLN A CA  1 
ATOM   812  C C   . GLN A 1 113 ? 1.987   29.151  -14.663 1.00 68.31  ? 125 GLN A C   1 
ATOM   813  O O   . GLN A 1 113 ? 1.504   29.180  -13.535 1.00 70.00  ? 125 GLN A O   1 
ATOM   814  C CB  . GLN A 1 113 ? 2.574   27.824  -16.714 1.00 67.94  ? 125 GLN A CB  1 
ATOM   815  C CG  . GLN A 1 113 ? 3.738   26.987  -16.224 1.00 65.53  ? 125 GLN A CG  1 
ATOM   816  C CD  . GLN A 1 113 ? 3.311   25.587  -15.840 1.00 62.28  ? 125 GLN A CD  1 
ATOM   817  O OE1 . GLN A 1 113 ? 2.279   25.094  -16.295 1.00 61.04  ? 125 GLN A OE1 1 
ATOM   818  N NE2 . GLN A 1 113 ? 4.115   24.931  -15.018 1.00 61.58  ? 125 GLN A NE2 1 
ATOM   819  N N   . PRO A 1 114 ? 2.909   30.057  -15.055 1.00 66.33  ? 126 PRO A N   1 
ATOM   820  C CA  . PRO A 1 114 ? 3.241   31.030  -14.009 1.00 64.10  ? 126 PRO A CA  1 
ATOM   821  C C   . PRO A 1 114 ? 1.960   31.726  -13.574 1.00 62.91  ? 126 PRO A C   1 
ATOM   822  O O   . PRO A 1 114 ? 1.408   32.522  -14.334 1.00 63.70  ? 126 PRO A O   1 
ATOM   823  C CB  . PRO A 1 114 ? 4.201   31.987  -14.712 1.00 64.21  ? 126 PRO A CB  1 
ATOM   824  C CG  . PRO A 1 114 ? 4.808   31.147  -15.768 1.00 65.16  ? 126 PRO A CG  1 
ATOM   825  C CD  . PRO A 1 114 ? 3.621   30.389  -16.298 1.00 65.37  ? 126 PRO A CD  1 
ATOM   826  N N   . VAL A 1 115 ? 1.479   31.397  -12.374 1.00 60.88  ? 127 VAL A N   1 
ATOM   827  C CA  . VAL A 1 115 ? 0.254   31.983  -11.824 1.00 57.08  ? 127 VAL A CA  1 
ATOM   828  C C   . VAL A 1 115 ? 0.340   32.127  -10.322 1.00 55.79  ? 127 VAL A C   1 
ATOM   829  O O   . VAL A 1 115 ? 0.892   31.263  -9.646  1.00 56.16  ? 127 VAL A O   1 
ATOM   830  C CB  . VAL A 1 115 ? -0.975  31.110  -12.087 1.00 56.16  ? 127 VAL A CB  1 
ATOM   831  C CG1 . VAL A 1 115 ? -1.351  31.157  -13.537 1.00 57.78  ? 127 VAL A CG1 1 
ATOM   832  C CG2 . VAL A 1 115 ? -0.691  29.686  -11.658 1.00 55.57  ? 127 VAL A CG2 1 
ATOM   833  N N   . THR A 1 116 ? -0.207  33.222  -9.804  1.00 54.15  ? 128 THR A N   1 
ATOM   834  C CA  . THR A 1 116 ? -0.237  33.458  -8.363  1.00 52.78  ? 128 THR A CA  1 
ATOM   835  C C   . THR A 1 116 ? -1.488  32.732  -7.890  1.00 50.37  ? 128 THR A C   1 
ATOM   836  O O   . THR A 1 116 ? -2.415  32.532  -8.675  1.00 49.15  ? 128 THR A O   1 
ATOM   837  C CB  . THR A 1 116 ? -0.399  34.956  -8.048  1.00 53.89  ? 128 THR A CB  1 
ATOM   838  O OG1 . THR A 1 116 ? -1.301  35.541  -8.995  1.00 57.10  ? 128 THR A OG1 1 
ATOM   839  C CG2 . THR A 1 116 ? 0.944   35.676  -8.120  1.00 54.41  ? 128 THR A CG2 1 
ATOM   840  N N   . ARG A 1 117 ? -1.545  32.326  -6.632  1.00 48.73  ? 129 ARG A N   1 
ATOM   841  C CA  . ARG A 1 117 ? -2.756  31.650  -6.213  1.00 50.23  ? 129 ARG A CA  1 
ATOM   842  C C   . ARG A 1 117 ? -3.915  32.638  -6.258  1.00 49.20  ? 129 ARG A C   1 
ATOM   843  O O   . ARG A 1 117 ? -5.060  32.240  -6.407  1.00 47.98  ? 129 ARG A O   1 
ATOM   844  C CB  . ARG A 1 117 ? -2.622  31.030  -4.817  1.00 51.31  ? 129 ARG A CB  1 
ATOM   845  C CG  . ARG A 1 117 ? -2.191  31.960  -3.727  1.00 53.41  ? 129 ARG A CG  1 
ATOM   846  C CD  . ARG A 1 117 ? -2.987  31.669  -2.471  1.00 55.31  ? 129 ARG A CD  1 
ATOM   847  N NE  . ARG A 1 117 ? -3.057  30.246  -2.155  1.00 58.26  ? 129 ARG A NE  1 
ATOM   848  C CZ  . ARG A 1 117 ? -2.034  29.507  -1.731  1.00 60.18  ? 129 ARG A CZ  1 
ATOM   849  N NH1 . ARG A 1 117 ? -0.836  30.043  -1.567  1.00 61.89  ? 129 ARG A NH1 1 
ATOM   850  N NH2 . ARG A 1 117 ? -2.214  28.222  -1.458  1.00 62.19  ? 129 ARG A NH2 1 
ATOM   851  N N   . ALA A 1 118 ? -3.612  33.929  -6.153  1.00 49.31  ? 130 ALA A N   1 
ATOM   852  C CA  . ALA A 1 118 ? -4.655  34.946  -6.210  1.00 48.86  ? 130 ALA A CA  1 
ATOM   853  C C   . ALA A 1 118 ? -5.432  34.824  -7.515  1.00 48.76  ? 130 ALA A C   1 
ATOM   854  O O   . ALA A 1 118 ? -6.638  35.038  -7.539  1.00 50.34  ? 130 ALA A O   1 
ATOM   855  C CB  . ALA A 1 118 ? -4.055  36.330  -6.094  1.00 48.89  ? 130 ALA A CB  1 
ATOM   856  N N   . ARG A 1 119 ? -4.749  34.476  -8.601  1.00 48.25  ? 131 ARG A N   1 
ATOM   857  C CA  . ARG A 1 119 ? -5.437  34.331  -9.880  1.00 49.01  ? 131 ARG A CA  1 
ATOM   858  C C   . ARG A 1 119 ? -6.107  32.968  -9.979  1.00 48.34  ? 131 ARG A C   1 
ATOM   859  O O   . ARG A 1 119 ? -7.076  32.795  -10.717 1.00 49.73  ? 131 ARG A O   1 
ATOM   860  C CB  . ARG A 1 119 ? -4.479  34.506  -11.059 1.00 50.67  ? 131 ARG A CB  1 
ATOM   861  C CG  . ARG A 1 119 ? -5.180  34.460  -12.418 1.00 52.84  ? 131 ARG A CG  1 
ATOM   862  C CD  . ARG A 1 119 ? -4.197  34.473  -13.582 1.00 58.03  ? 131 ARG A CD  1 
ATOM   863  N NE  . ARG A 1 119 ? -4.130  35.746  -14.305 1.00 61.06  ? 131 ARG A NE  1 
ATOM   864  C CZ  . ARG A 1 119 ? -3.875  36.930  -13.749 1.00 62.78  ? 131 ARG A CZ  1 
ATOM   865  N NH1 . ARG A 1 119 ? -3.665  37.028  -12.439 1.00 63.52  ? 131 ARG A NH1 1 
ATOM   866  N NH2 . ARG A 1 119 ? -3.809  38.018  -14.511 1.00 61.41  ? 131 ARG A NH2 1 
ATOM   867  N N   . VAL A 1 120 ? -5.581  31.992  -9.251  1.00 46.16  ? 132 VAL A N   1 
ATOM   868  C CA  . VAL A 1 120 ? -6.177  30.670  -9.259  1.00 44.05  ? 132 VAL A CA  1 
ATOM   869  C C   . VAL A 1 120 ? -7.467  30.742  -8.445  1.00 43.60  ? 132 VAL A C   1 
ATOM   870  O O   . VAL A 1 120 ? -8.493  30.179  -8.818  1.00 45.41  ? 132 VAL A O   1 
ATOM   871  C CB  . VAL A 1 120 ? -5.248  29.619  -8.624  1.00 43.14  ? 132 VAL A CB  1 
ATOM   872  C CG1 . VAL A 1 120 ? -5.964  28.295  -8.546  1.00 38.21  ? 132 VAL A CG1 1 
ATOM   873  C CG2 . VAL A 1 120 ? -3.973  29.476  -9.446  1.00 43.75  ? 132 VAL A CG2 1 
ATOM   874  N N   . SER A 1 121 ? -7.403  31.440  -7.325  1.00 40.87  ? 133 SER A N   1 
ATOM   875  C CA  . SER A 1 121 ? -8.562  31.594  -6.473  1.00 42.51  ? 133 SER A CA  1 
ATOM   876  C C   . SER A 1 121 ? -9.661  32.355  -7.233  1.00 42.96  ? 133 SER A C   1 
ATOM   877  O O   . SER A 1 121 ? -10.839 31.987  -7.189  1.00 42.50  ? 133 SER A O   1 
ATOM   878  C CB  . SER A 1 121 ? -8.157  32.339  -5.205  1.00 41.95  ? 133 SER A CB  1 
ATOM   879  O OG  . SER A 1 121 ? -9.189  32.302  -4.250  1.00 45.49  ? 133 SER A OG  1 
ATOM   880  N N   . ALA A 1 122 ? -9.269  33.403  -7.948  1.00 42.15  ? 134 ALA A N   1 
ATOM   881  C CA  . ALA A 1 122 ? -10.229 34.189  -8.703  1.00 41.80  ? 134 ALA A CA  1 
ATOM   882  C C   . ALA A 1 122 ? -10.820 33.375  -9.845  1.00 41.71  ? 134 ALA A C   1 
ATOM   883  O O   . ALA A 1 122 ? -12.044 33.295  -9.992  1.00 42.13  ? 134 ALA A O   1 
ATOM   884  C CB  . ALA A 1 122 ? -9.575  35.448  -9.243  1.00 39.06  ? 134 ALA A CB  1 
ATOM   885  N N   . VAL A 1 123 ? -9.953  32.768  -10.648 1.00 41.00  ? 135 VAL A N   1 
ATOM   886  C CA  . VAL A 1 123 ? -10.395 31.949  -11.772 1.00 39.92  ? 135 VAL A CA  1 
ATOM   887  C C   . VAL A 1 123 ? -11.309 30.805  -11.340 1.00 41.71  ? 135 VAL A C   1 
ATOM   888  O O   . VAL A 1 123 ? -12.229 30.440  -12.067 1.00 43.75  ? 135 VAL A O   1 
ATOM   889  C CB  . VAL A 1 123 ? -9.187  31.369  -12.542 1.00 40.60  ? 135 VAL A CB  1 
ATOM   890  C CG1 . VAL A 1 123 ? -9.634  30.276  -13.509 1.00 39.93  ? 135 VAL A CG1 1 
ATOM   891  C CG2 . VAL A 1 123 ? -8.491  32.478  -13.301 1.00 39.81  ? 135 VAL A CG2 1 
ATOM   892  N N   . ARG A 1 124 ? -11.065 30.233  -10.167 1.00 42.11  ? 136 ARG A N   1 
ATOM   893  C CA  . ARG A 1 124 ? -11.900 29.137  -9.692  1.00 43.97  ? 136 ARG A CA  1 
ATOM   894  C C   . ARG A 1 124 ? -13.151 29.697  -9.005  1.00 45.76  ? 136 ARG A C   1 
ATOM   895  O O   . ARG A 1 124 ? -14.183 29.024  -8.909  1.00 44.99  ? 136 ARG A O   1 
ATOM   896  C CB  . ARG A 1 124 ? -11.133 28.257  -8.699  1.00 43.92  ? 136 ARG A CB  1 
ATOM   897  C CG  . ARG A 1 124 ? -10.067 27.335  -9.297  1.00 44.07  ? 136 ARG A CG  1 
ATOM   898  C CD  . ARG A 1 124 ? -10.639 26.018  -9.821  1.00 46.54  ? 136 ARG A CD  1 
ATOM   899  N NE  . ARG A 1 124 ? -11.508 25.300  -8.871  1.00 51.19  ? 136 ARG A NE  1 
ATOM   900  C CZ  . ARG A 1 124 ? -11.173 24.949  -7.627  1.00 52.78  ? 136 ARG A CZ  1 
ATOM   901  N NH1 . ARG A 1 124 ? -9.976  25.244  -7.139  1.00 55.11  ? 136 ARG A NH1 1 
ATOM   902  N NH2 . ARG A 1 124 ? -12.033 24.283  -6.866  1.00 50.92  ? 136 ARG A NH2 1 
ATOM   903  N N   . GLY A 1 125 ? -13.041 30.930  -8.525  1.00 45.84  ? 137 GLY A N   1 
ATOM   904  C CA  . GLY A 1 125 ? -14.152 31.564  -7.844  1.00 44.44  ? 137 GLY A CA  1 
ATOM   905  C C   . GLY A 1 125 ? -14.328 31.071  -6.424  1.00 43.19  ? 137 GLY A C   1 
ATOM   906  O O   . GLY A 1 125 ? -15.429 31.120  -5.889  1.00 43.39  ? 137 GLY A O   1 
ATOM   907  N N   . VAL A 1 126 ? -13.250 30.607  -5.801  1.00 42.93  ? 138 VAL A N   1 
ATOM   908  C CA  . VAL A 1 126 ? -13.324 30.097  -4.434  1.00 41.57  ? 138 VAL A CA  1 
ATOM   909  C C   . VAL A 1 126 ? -11.936 30.036  -3.797  1.00 42.18  ? 138 VAL A C   1 
ATOM   910  O O   . VAL A 1 126 ? -10.929 30.140  -4.486  1.00 42.57  ? 138 VAL A O   1 
ATOM   911  C CB  . VAL A 1 126 ? -13.908 28.658  -4.398  1.00 41.76  ? 138 VAL A CB  1 
ATOM   912  C CG1 . VAL A 1 126 ? -15.341 28.633  -4.901  1.00 41.96  ? 138 VAL A CG1 1 
ATOM   913  C CG2 . VAL A 1 126 ? -13.058 27.745  -5.255  1.00 43.55  ? 138 VAL A CG2 1 
ATOM   914  N N   . ASN A 1 127 ? -11.887 29.864  -2.480  1.00 41.07  ? 139 ASN A N   1 
ATOM   915  C CA  . ASN A 1 127 ? -10.618 29.749  -1.775  1.00 41.12  ? 139 ASN A CA  1 
ATOM   916  C C   . ASN A 1 127 ? -9.999  28.419  -2.235  1.00 42.80  ? 139 ASN A C   1 
ATOM   917  O O   . ASN A 1 127 ? -10.712 27.430  -2.410  1.00 43.43  ? 139 ASN A O   1 
ATOM   918  C CB  . ASN A 1 127 ? -10.869 29.710  -0.267  1.00 40.63  ? 139 ASN A CB  1 
ATOM   919  C CG  . ASN A 1 127 ? -9.589  29.665  0.532   1.00 42.54  ? 139 ASN A CG  1 
ATOM   920  O OD1 . ASN A 1 127 ? -8.976  30.703  0.790   1.00 45.57  ? 139 ASN A OD1 1 
ATOM   921  N ND2 . ASN A 1 127 ? -9.165  28.463  0.920   1.00 37.98  ? 139 ASN A ND2 1 
ATOM   922  N N   . VAL A 1 128 ? -8.684  28.381  -2.421  1.00 43.66  ? 140 VAL A N   1 
ATOM   923  C CA  . VAL A 1 128 ? -8.044  27.157  -2.894  1.00 43.66  ? 140 VAL A CA  1 
ATOM   924  C C   . VAL A 1 128 ? -6.866  26.668  -2.064  1.00 44.92  ? 140 VAL A C   1 
ATOM   925  O O   . VAL A 1 128 ? -6.068  25.873  -2.544  1.00 47.53  ? 140 VAL A O   1 
ATOM   926  C CB  . VAL A 1 128 ? -7.549  27.321  -4.357  1.00 42.77  ? 140 VAL A CB  1 
ATOM   927  C CG1 . VAL A 1 128 ? -8.727  27.525  -5.287  1.00 40.80  ? 140 VAL A CG1 1 
ATOM   928  C CG2 . VAL A 1 128 ? -6.594  28.494  -4.461  1.00 39.68  ? 140 VAL A CG2 1 
ATOM   929  N N   . ASP A 1 129 ? -6.763  27.112  -0.818  1.00 45.44  ? 141 ASP A N   1 
ATOM   930  C CA  . ASP A 1 129 ? -5.638  26.712  0.026   1.00 45.90  ? 141 ASP A CA  1 
ATOM   931  C C   . ASP A 1 129 ? -5.521  25.210  0.271   1.00 47.18  ? 141 ASP A C   1 
ATOM   932  O O   . ASP A 1 129 ? -4.419  24.650  0.226   1.00 47.21  ? 141 ASP A O   1 
ATOM   933  C CB  . ASP A 1 129 ? -5.707  27.442  1.363   1.00 44.89  ? 141 ASP A CB  1 
ATOM   934  C CG  . ASP A 1 129 ? -5.798  28.944  1.194   1.00 45.75  ? 141 ASP A CG  1 
ATOM   935  O OD1 . ASP A 1 129 ? -5.129  29.476  0.283   1.00 45.55  ? 141 ASP A OD1 1 
ATOM   936  O OD2 . ASP A 1 129 ? -6.537  29.591  1.970   1.00 47.19  ? 141 ASP A OD2 1 
ATOM   937  N N   . ALA A 1 130 ? -6.650  24.560  0.536   1.00 48.18  ? 142 ALA A N   1 
ATOM   938  C CA  . ALA A 1 130 ? -6.658  23.124  0.792   1.00 48.95  ? 142 ALA A CA  1 
ATOM   939  C C   . ALA A 1 130 ? -6.161  22.358  -0.427  1.00 49.00  ? 142 ALA A C   1 
ATOM   940  O O   . ALA A 1 130 ? -5.313  21.471  -0.306  1.00 50.14  ? 142 ALA A O   1 
ATOM   941  C CB  . ALA A 1 130 ? -8.065  22.659  1.175   1.00 48.02  ? 142 ALA A CB  1 
ATOM   942  N N   . VAL A 1 131 ? -6.688  22.705  -1.599  1.00 46.47  ? 143 VAL A N   1 
ATOM   943  C CA  . VAL A 1 131 ? -6.290  22.044  -2.830  1.00 45.50  ? 143 VAL A CA  1 
ATOM   944  C C   . VAL A 1 131 ? -4.871  22.422  -3.238  1.00 46.38  ? 143 VAL A C   1 
ATOM   945  O O   . VAL A 1 131 ? -4.147  21.608  -3.807  1.00 46.42  ? 143 VAL A O   1 
ATOM   946  C CB  . VAL A 1 131 ? -7.252  22.387  -3.984  1.00 44.45  ? 143 VAL A CB  1 
ATOM   947  C CG1 . VAL A 1 131 ? -6.709  21.852  -5.283  1.00 42.79  ? 143 VAL A CG1 1 
ATOM   948  C CG2 . VAL A 1 131 ? -8.610  21.782  -3.716  1.00 44.33  ? 143 VAL A CG2 1 
ATOM   949  N N   . MET A 1 132 ? -4.474  23.659  -2.970  1.00 47.25  ? 144 MET A N   1 
ATOM   950  C CA  . MET A 1 132 ? -3.120  24.091  -3.310  1.00 48.13  ? 144 MET A CA  1 
ATOM   951  C C   . MET A 1 132 ? -2.155  23.242  -2.498  1.00 47.65  ? 144 MET A C   1 
ATOM   952  O O   . MET A 1 132 ? -1.204  22.675  -3.027  1.00 46.58  ? 144 MET A O   1 
ATOM   953  C CB  . MET A 1 132 ? -2.909  25.566  -2.967  1.00 46.47  ? 144 MET A CB  1 
ATOM   954  C CG  . MET A 1 132 ? -3.490  26.533  -3.983  1.00 48.49  ? 144 MET A CG  1 
ATOM   955  S SD  . MET A 1 132 ? -2.851  26.261  -5.649  1.00 48.56  ? 144 MET A SD  1 
ATOM   956  C CE  . MET A 1 132 ? -1.452  27.345  -5.674  1.00 49.27  ? 144 MET A CE  1 
ATOM   957  N N   . ARG A 1 133 ? -2.430  23.160  -1.205  1.00 48.67  ? 145 ARG A N   1 
ATOM   958  C CA  . ARG A 1 133 ? -1.627  22.385  -0.276  1.00 49.61  ? 145 ARG A CA  1 
ATOM   959  C C   . ARG A 1 133 ? -1.427  20.958  -0.777  1.00 49.99  ? 145 ARG A C   1 
ATOM   960  O O   . ARG A 1 133 ? -0.290  20.523  -0.966  1.00 51.62  ? 145 ARG A O   1 
ATOM   961  C CB  . ARG A 1 133 ? -2.316  22.342  1.080   1.00 51.86  ? 145 ARG A CB  1 
ATOM   962  C CG  . ARG A 1 133 ? -1.481  21.768  2.201   1.00 58.06  ? 145 ARG A CG  1 
ATOM   963  C CD  . ARG A 1 133 ? -2.354  21.450  3.404   1.00 60.50  ? 145 ARG A CD  1 
ATOM   964  N NE  . ARG A 1 133 ? -3.284  22.535  3.693   1.00 66.26  ? 145 ARG A NE  1 
ATOM   965  C CZ  . ARG A 1 133 ? -4.407  22.382  4.390   1.00 69.26  ? 145 ARG A CZ  1 
ATOM   966  N NH1 . ARG A 1 133 ? -4.736  21.189  4.873   1.00 71.17  ? 145 ARG A NH1 1 
ATOM   967  N NH2 . ARG A 1 133 ? -5.213  23.417  4.588   0.50 69.91  ? 145 ARG A NH2 1 
ATOM   968  N N   . THR A 1 134 ? -2.519  20.224  -0.993  1.00 47.56  ? 146 THR A N   1 
ATOM   969  C CA  . THR A 1 134 ? -2.378  18.845  -1.441  1.00 48.75  ? 146 THR A CA  1 
ATOM   970  C C   . THR A 1 134 ? -1.616  18.784  -2.761  1.00 47.69  ? 146 THR A C   1 
ATOM   971  O O   . THR A 1 134 ? -0.707  17.979  -2.912  1.00 49.51  ? 146 THR A O   1 
ATOM   972  C CB  . THR A 1 134 ? -3.753  18.110  -1.576  1.00 49.21  ? 146 THR A CB  1 
ATOM   973  O OG1 . THR A 1 134 ? -4.487  18.647  -2.678  1.00 53.12  ? 146 THR A OG1 1 
ATOM   974  C CG2 . THR A 1 134 ? -4.575  18.259  -0.308  1.00 48.23  ? 146 THR A CG2 1 
ATOM   975  N N   . LEU A 1 135 ? -1.969  19.641  -3.714  1.00 47.35  ? 147 LEU A N   1 
ATOM   976  C CA  . LEU A 1 135 ? -1.267  19.656  -4.992  1.00 45.01  ? 147 LEU A CA  1 
ATOM   977  C C   . LEU A 1 135 ? 0.224   19.853  -4.768  1.00 46.41  ? 147 LEU A C   1 
ATOM   978  O O   . LEU A 1 135 ? 1.043   19.290  -5.491  1.00 45.54  ? 147 LEU A O   1 
ATOM   979  C CB  . LEU A 1 135 ? -1.784  20.775  -5.889  1.00 42.85  ? 147 LEU A CB  1 
ATOM   980  C CG  . LEU A 1 135 ? -3.123  20.567  -6.580  1.00 39.06  ? 147 LEU A CG  1 
ATOM   981  C CD1 . LEU A 1 135 ? -3.396  21.755  -7.467  1.00 38.94  ? 147 LEU A CD1 1 
ATOM   982  C CD2 . LEU A 1 135 ? -3.090  19.295  -7.398  1.00 39.75  ? 147 LEU A CD2 1 
ATOM   983  N N   . LEU A 1 136 ? 0.573   20.664  -3.773  1.00 47.22  ? 148 LEU A N   1 
ATOM   984  C CA  . LEU A 1 136 ? 1.972   20.921  -3.455  1.00 48.41  ? 148 LEU A CA  1 
ATOM   985  C C   . LEU A 1 136 ? 2.626   19.691  -2.830  1.00 49.58  ? 148 LEU A C   1 
ATOM   986  O O   . LEU A 1 136 ? 3.661   19.222  -3.305  1.00 49.61  ? 148 LEU A O   1 
ATOM   987  C CB  . LEU A 1 136 ? 2.098   22.100  -2.493  1.00 47.98  ? 148 LEU A CB  1 
ATOM   988  C CG  . LEU A 1 136 ? 1.714   23.480  -3.029  1.00 50.04  ? 148 LEU A CG  1 
ATOM   989  C CD1 . LEU A 1 136 ? 1.824   24.495  -1.911  1.00 48.20  ? 148 LEU A CD1 1 
ATOM   990  C CD2 . LEU A 1 136 ? 2.609   23.855  -4.198  1.00 51.71  ? 148 LEU A CD2 1 
ATOM   991  N N   . ALA A 1 137 ? 2.015   19.174  -1.768  1.00 49.88  ? 149 ALA A N   1 
ATOM   992  C CA  . ALA A 1 137 ? 2.534   18.003  -1.075  1.00 50.11  ? 149 ALA A CA  1 
ATOM   993  C C   . ALA A 1 137 ? 2.696   16.812  -2.014  1.00 50.88  ? 149 ALA A C   1 
ATOM   994  O O   . ALA A 1 137 ? 3.628   16.023  -1.864  1.00 51.72  ? 149 ALA A O   1 
ATOM   995  C CB  . ALA A 1 137 ? 1.620   17.636  0.070   1.00 50.06  ? 149 ALA A CB  1 
ATOM   996  N N   . ARG A 1 138 ? 1.791   16.676  -2.979  1.00 50.44  ? 150 ARG A N   1 
ATOM   997  C CA  . ARG A 1 138 ? 1.872   15.572  -3.930  1.00 51.48  ? 150 ARG A CA  1 
ATOM   998  C C   . ARG A 1 138 ? 2.834   15.883  -5.069  1.00 52.19  ? 150 ARG A C   1 
ATOM   999  O O   . ARG A 1 138 ? 2.931   15.108  -6.026  1.00 53.28  ? 150 ARG A O   1 
ATOM   1000 C CB  . ARG A 1 138 ? 0.504   15.258  -4.528  1.00 50.97  ? 150 ARG A CB  1 
ATOM   1001 C CG  . ARG A 1 138 ? -0.535  14.848  -3.527  1.00 51.99  ? 150 ARG A CG  1 
ATOM   1002 C CD  . ARG A 1 138 ? -1.772  14.362  -4.242  1.00 53.82  ? 150 ARG A CD  1 
ATOM   1003 N NE  . ARG A 1 138 ? -2.812  13.991  -3.293  1.00 56.23  ? 150 ARG A NE  1 
ATOM   1004 C CZ  . ARG A 1 138 ? -3.829  13.190  -3.587  1.00 56.54  ? 150 ARG A CZ  1 
ATOM   1005 N NH1 . ARG A 1 138 ? -3.932  12.678  -4.808  1.00 55.71  ? 150 ARG A NH1 1 
ATOM   1006 N NH2 . ARG A 1 138 ? -4.743  12.907  -2.666  1.00 56.10  ? 150 ARG A NH2 1 
ATOM   1007 N N   . GLY A 1 139 ? 3.518   17.023  -4.970  1.00 51.55  ? 151 GLY A N   1 
ATOM   1008 C CA  . GLY A 1 139 ? 4.483   17.422  -5.979  1.00 48.94  ? 151 GLY A CA  1 
ATOM   1009 C C   . GLY A 1 139 ? 3.955   17.650  -7.379  1.00 50.32  ? 151 GLY A C   1 
ATOM   1010 O O   . GLY A 1 139 ? 4.720   17.569  -8.345  1.00 50.98  ? 151 GLY A O   1 
ATOM   1011 N N   . LEU A 1 140 ? 2.661   17.926  -7.516  1.00 50.00  ? 152 LEU A N   1 
ATOM   1012 C CA  . LEU A 1 140 ? 2.106   18.182  -8.842  1.00 48.85  ? 152 LEU A CA  1 
ATOM   1013 C C   . LEU A 1 140 ? 2.390   19.615  -9.305  1.00 47.42  ? 152 LEU A C   1 
ATOM   1014 O O   . LEU A 1 140 ? 2.377   19.910  -10.501 1.00 48.07  ? 152 LEU A O   1 
ATOM   1015 C CB  . LEU A 1 140 ? 0.598   17.914  -8.861  1.00 50.33  ? 152 LEU A CB  1 
ATOM   1016 C CG  . LEU A 1 140 ? 0.173   16.454  -9.022  1.00 52.21  ? 152 LEU A CG  1 
ATOM   1017 C CD1 . LEU A 1 140 ? 1.014   15.793  -10.113 1.00 52.05  ? 152 LEU A CD1 1 
ATOM   1018 C CD2 . LEU A 1 140 ? 0.355   15.732  -7.713  1.00 54.76  ? 152 LEU A CD2 1 
ATOM   1019 N N   . ILE A 1 141 ? 2.639   20.506  -8.351  1.00 44.88  ? 153 ILE A N   1 
ATOM   1020 C CA  . ILE A 1 141 ? 2.942   21.900  -8.665  1.00 44.12  ? 153 ILE A CA  1 
ATOM   1021 C C   . ILE A 1 141 ? 3.945   22.353  -7.635  1.00 43.98  ? 153 ILE A C   1 
ATOM   1022 O O   . ILE A 1 141 ? 4.146   21.682  -6.625  1.00 44.80  ? 153 ILE A O   1 
ATOM   1023 C CB  . ILE A 1 141 ? 1.692   22.836  -8.564  1.00 41.44  ? 153 ILE A CB  1 
ATOM   1024 C CG1 . ILE A 1 141 ? 1.206   22.898  -7.108  1.00 41.17  ? 153 ILE A CG1 1 
ATOM   1025 C CG2 . ILE A 1 141 ? 0.598   22.361  -9.524  1.00 37.22  ? 153 ILE A CG2 1 
ATOM   1026 C CD1 . ILE A 1 141 ? 0.067   23.878  -6.858  1.00 38.19  ? 153 ILE A CD1 1 
ATOM   1027 N N   . THR A 1 142 ? 4.573   23.490  -7.883  1.00 46.48  ? 154 THR A N   1 
ATOM   1028 C CA  . THR A 1 142 ? 5.548   24.018  -6.940  1.00 48.46  ? 154 THR A CA  1 
ATOM   1029 C C   . THR A 1 142 ? 5.765   25.503  -7.137  1.00 49.08  ? 154 THR A C   1 
ATOM   1030 O O   . THR A 1 142 ? 5.390   26.060  -8.166  1.00 50.10  ? 154 THR A O   1 
ATOM   1031 C CB  . THR A 1 142 ? 6.903   23.314  -7.084  1.00 49.37  ? 154 THR A CB  1 
ATOM   1032 O OG1 . THR A 1 142 ? 7.746   23.687  -5.987  1.00 51.05  ? 154 THR A OG1 1 
ATOM   1033 C CG2 . THR A 1 142 ? 7.573   23.709  -8.397  1.00 45.91  ? 154 THR A CG2 1 
ATOM   1034 N N   . GLU A 1 143 ? 6.370   26.140  -6.142  1.00 52.08  ? 155 GLU A N   1 
ATOM   1035 C CA  . GLU A 1 143 ? 6.651   27.566  -6.220  1.00 56.27  ? 155 GLU A CA  1 
ATOM   1036 C C   . GLU A 1 143 ? 7.793   27.798  -7.205  1.00 57.97  ? 155 GLU A C   1 
ATOM   1037 O O   . GLU A 1 143 ? 8.846   27.165  -7.105  1.00 58.49  ? 155 GLU A O   1 
ATOM   1038 C CB  . GLU A 1 143 ? 7.027   28.124  -4.838  1.00 57.02  ? 155 GLU A CB  1 
ATOM   1039 C CG  . GLU A 1 143 ? 5.945   27.960  -3.774  1.00 60.41  ? 155 GLU A CG  1 
ATOM   1040 C CD  . GLU A 1 143 ? 6.087   26.672  -2.975  1.00 64.18  ? 155 GLU A CD  1 
ATOM   1041 O OE1 . GLU A 1 143 ? 6.561   25.659  -3.544  1.00 64.87  ? 155 GLU A OE1 1 
ATOM   1042 O OE2 . GLU A 1 143 ? 5.712   26.669  -1.778  1.00 64.30  ? 155 GLU A OE2 1 
ATOM   1043 N N   . VAL A 1 144 ? 7.577   28.700  -8.160  1.00 59.69  ? 156 VAL A N   1 
ATOM   1044 C CA  . VAL A 1 144 ? 8.582   29.013  -9.163  1.00 60.64  ? 156 VAL A CA  1 
ATOM   1045 C C   . VAL A 1 144 ? 9.301   30.320  -8.864  1.00 61.89  ? 156 VAL A C   1 
ATOM   1046 O O   . VAL A 1 144 ? 10.528  30.381  -8.896  1.00 63.92  ? 156 VAL A O   1 
ATOM   1047 C CB  . VAL A 1 144 ? 7.956   29.102  -10.558 1.00 60.75  ? 156 VAL A CB  1 
ATOM   1048 C CG1 . VAL A 1 144 ? 8.983   29.588  -11.558 1.00 61.86  ? 156 VAL A CG1 1 
ATOM   1049 C CG2 . VAL A 1 144 ? 7.432   27.742  -10.964 1.00 60.30  ? 156 VAL A CG2 1 
ATOM   1050 N N   . GLY A 1 145 ? 8.540   31.368  -8.575  1.00 62.14  ? 157 GLY A N   1 
ATOM   1051 C CA  . GLY A 1 145 ? 9.156   32.644  -8.277  1.00 62.12  ? 157 GLY A CA  1 
ATOM   1052 C C   . GLY A 1 145 ? 8.195   33.580  -7.580  1.00 62.36  ? 157 GLY A C   1 
ATOM   1053 O O   . GLY A 1 145 ? 7.573   33.215  -6.582  1.00 61.95  ? 157 GLY A O   1 
ATOM   1054 N N   . THR A 1 146 ? 8.081   34.795  -8.099  1.00 60.91  ? 158 THR A N   1 
ATOM   1055 C CA  . THR A 1 146 ? 7.179   35.783  -7.529  1.00 59.83  ? 158 THR A CA  1 
ATOM   1056 C C   . THR A 1 146 ? 6.751   36.709  -8.645  1.00 59.75  ? 158 THR A C   1 
ATOM   1057 O O   . THR A 1 146 ? 7.373   36.735  -9.703  1.00 60.99  ? 158 THR A O   1 
ATOM   1058 C CB  . THR A 1 146 ? 7.869   36.640  -6.458  1.00 58.71  ? 158 THR A CB  1 
ATOM   1059 O OG1 . THR A 1 146 ? 8.838   37.488  -7.084  1.00 57.54  ? 158 THR A OG1 1 
ATOM   1060 C CG2 . THR A 1 146 ? 8.555   35.765  -5.430  1.00 56.70  ? 158 THR A CG2 1 
ATOM   1061 N N   . ASP A 1 147 ? 5.680   37.457  -8.421  1.00 59.39  ? 159 ASP A N   1 
ATOM   1062 C CA  . ASP A 1 147 ? 5.218   38.399  -9.424  1.00 58.07  ? 159 ASP A CA  1 
ATOM   1063 C C   . ASP A 1 147 ? 5.930   39.697  -9.090  1.00 57.44  ? 159 ASP A C   1 
ATOM   1064 O O   . ASP A 1 147 ? 5.799   40.204  -7.985  1.00 57.20  ? 159 ASP A O   1 
ATOM   1065 C CB  . ASP A 1 147 ? 3.700   38.580  -9.339  1.00 57.66  ? 159 ASP A CB  1 
ATOM   1066 C CG  . ASP A 1 147 ? 3.175   39.589  -10.349 1.00 56.36  ? 159 ASP A CG  1 
ATOM   1067 O OD1 . ASP A 1 147 ? 3.360   40.801  -10.133 1.00 58.82  ? 159 ASP A OD1 1 
ATOM   1068 O OD2 . ASP A 1 147 ? 2.585   39.177  -11.365 1.00 55.37  ? 159 ASP A OD2 1 
ATOM   1069 N N   . ALA A 1 148 ? 6.703   40.212  -10.040 1.00 57.79  ? 160 ALA A N   1 
ATOM   1070 C CA  . ALA A 1 148 ? 7.454   41.449  -9.853  1.00 58.45  ? 160 ALA A CA  1 
ATOM   1071 C C   . ALA A 1 148 ? 6.567   42.598  -9.397  1.00 58.61  ? 160 ALA A C   1 
ATOM   1072 O O   . ALA A 1 148 ? 6.902   43.335  -8.464  1.00 57.40  ? 160 ALA A O   1 
ATOM   1073 C CB  . ALA A 1 148 ? 8.151   41.826  -11.150 1.00 58.65  ? 160 ALA A CB  1 
ATOM   1074 N N   . ASP A 1 149 ? 5.434   42.746  -10.069 1.00 59.39  ? 161 ASP A N   1 
ATOM   1075 C CA  . ASP A 1 149 ? 4.485   43.805  -9.765  1.00 61.34  ? 161 ASP A CA  1 
ATOM   1076 C C   . ASP A 1 149 ? 3.862   43.726  -8.375  1.00 61.21  ? 161 ASP A C   1 
ATOM   1077 O O   . ASP A 1 149 ? 3.712   44.749  -7.708  1.00 62.80  ? 161 ASP A O   1 
ATOM   1078 C CB  . ASP A 1 149 ? 3.373   43.809  -10.816 1.00 63.84  ? 161 ASP A CB  1 
ATOM   1079 C CG  . ASP A 1 149 ? 3.765   44.551  -12.084 1.00 66.80  ? 161 ASP A CG  1 
ATOM   1080 O OD1 . ASP A 1 149 ? 4.954   44.503  -12.473 1.00 67.98  ? 161 ASP A OD1 1 
ATOM   1081 O OD2 . ASP A 1 149 ? 2.876   45.179  -12.698 1.00 68.63  ? 161 ASP A OD2 1 
ATOM   1082 N N   . THR A 1 150 ? 3.513   42.518  -7.937  1.00 60.75  ? 162 THR A N   1 
ATOM   1083 C CA  . THR A 1 150 ? 2.860   42.328  -6.642  1.00 60.03  ? 162 THR A CA  1 
ATOM   1084 C C   . THR A 1 150 ? 3.675   41.604  -5.573  1.00 60.02  ? 162 THR A C   1 
ATOM   1085 O O   . THR A 1 150 ? 3.358   41.687  -4.388  1.00 59.98  ? 162 THR A O   1 
ATOM   1086 C CB  . THR A 1 150 ? 1.547   41.567  -6.832  1.00 59.80  ? 162 THR A CB  1 
ATOM   1087 O OG1 . THR A 1 150 ? 1.826   40.255  -7.336  1.00 59.43  ? 162 THR A OG1 1 
ATOM   1088 C CG2 . THR A 1 150 ? 0.658   42.297  -7.830  1.00 60.10  ? 162 THR A CG2 1 
ATOM   1089 N N   . GLY A 1 151 ? 4.712   40.887  -5.992  1.00 59.73  ? 163 GLY A N   1 
ATOM   1090 C CA  . GLY A 1 151 ? 5.545   40.168  -5.045  1.00 59.94  ? 163 GLY A CA  1 
ATOM   1091 C C   . GLY A 1 151 ? 4.858   38.943  -4.473  1.00 60.37  ? 163 GLY A C   1 
ATOM   1092 O O   . GLY A 1 151 ? 5.155   38.517  -3.358  1.00 59.70  ? 163 GLY A O   1 
ATOM   1093 N N   . ALA A 1 152 ? 3.929   38.379  -5.241  1.00 60.97  ? 164 ALA A N   1 
ATOM   1094 C CA  . ALA A 1 152 ? 3.192   37.199  -4.811  1.00 60.74  ? 164 ALA A CA  1 
ATOM   1095 C C   . ALA A 1 152 ? 3.803   35.997  -5.507  1.00 60.63  ? 164 ALA A C   1 
ATOM   1096 O O   . ALA A 1 152 ? 3.975   36.006  -6.726  1.00 61.06  ? 164 ALA A O   1 
ATOM   1097 C CB  . ALA A 1 152 ? 1.714   37.333  -5.183  1.00 59.92  ? 164 ALA A CB  1 
ATOM   1098 N N   . VAL A 1 153 ? 4.131   34.966  -4.733  1.00 59.17  ? 165 VAL A N   1 
ATOM   1099 C CA  . VAL A 1 153 ? 4.731   33.773  -5.302  1.00 57.45  ? 165 VAL A CA  1 
ATOM   1100 C C   . VAL A 1 153 ? 3.907   33.275  -6.486  1.00 56.95  ? 165 VAL A C   1 
ATOM   1101 O O   . VAL A 1 153 ? 2.677   33.384  -6.502  1.00 56.77  ? 165 VAL A O   1 
ATOM   1102 C CB  . VAL A 1 153 ? 4.866   32.641  -4.253  1.00 56.64  ? 165 VAL A CB  1 
ATOM   1103 C CG1 . VAL A 1 153 ? 5.626   33.147  -3.045  1.00 54.58  ? 165 VAL A CG1 1 
ATOM   1104 C CG2 . VAL A 1 153 ? 3.504   32.136  -3.847  1.00 58.44  ? 165 VAL A CG2 1 
ATOM   1105 N N   . THR A 1 154 ? 4.608   32.748  -7.482  1.00 55.60  ? 166 THR A N   1 
ATOM   1106 C CA  . THR A 1 154 ? 3.994   32.220  -8.687  1.00 53.68  ? 166 THR A CA  1 
ATOM   1107 C C   . THR A 1 154 ? 4.144   30.699  -8.620  1.00 51.60  ? 166 THR A C   1 
ATOM   1108 O O   . THR A 1 154 ? 4.993   30.192  -7.880  1.00 49.67  ? 166 THR A O   1 
ATOM   1109 C CB  . THR A 1 154 ? 4.700   32.809  -9.939  1.00 55.39  ? 166 THR A CB  1 
ATOM   1110 O OG1 . THR A 1 154 ? 4.226   32.162  -11.126 1.00 58.96  ? 166 THR A OG1 1 
ATOM   1111 C CG2 . THR A 1 154 ? 6.200   32.639  -9.827  1.00 56.98  ? 166 THR A CG2 1 
ATOM   1112 N N   . PHE A 1 155 ? 3.317   29.976  -9.377  1.00 48.51  ? 167 PHE A N   1 
ATOM   1113 C CA  . PHE A 1 155 ? 3.348   28.515  -9.368  1.00 46.75  ? 167 PHE A CA  1 
ATOM   1114 C C   . PHE A 1 155 ? 3.424   27.901  -10.747 1.00 47.74  ? 167 PHE A C   1 
ATOM   1115 O O   . PHE A 1 155 ? 3.104   28.539  -11.750 1.00 46.92  ? 167 PHE A O   1 
ATOM   1116 C CB  . PHE A 1 155 ? 2.100   27.940  -8.671  1.00 43.71  ? 167 PHE A CB  1 
ATOM   1117 C CG  . PHE A 1 155 ? 2.043   28.211  -7.198  1.00 42.27  ? 167 PHE A CG  1 
ATOM   1118 C CD1 . PHE A 1 155 ? 1.605   29.439  -6.719  1.00 41.23  ? 167 PHE A CD1 1 
ATOM   1119 C CD2 . PHE A 1 155 ? 2.484   27.254  -6.290  1.00 42.56  ? 167 PHE A CD2 1 
ATOM   1120 C CE1 . PHE A 1 155 ? 1.608   29.713  -5.365  1.00 41.18  ? 167 PHE A CE1 1 
ATOM   1121 C CE2 . PHE A 1 155 ? 2.492   27.518  -4.928  1.00 41.48  ? 167 PHE A CE2 1 
ATOM   1122 C CZ  . PHE A 1 155 ? 2.056   28.745  -4.464  1.00 42.44  ? 167 PHE A CZ  1 
ATOM   1123 N N   . ALA A 1 156 ? 3.838   26.640  -10.784 1.00 47.86  ? 168 ALA A N   1 
ATOM   1124 C CA  . ALA A 1 156 ? 3.923   25.915  -12.036 1.00 48.67  ? 168 ALA A CA  1 
ATOM   1125 C C   . ALA A 1 156 ? 3.799   24.433  -11.767 1.00 50.40  ? 168 ALA A C   1 
ATOM   1126 O O   . ALA A 1 156 ? 4.009   23.967  -10.645 1.00 49.25  ? 168 ALA A O   1 
ATOM   1127 C CB  . ALA A 1 156 ? 5.241   26.212  -12.731 1.00 48.11  ? 168 ALA A CB  1 
ATOM   1128 N N   . THR A 1 157 ? 3.435   23.694  -12.802 1.00 53.82  ? 169 THR A N   1 
ATOM   1129 C CA  . THR A 1 157 ? 3.311   22.261  -12.697 1.00 56.85  ? 169 THR A CA  1 
ATOM   1130 C C   . THR A 1 157 ? 4.730   21.723  -12.740 1.00 59.12  ? 169 THR A C   1 
ATOM   1131 O O   . THR A 1 157 ? 5.575   22.243  -13.466 1.00 59.33  ? 169 THR A O   1 
ATOM   1132 C CB  . THR A 1 157 ? 2.516   21.690  -13.868 1.00 57.01  ? 169 THR A CB  1 
ATOM   1133 O OG1 . THR A 1 157 ? 3.139   22.068  -15.102 1.00 59.06  ? 169 THR A OG1 1 
ATOM   1134 C CG2 . THR A 1 157 ? 1.094   22.216  -13.846 1.00 58.25  ? 169 THR A CG2 1 
ATOM   1135 N N   . THR A 1 158 ? 4.991   20.692  -11.949 1.00 62.07  ? 170 THR A N   1 
ATOM   1136 C CA  . THR A 1 158 ? 6.311   20.093  -11.887 1.00 64.63  ? 170 THR A CA  1 
ATOM   1137 C C   . THR A 1 158 ? 6.561   19.206  -13.093 1.00 67.18  ? 170 THR A C   1 
ATOM   1138 O O   . THR A 1 158 ? 5.813   19.239  -14.066 1.00 68.64  ? 170 THR A O   1 
ATOM   1139 C CB  . THR A 1 158 ? 6.447   19.245  -10.628 1.00 64.61  ? 170 THR A CB  1 
ATOM   1140 O OG1 . THR A 1 158 ? 5.542   18.135  -10.705 1.00 61.91  ? 170 THR A OG1 1 
ATOM   1141 C CG2 . THR A 1 158 ? 6.119   20.081  -9.394  1.00 65.45  ? 170 THR A CG2 1 
ATOM   1142 N N   . GLU A 1 159 ? 7.629   18.418  -13.022 1.00 70.86  ? 171 GLU A N   1 
ATOM   1143 C CA  . GLU A 1 159 ? 7.988   17.490  -14.087 1.00 73.13  ? 171 GLU A CA  1 
ATOM   1144 C C   . GLU A 1 159 ? 7.166   16.224  -13.851 1.00 73.98  ? 171 GLU A C   1 
ATOM   1145 O O   . GLU A 1 159 ? 6.693   15.583  -14.791 1.00 74.10  ? 171 GLU A O   1 
ATOM   1146 C CB  . GLU A 1 159 ? 9.478   17.156  -14.013 1.00 75.82  ? 171 GLU A CB  1 
ATOM   1147 C CG  . GLU A 1 159 ? 10.407  18.366  -14.015 1.00 79.07  ? 171 GLU A CG  1 
ATOM   1148 C CD  . GLU A 1 159 ? 10.347  19.156  -15.309 1.00 81.57  ? 171 GLU A CD  1 
ATOM   1149 O OE1 . GLU A 1 159 ? 10.601  18.562  -16.384 1.00 83.44  ? 171 GLU A OE1 1 
ATOM   1150 O OE2 . GLU A 1 159 ? 10.053  20.372  -15.252 1.00 81.48  ? 171 GLU A OE2 1 
ATOM   1151 N N   . LEU A 1 160 ? 7.005   15.880  -12.579 1.00 74.94  ? 172 LEU A N   1 
ATOM   1152 C CA  . LEU A 1 160 ? 6.240   14.710  -12.175 1.00 77.17  ? 172 LEU A CA  1 
ATOM   1153 C C   . LEU A 1 160 ? 4.819   14.835  -12.718 1.00 79.03  ? 172 LEU A C   1 
ATOM   1154 O O   . LEU A 1 160 ? 4.179   13.834  -13.048 1.00 79.83  ? 172 LEU A O   1 
ATOM   1155 C CB  . LEU A 1 160 ? 6.222   14.613  -10.646 1.00 76.58  ? 172 LEU A CB  1 
ATOM   1156 C CG  . LEU A 1 160 ? 5.796   13.300  -9.990  1.00 76.18  ? 172 LEU A CG  1 
ATOM   1157 C CD1 . LEU A 1 160 ? 5.987   13.425  -8.487  1.00 74.71  ? 172 LEU A CD1 1 
ATOM   1158 C CD2 . LEU A 1 160 ? 4.350   12.969  -10.330 1.00 76.03  ? 172 LEU A CD2 1 
ATOM   1159 N N   . PHE A 1 161 ? 4.332   16.070  -12.803 1.00 80.79  ? 173 PHE A N   1 
ATOM   1160 C CA  . PHE A 1 161 ? 2.995   16.338  -13.323 1.00 82.70  ? 173 PHE A CA  1 
ATOM   1161 C C   . PHE A 1 161 ? 2.917   15.843  -14.762 1.00 85.19  ? 173 PHE A C   1 
ATOM   1162 O O   . PHE A 1 161 ? 1.929   15.232  -15.178 1.00 84.46  ? 173 PHE A O   1 
ATOM   1163 C CB  . PHE A 1 161 ? 2.706   17.840  -13.285 1.00 81.00  ? 173 PHE A CB  1 
ATOM   1164 C CG  . PHE A 1 161 ? 1.614   18.268  -14.219 1.00 79.33  ? 173 PHE A CG  1 
ATOM   1165 C CD1 . PHE A 1 161 ? 0.289   17.955  -13.955 1.00 78.02  ? 173 PHE A CD1 1 
ATOM   1166 C CD2 . PHE A 1 161 ? 1.918   18.958  -15.388 1.00 79.54  ? 173 PHE A CD2 1 
ATOM   1167 C CE1 . PHE A 1 161 ? -0.717  18.322  -14.841 1.00 78.28  ? 173 PHE A CE1 1 
ATOM   1168 C CE2 . PHE A 1 161 ? 0.921   19.330  -16.282 1.00 78.30  ? 173 PHE A CE2 1 
ATOM   1169 C CZ  . PHE A 1 161 ? -0.400  19.012  -16.009 1.00 77.66  ? 173 PHE A CZ  1 
ATOM   1170 N N   . LEU A 1 162 ? 3.970   16.126  -15.519 1.00 88.67  ? 174 LEU A N   1 
ATOM   1171 C CA  . LEU A 1 162 ? 4.050   15.713  -16.912 1.00 92.47  ? 174 LEU A CA  1 
ATOM   1172 C C   . LEU A 1 162 ? 4.062   14.188  -16.977 1.00 95.12  ? 174 LEU A C   1 
ATOM   1173 O O   . LEU A 1 162 ? 3.583   13.594  -17.944 1.00 95.68  ? 174 LEU A O   1 
ATOM   1174 C CB  . LEU A 1 162 ? 5.320   16.283  -17.544 1.00 92.16  ? 174 LEU A CB  1 
ATOM   1175 C CG  . LEU A 1 162 ? 5.444   17.808  -17.478 1.00 92.87  ? 174 LEU A CG  1 
ATOM   1176 C CD1 . LEU A 1 162 ? 6.872   18.229  -17.780 1.00 93.67  ? 174 LEU A CD1 1 
ATOM   1177 C CD2 . LEU A 1 162 ? 4.471   18.446  -18.456 1.00 92.49  ? 174 LEU A CD2 1 
ATOM   1178 N N   . GLU A 1 163 ? 4.605   13.564  -15.935 1.00 97.88  ? 175 GLU A N   1 
ATOM   1179 C CA  . GLU A 1 163 ? 4.679   12.109  -15.855 1.00 100.59 ? 175 GLU A CA  1 
ATOM   1180 C C   . GLU A 1 163 ? 3.324   11.482  -15.537 1.00 101.73 ? 175 GLU A C   1 
ATOM   1181 O O   . GLU A 1 163 ? 2.716   10.855  -16.404 1.00 102.26 ? 175 GLU A O   1 
ATOM   1182 C CB  . GLU A 1 163 ? 5.700   11.690  -14.794 1.00 102.07 ? 175 GLU A CB  1 
ATOM   1183 C CG  . GLU A 1 163 ? 7.147   11.961  -15.173 1.00 103.89 ? 175 GLU A CG  1 
ATOM   1184 C CD  . GLU A 1 163 ? 8.122   11.554  -14.084 1.00 104.74 ? 175 GLU A CD  1 
ATOM   1185 O OE1 . GLU A 1 163 ? 8.051   10.394  -13.621 1.00 105.22 ? 175 GLU A OE1 1 
ATOM   1186 O OE2 . GLU A 1 163 ? 8.959   12.395  -13.694 1.00 105.09 ? 175 GLU A OE2 1 
ATOM   1187 N N   . ARG A 1 164 ? 2.859   11.650  -14.299 1.00 102.73 ? 176 ARG A N   1 
ATOM   1188 C CA  . ARG A 1 164 ? 1.571   11.097  -13.879 1.00 104.19 ? 176 ARG A CA  1 
ATOM   1189 C C   . ARG A 1 164 ? 0.480   11.390  -14.897 1.00 105.18 ? 176 ARG A C   1 
ATOM   1190 O O   . ARG A 1 164 ? -0.549  10.715  -14.939 1.00 105.27 ? 176 ARG A O   1 
ATOM   1191 C CB  . ARG A 1 164 ? 1.152   11.664  -12.523 1.00 104.49 ? 176 ARG A CB  1 
ATOM   1192 C CG  . ARG A 1 164 ? 1.739   10.942  -11.331 1.00 105.14 ? 176 ARG A CG  1 
ATOM   1193 C CD  . ARG A 1 164 ? 1.131   11.465  -10.042 1.00 106.66 ? 176 ARG A CD  1 
ATOM   1194 N NE  . ARG A 1 164 ? 1.538   10.687  -8.875  1.00 108.46 ? 176 ARG A NE  1 
ATOM   1195 C CZ  . ARG A 1 164 ? 1.164   10.955  -7.626  1.00 109.55 ? 176 ARG A CZ  1 
ATOM   1196 N NH1 . ARG A 1 164 ? 0.371   11.989  -7.375  1.00 109.49 ? 176 ARG A NH1 1 
ATOM   1197 N NH2 . ARG A 1 164 ? 1.579   10.186  -6.628  1.00 109.83 ? 176 ARG A NH2 1 
ATOM   1198 N N   . LEU A 1 165 ? 0.715   12.411  -15.713 1.00 106.36 ? 177 LEU A N   1 
ATOM   1199 C CA  . LEU A 1 165 ? -0.231  12.805  -16.742 1.00 107.24 ? 177 LEU A CA  1 
ATOM   1200 C C   . LEU A 1 165 ? -0.023  11.924  -17.968 1.00 107.80 ? 177 LEU A C   1 
ATOM   1201 O O   . LEU A 1 165 ? -0.848  11.067  -18.286 1.00 107.78 ? 177 LEU A O   1 
ATOM   1202 C CB  . LEU A 1 165 ? -0.020  14.283  -17.097 1.00 107.09 ? 177 LEU A CB  1 
ATOM   1203 C CG  . LEU A 1 165 ? -0.910  14.961  -18.146 1.00 107.33 ? 177 LEU A CG  1 
ATOM   1204 C CD1 . LEU A 1 165 ? -0.469  14.563  -19.549 1.00 107.65 ? 177 LEU A CD1 1 
ATOM   1205 C CD2 . LEU A 1 165 ? -2.368  14.597  -17.895 1.00 107.14 ? 177 LEU A CD2 1 
ATOM   1206 N N   . GLY A 1 166 ? 1.099   12.135  -18.646 1.00 108.44 ? 178 GLY A N   1 
ATOM   1207 C CA  . GLY A 1 166 ? 1.397   11.360  -19.832 1.00 109.42 ? 178 GLY A CA  1 
ATOM   1208 C C   . GLY A 1 166 ? 2.476   12.038  -20.651 1.00 110.30 ? 178 GLY A C   1 
ATOM   1209 O O   . GLY A 1 166 ? 2.407   13.243  -20.909 1.00 110.51 ? 178 GLY A O   1 
ATOM   1210 N N   . LEU A 1 167 ? 3.477   11.262  -21.050 1.00 110.64 ? 179 LEU A N   1 
ATOM   1211 C CA  . LEU A 1 167 ? 4.588   11.775  -21.840 1.00 111.21 ? 179 LEU A CA  1 
ATOM   1212 C C   . LEU A 1 167 ? 5.437   12.777  -21.061 1.00 111.23 ? 179 LEU A C   1 
ATOM   1213 O O   . LEU A 1 167 ? 5.601   12.659  -19.845 1.00 111.20 ? 179 LEU A O   1 
ATOM   1214 C CB  . LEU A 1 167 ? 4.066   12.411  -23.130 1.00 110.90 ? 179 LEU A CB  1 
ATOM   1215 N N   . THR A 1 168 ? 5.974   13.764  -21.771 1.00 111.14 ? 180 THR A N   1 
ATOM   1216 C CA  . THR A 1 168 ? 6.815   14.782  -21.158 1.00 110.78 ? 180 THR A CA  1 
ATOM   1217 C C   . THR A 1 168 ? 6.868   16.017  -22.051 1.00 110.53 ? 180 THR A C   1 
ATOM   1218 O O   . THR A 1 168 ? 6.192   16.012  -23.103 1.00 110.51 ? 180 THR A O   1 
ATOM   1219 C CB  . THR A 1 168 ? 8.221   14.229  -20.935 1.00 110.94 ? 180 THR A CB  1 
HETATM 1220 O O   . HOH B 2 .   ? 0.840   31.733  -2.237  1.00 36.86  ? 232 HOH A O   1 
HETATM 1221 O O   . HOH B 2 .   ? 0.542   33.376  -5.032  1.00 34.25  ? 233 HOH A O   1 
HETATM 1222 O O   . HOH B 2 .   ? -12.976 24.885  -10.897 1.00 31.58  ? 234 HOH A O   1 
HETATM 1223 O O   . HOH B 2 .   ? -1.287  35.311  -12.163 1.00 38.49  ? 235 HOH A O   1 
HETATM 1224 O O   . HOH B 2 .   ? 3.223   -24.144 18.499  1.00 38.24  ? 236 HOH A O   1 
HETATM 1225 O O   . HOH B 2 .   ? 7.918   -21.125 4.312   1.00 39.79  ? 237 HOH A O   1 
HETATM 1226 O O   . HOH B 2 .   ? -15.955 -40.435 14.636  1.00 69.01  ? 238 HOH A O   1 
HETATM 1227 O O   . HOH B 2 .   ? -7.019  30.636  -1.772  1.00 47.24  ? 239 HOH A O   1 
HETATM 1228 O O   . HOH B 2 .   ? -6.444  -14.788 15.517  1.00 36.36  ? 240 HOH A O   1 
HETATM 1229 O O   . HOH B 2 .   ? -1.832  -39.907 4.247   1.00 35.20  ? 241 HOH A O   1 
HETATM 1230 O O   . HOH B 2 .   ? -3.542  34.051  -16.681 1.00 49.93  ? 242 HOH A O   1 
HETATM 1231 O O   . HOH B 2 .   ? -9.347  25.578  0.564   1.00 43.68  ? 243 HOH A O   1 
HETATM 1232 O O   . HOH B 2 .   ? 13.582  -15.412 -0.851  1.00 42.75  ? 244 HOH A O   1 
HETATM 1233 O O   . HOH B 2 .   ? 6.891   -33.411 15.234  1.00 38.29  ? 245 HOH A O   1 
HETATM 1234 O O   . HOH B 2 .   ? 2.665   -35.217 9.441   1.00 35.32  ? 246 HOH A O   1 
HETATM 1235 O O   . HOH B 2 .   ? -2.507  -9.499  15.779  1.00 40.67  ? 247 HOH A O   1 
HETATM 1236 O O   . HOH B 2 .   ? 4.064   -12.467 15.006  1.00 38.12  ? 248 HOH A O   1 
HETATM 1237 O O   . HOH B 2 .   ? 6.540   -32.729 17.817  1.00 39.52  ? 249 HOH A O   1 
HETATM 1238 O O   . HOH B 2 .   ? 12.949  -26.459 1.299   1.00 51.56  ? 250 HOH A O   1 
HETATM 1239 O O   . HOH B 2 .   ? -1.240  35.583  -4.422  1.00 35.50  ? 251 HOH A O   1 
HETATM 1240 O O   . HOH B 2 .   ? 0.072   -10.592 16.658  1.00 34.53  ? 252 HOH A O   1 
HETATM 1241 O O   . HOH B 2 .   ? -2.547  -20.436 19.840  1.00 39.10  ? 253 HOH A O   1 
HETATM 1242 O O   . HOH B 2 .   ? 14.236  -7.196  -2.282  1.00 56.04  ? 254 HOH A O   1 
HETATM 1243 O O   . HOH B 2 .   ? -2.287  -37.244 0.133   1.00 39.88  ? 255 HOH A O   1 
HETATM 1244 O O   . HOH B 2 .   ? 0.696   -36.522 7.352   1.00 27.02  ? 256 HOH A O   1 
HETATM 1245 O O   . HOH B 2 .   ? -2.916  -14.403 8.414   1.00 64.92  ? 257 HOH A O   1 
HETATM 1246 O O   . HOH B 2 .   ? -4.386  -39.412 13.151  1.00 38.54  ? 258 HOH A O   1 
HETATM 1247 O O   . HOH B 2 .   ? 10.816  -20.969 11.326  1.00 46.91  ? 259 HOH A O   1 
HETATM 1248 O O   . HOH B 2 .   ? 6.352   -20.233 -6.783  1.00 42.49  ? 260 HOH A O   1 
HETATM 1249 O O   . HOH B 2 .   ? 13.863  -18.452 -6.335  1.00 59.46  ? 261 HOH A O   1 
HETATM 1250 O O   . HOH B 2 .   ? 15.887  -20.108 -3.706  1.00 58.38  ? 262 HOH A O   1 
HETATM 1251 O O   . HOH B 2 .   ? 9.322   -11.486 7.222   1.00 68.71  ? 263 HOH A O   1 
HETATM 1252 O O   . HOH B 2 .   ? 0.383   -11.448 19.188  1.00 41.08  ? 264 HOH A O   1 
HETATM 1253 O O   . HOH B 2 .   ? -14.599 14.139  -6.716  1.00 54.10  ? 265 HOH A O   1 
HETATM 1254 O O   . HOH B 2 .   ? -8.575  16.315  -3.891  1.00 48.41  ? 266 HOH A O   1 
HETATM 1255 O O   . HOH B 2 .   ? -12.297 27.560  -14.091 1.00 56.04  ? 267 HOH A O   1 
HETATM 1256 O O   . HOH B 2 .   ? -14.117 30.293  -0.645  1.00 49.07  ? 268 HOH A O   1 
HETATM 1257 O O   . HOH B 2 .   ? 5.758   20.634  -4.562  1.00 46.62  ? 269 HOH A O   1 
HETATM 1258 O O   . HOH B 2 .   ? 9.942   19.924  -11.533 1.00 51.74  ? 270 HOH A O   1 
HETATM 1259 O O   . HOH B 2 .   ? -4.408  20.006  -24.629 1.00 65.87  ? 271 HOH A O   1 
HETATM 1260 O O   . HOH B 2 .   ? -7.558  10.611  -13.301 1.00 59.60  ? 272 HOH A O   1 
HETATM 1261 O O   . HOH B 2 .   ? -3.664  7.872   -6.168  1.00 54.57  ? 273 HOH A O   1 
HETATM 1262 O O   . HOH B 2 .   ? -5.582  33.184  -0.269  1.00 51.26  ? 274 HOH A O   1 
HETATM 1263 O O   . HOH B 2 .   ? -3.393  34.660  -1.734  1.00 40.16  ? 275 HOH A O   1 
HETATM 1264 O O   . HOH B 2 .   ? -3.315  9.835   -14.652 1.00 74.90  ? 276 HOH A O   1 
HETATM 1265 O O   . HOH B 2 .   ? -2.773  12.807  -12.883 1.00 52.66  ? 277 HOH A O   1 
HETATM 1266 O O   . HOH B 2 .   ? 0.672   8.349   -23.148 1.00 63.22  ? 278 HOH A O   1 
HETATM 1267 O O   . HOH B 2 .   ? 1.670   31.327  -19.665 1.00 63.74  ? 279 HOH A O   1 
HETATM 1268 O O   . HOH B 2 .   ? -2.215  12.166  -6.646  1.00 55.38  ? 280 HOH A O   1 
HETATM 1269 O O   . HOH B 2 .   ? 10.544  -24.898 13.966  1.00 68.02  ? 281 HOH A O   1 
HETATM 1270 O O   . HOH B 2 .   ? 9.771   -26.385 16.700  1.00 63.64  ? 282 HOH A O   1 
HETATM 1271 O O   . HOH B 2 .   ? 15.082  -25.406 -0.242  1.00 53.69  ? 283 HOH A O   1 
HETATM 1272 O O   . HOH B 2 .   ? -6.567  -39.243 14.673  1.00 51.70  ? 284 HOH A O   1 
HETATM 1273 O O   . HOH B 2 .   ? 3.752   -25.762 -1.400  1.00 52.08  ? 285 HOH A O   1 
HETATM 1274 O O   . HOH B 2 .   ? 2.589   -25.421 1.687   1.00 50.17  ? 286 HOH A O   1 
HETATM 1275 O O   . HOH B 2 .   ? 11.008  -28.908 -1.242  1.00 77.41  ? 287 HOH A O   1 
HETATM 1276 O O   . HOH B 2 .   ? 6.511   -13.789 17.835  1.00 54.88  ? 288 HOH A O   1 
HETATM 1277 O O   . HOH B 2 .   ? -5.831  11.907  0.147   1.00 67.18  ? 289 HOH A O   1 
HETATM 1278 O O   . HOH B 2 .   ? 8.864   31.881  -4.708  1.00 73.33  ? 290 HOH A O   1 
HETATM 1279 O O   . HOH B 2 .   ? 12.001  31.089  -5.252  1.00 67.95  ? 291 HOH A O   1 
HETATM 1280 O O   . HOH B 2 .   ? 2.579   35.247  -1.858  1.00 60.35  ? 292 HOH A O   1 
HETATM 1281 O O   . HOH B 2 .   ? -5.826  -18.286 17.314  1.00 63.06  ? 293 HOH A O   1 
HETATM 1282 O O   . HOH B 2 .   ? -3.630  -17.506 19.758  1.00 68.79  ? 294 HOH A O   1 
HETATM 1283 O O   . HOH B 2 .   ? 12.937  -27.592 -3.410  1.00 49.21  ? 295 HOH A O   1 
HETATM 1284 O O   . HOH B 2 .   ? -2.414  6.257   -4.101  1.00 53.07  ? 296 HOH A O   1 
HETATM 1285 O O   . HOH B 2 .   ? -11.063 24.538  -3.197  1.00 43.16  ? 297 HOH A O   1 
HETATM 1286 O O   . HOH B 2 .   ? -1.182  -13.726 10.887  1.00 42.11  ? 298 HOH A O   1 
HETATM 1287 O O   . HOH B 2 .   ? -0.987  -17.020 9.407   1.00 56.79  ? 299 HOH A O   1 
HETATM 1288 O O   . HOH B 2 .   ? 4.656   47.357  -8.008  1.00 46.09  ? 300 HOH A O   1 
HETATM 1289 O O   . HOH B 2 .   ? -13.017 -30.648 13.572  1.00 55.01  ? 301 HOH A O   1 
HETATM 1290 O O   . HOH B 2 .   ? -8.735  -33.661 19.545  1.00 60.42  ? 302 HOH A O   1 
HETATM 1291 O O   . HOH B 2 .   ? 14.022  -13.670 1.628   1.00 52.97  ? 303 HOH A O   1 
HETATM 1292 O O   . HOH B 2 .   ? 12.847  -17.288 1.981   1.00 53.61  ? 304 HOH A O   1 
HETATM 1293 O O   . HOH B 2 .   ? -0.568  35.719  -1.895  1.00 50.83  ? 305 HOH A O   1 
HETATM 1294 O O   . HOH B 2 .   ? 11.547  10.578  -22.898 1.00 45.50  ? 306 HOH A O   1 
HETATM 1295 O O   . HOH B 2 .   ? -1.242  -35.287 20.731  1.00 54.14  ? 307 HOH A O   1 
HETATM 1296 O O   . HOH B 2 .   ? -6.291  5.710   -4.135  1.00 60.64  ? 308 HOH A O   1 
HETATM 1297 O O   . HOH B 2 .   ? -16.768 -37.158 13.839  1.00 56.61  ? 309 HOH A O   1 
HETATM 1298 O O   . HOH B 2 .   ? -16.394 -40.626 11.618  1.00 59.69  ? 310 HOH A O   1 
HETATM 1299 O O   . HOH B 2 .   ? -4.525  -41.206 7.718   1.00 51.35  ? 311 HOH A O   1 
HETATM 1300 O O   . HOH B 2 .   ? 9.503   10.290  -21.364 1.00 73.42  ? 312 HOH A O   1 
HETATM 1301 O O   . HOH B 2 .   ? 2.328   -21.217 24.884  1.00 60.31  ? 313 HOH A O   1 
HETATM 1302 O O   . HOH B 2 .   ? 11.508  -14.330 16.274  1.00 56.60  ? 314 HOH A O   1 
HETATM 1303 O O   . HOH B 2 .   ? -13.726 34.203  -14.445 1.00 59.99  ? 315 HOH A O   1 
HETATM 1304 O O   . HOH B 2 .   ? -7.760  21.918  -26.197 1.00 66.48  ? 316 HOH A O   1 
HETATM 1305 O O   . HOH B 2 .   ? -7.858  23.611  -23.866 1.00 67.32  ? 317 HOH A O   1 
# 
